data_8FE1
#
_entry.id   8FE1
#
_cell.length_a   1.00
_cell.length_b   1.00
_cell.length_c   1.00
_cell.angle_alpha   90.00
_cell.angle_beta   90.00
_cell.angle_gamma   90.00
#
_symmetry.space_group_name_H-M   'P 1'
#
loop_
_entity.id
_entity.type
_entity.pdbx_description
1 polymer 'Glycine receptor subunit alphaZ1'
2 polymer 'Glycine receptor beta subunit 2'
3 non-polymer GLYCINE
4 non-polymer 2-acetamido-2-deoxy-beta-D-glucopyranose
5 non-polymer "(2aE,4E,5'S,6S,6'R,7S,8E,11R,13R,15S,17aR,20R,20aR,20bS)-6'-[(2S)-butan-2-yl]-20,20b-dihydroxy-5',6,8,19-tetramethyl-17 -oxo-3',4',5',6,6',10,11,14,15,17,17a,20,20a,20b-tetradecahydro-2H,7H-spiro[11,15-methanofuro[4,3,2-pq][2,6]benzodioxacy clooctadecine-13,2'-pyran]-7-yl 2,6-dideoxy-4-O-(2,6-dideoxy-3-O-methyl-alpha-L-arabino-hexopyranosyl)-3-O-methyl-alpha-L-arabino-hexopyranoside"
6 non-polymer 1,2-DIMYRISTOYL-SN-GLYCERO-3-PHOSPHOCHOLINE
7 non-polymer 'PALMITIC ACID'
8 non-polymer DECANE
#
loop_
_entity_poly.entity_id
_entity_poly.type
_entity_poly.pdbx_seq_one_letter_code
_entity_poly.pdbx_strand_id
1 'polypeptide(L)'
;MFALGIYLWETIVFFSLAASQQAAARKAASPMPPSEFLDKLMGKVSGYDARIRPNFKGPPVNVTCNIFINSFGSIAETTM
DYRVNIFLRQQWNDPRLAYSEYPDDSLDLDPSMLDSIWKPDLFFANEKGANFHEVTTDNKLLRISKNGNVLYSIRITLVL
ACPMDLKNFPMDVQTCIMQLESFGYTMNDLIFEWDEKGAVQVADGLTLPQFILKEEKDLRYCTKHYNTGKFTCIEARFHL
ERQMGYYLIQMYIPSLLIVILSWVSFWINMDAAPARVGLGITTVLTMTTQSSGSRASLPKVSYVKAIDIWMAVCLLFVFS
ALLEYAAVNFIARQHKELLRFQRRRRHLKEDEAGDGRFSFAAYGMGPACLQAKDGMAIKGNNNNAPTSTNPPEKTVEEMR
KLFISRAKRIDTVSRVAFPLVFLIFNIFYWITYKIIRSEDIHKQLVPRGSHHHHHHHH
;
A,D,C,B
2 'polypeptide(L)'
;MKALKVIFMLLIICLWMEGGFTKEKSAKKWSHPQFEKGGGSGGGSGGGSWSHPQFEKGGGSGGGSGGGSWSHPQFEKGGG
SGGGSGGGSWSHPQFEKENLYFQGEKSAKKGKKKGKQVYCPSQLSSEDLARVPANSTSNILNKLLITYDPRIRPNFKGIP
VEDRVNIFINSFGSIQETTMDYRVNIFLRQRWNDPRLRLPQDFKSDSLTVDPKMFKCLWKPDLFFANEKSANFHDVTQEN
ILLFIFRNGDVLISMRLSVTLSCPLDLTLFPMDTQRCKMQLESFGYTTDDLQFMWQSGDPVQMDEIALPQFDIKQEDIEY
GNCTKYYAGTGYYTCVEVIFTLRRQVGFYMMGVYAPTLLIVVLSWLSFWINPDASAARVPLGILSVLSLSSECTSLASEL
PKVSYVKAIDIWLIACLLFGFASLVEYAVVQVMLNSPKLLEAERAKIATKEKAEGKTPAKNTINGMGSTPIHVSTLQVTE
TRCKKVCTSKSDLRTNDFSIVGSLPRDFELSNFDCYGKPIEVGSAFSKSQAKNNKKPPPPKPVIPSAAKRIDLYARALFP
FSFLFFNVIYWSVYLENLYFQGTETSQVAPA
;
E
#
loop_
_chem_comp.id
_chem_comp.type
_chem_comp.name
_chem_comp.formula
D10 non-polymer DECANE 'C10 H22'
IVM non-polymer '(2aE,4E,5'S,6S,6'R,7S,8E,11R,13R,15S,17aR,20R,20aR,20bS)-6'-[(2S)-butan-2-yl]-20,20b-dihydroxy-5',6,8,19-tetramethyl-17 -oxo-3',4',5',6,6',10,11,14,15,17,17a,20,20a,20b-tetradecahydro-2H,7H-spiro[11,15-methanofuro[4,3,2-pq][2,6]benzodioxacy clooctadecine-13,2'-pyran]-7-yl 2,6-dideoxy-4-O-(2,6-dideoxy-3-O-methyl-alpha-L-arabino-hexopyranosyl)-3-O-methyl-alpha-L-arabino-hexopyranoside' 'C48 H74 O14'
NAG D-saccharide, beta linking 2-acetamido-2-deoxy-beta-D-glucopyranose 'C8 H15 N O6'
PLM non-polymer 'PALMITIC ACID' 'C16 H32 O2'
PX4 non-polymer 1,2-DIMYRISTOYL-SN-GLYCERO-3-PHOSPHOCHOLINE 'C36 H73 N O8 P 1'
#
# COMPACT_ATOMS: atom_id res chain seq x y z
N PRO A 33 -34.45 -1.51 44.36
CA PRO A 33 -33.65 -2.45 43.58
C PRO A 33 -33.06 -1.81 42.33
N PRO A 34 -31.91 -2.31 41.87
CA PRO A 34 -31.23 -1.69 40.72
C PRO A 34 -32.00 -1.84 39.41
N SER A 35 -32.46 -3.06 39.12
CA SER A 35 -33.08 -3.34 37.83
C SER A 35 -34.34 -2.51 37.61
N GLU A 36 -35.21 -2.43 38.63
CA GLU A 36 -36.46 -1.70 38.47
C GLU A 36 -36.23 -0.22 38.19
N PHE A 37 -35.20 0.36 38.80
CA PHE A 37 -34.95 1.80 38.67
C PHE A 37 -34.65 2.18 37.22
N LEU A 38 -33.83 1.38 36.53
CA LEU A 38 -33.45 1.69 35.16
C LEU A 38 -34.68 1.76 34.25
N ASP A 39 -35.65 0.86 34.44
CA ASP A 39 -36.92 0.97 33.73
C ASP A 39 -37.65 2.24 34.11
N LYS A 40 -37.66 2.58 35.41
CA LYS A 40 -38.38 3.76 35.87
C LYS A 40 -37.78 5.04 35.26
N LEU A 41 -36.45 5.11 35.17
CA LEU A 41 -35.81 6.31 34.66
C LEU A 41 -36.09 6.50 33.17
N MET A 42 -35.89 5.46 32.37
CA MET A 42 -36.18 5.53 30.93
C MET A 42 -36.66 4.15 30.48
N GLY A 43 -37.97 4.03 30.32
CA GLY A 43 -38.58 2.77 29.96
C GLY A 43 -39.98 2.97 29.44
N LYS A 44 -40.68 1.85 29.24
CA LYS A 44 -42.03 1.89 28.70
C LYS A 44 -42.97 2.64 29.63
N VAL A 45 -42.86 2.39 30.94
CA VAL A 45 -43.66 3.12 31.92
C VAL A 45 -43.24 4.59 31.96
N SER A 46 -41.94 4.86 31.86
CA SER A 46 -41.43 6.22 32.01
C SER A 46 -41.94 7.14 30.91
N GLY A 47 -41.96 6.65 29.67
CA GLY A 47 -42.31 7.50 28.56
C GLY A 47 -41.23 8.48 28.16
N TYR A 48 -39.97 8.11 28.34
CA TYR A 48 -38.85 8.95 27.94
C TYR A 48 -38.70 8.85 26.42
N ASP A 49 -38.97 9.95 25.72
CA ASP A 49 -38.86 10.01 24.28
C ASP A 49 -37.46 10.46 23.89
N ALA A 50 -36.65 9.53 23.37
CA ALA A 50 -35.28 9.83 22.99
C ALA A 50 -35.20 10.69 21.74
N ARG A 51 -36.33 10.94 21.09
CA ARG A 51 -36.39 11.65 19.83
C ARG A 51 -36.65 13.15 20.01
N ILE A 52 -36.99 13.57 21.23
CA ILE A 52 -37.21 14.98 21.55
C ILE A 52 -36.03 15.48 22.35
N ARG A 53 -35.48 16.63 21.93
CA ARG A 53 -34.34 17.21 22.62
C ARG A 53 -34.77 17.75 23.98
N PRO A 54 -33.85 17.87 24.93
CA PRO A 54 -34.21 18.46 26.23
C PRO A 54 -34.65 19.90 26.04
N ASN A 55 -35.55 20.35 26.94
CA ASN A 55 -36.11 21.70 26.91
C ASN A 55 -36.70 22.01 25.52
N PHE A 56 -37.59 21.13 25.08
CA PHE A 56 -38.21 21.28 23.77
C PHE A 56 -39.07 22.55 23.71
N LYS A 57 -39.04 23.19 22.54
CA LYS A 57 -39.74 24.45 22.31
C LYS A 57 -39.29 25.52 23.32
N GLY A 58 -38.00 25.54 23.61
CA GLY A 58 -37.44 26.42 24.60
C GLY A 58 -35.99 26.75 24.32
N PRO A 59 -35.28 27.21 25.35
CA PRO A 59 -33.90 27.63 25.16
C PRO A 59 -33.05 26.48 24.66
N PRO A 60 -32.01 26.77 23.87
CA PRO A 60 -31.09 25.71 23.44
C PRO A 60 -30.39 25.04 24.61
N VAL A 61 -30.08 23.76 24.43
CA VAL A 61 -29.36 23.00 25.44
C VAL A 61 -27.88 23.34 25.39
N ASN A 62 -27.25 23.39 26.57
CA ASN A 62 -25.86 23.81 26.68
C ASN A 62 -24.99 22.56 26.67
N VAL A 63 -23.98 22.54 25.81
CA VAL A 63 -23.09 21.39 25.66
C VAL A 63 -21.67 21.82 26.00
N THR A 64 -21.07 21.18 27.00
CA THR A 64 -19.70 21.41 27.41
C THR A 64 -18.85 20.26 26.91
N CYS A 65 -17.71 20.57 26.29
CA CYS A 65 -16.91 19.58 25.60
C CYS A 65 -15.52 19.47 26.20
N ASN A 66 -15.03 18.23 26.30
CA ASN A 66 -13.68 17.95 26.76
C ASN A 66 -12.99 17.06 25.73
N ILE A 67 -11.66 17.17 25.66
CA ILE A 67 -10.87 16.33 24.76
C ILE A 67 -9.59 15.93 25.49
N PHE A 68 -9.37 14.62 25.61
CA PHE A 68 -8.12 14.07 26.13
C PHE A 68 -7.43 13.34 24.99
N ILE A 69 -6.18 13.73 24.71
CA ILE A 69 -5.46 13.20 23.56
C ILE A 69 -4.63 12.01 24.03
N ASN A 70 -5.06 10.81 23.65
CA ASN A 70 -4.39 9.58 24.07
C ASN A 70 -3.24 9.20 23.16
N SER A 71 -3.17 9.74 21.94
CA SER A 71 -2.14 9.38 20.99
C SER A 71 -2.13 10.38 19.85
N PHE A 72 -0.94 10.81 19.44
CA PHE A 72 -0.76 11.76 18.35
C PHE A 72 0.34 11.22 17.45
N GLY A 73 0.09 11.20 16.15
CA GLY A 73 1.07 10.64 15.23
C GLY A 73 0.52 10.54 13.83
N SER A 74 1.28 9.85 12.98
CA SER A 74 0.94 9.60 11.58
C SER A 74 0.72 10.90 10.81
N ILE A 75 1.59 11.88 11.07
CA ILE A 75 1.56 13.16 10.36
C ILE A 75 2.23 12.96 9.01
N ALA A 76 1.42 12.92 7.94
CA ALA A 76 1.91 12.66 6.60
C ALA A 76 1.79 13.92 5.77
N GLU A 77 2.92 14.41 5.24
CA GLU A 77 2.89 15.59 4.39
C GLU A 77 2.19 15.31 3.07
N THR A 78 2.43 14.12 2.49
CA THR A 78 1.91 13.78 1.17
C THR A 78 0.40 14.00 1.07
N THR A 79 -0.36 13.42 2.00
CA THR A 79 -1.80 13.54 2.03
C THR A 79 -2.28 14.71 2.89
N MET A 80 -1.36 15.41 3.56
CA MET A 80 -1.67 16.58 4.39
C MET A 80 -2.71 16.24 5.47
N ASP A 81 -2.41 15.20 6.24
CA ASP A 81 -3.33 14.73 7.26
C ASP A 81 -2.54 14.23 8.46
N TYR A 82 -3.24 14.06 9.58
CA TYR A 82 -2.67 13.49 10.79
C TYR A 82 -3.72 12.62 11.47
N ARG A 83 -3.25 11.71 12.31
CA ARG A 83 -4.12 10.78 13.02
C ARG A 83 -4.02 11.04 14.52
N VAL A 84 -5.17 11.00 15.19
CA VAL A 84 -5.24 11.21 16.63
C VAL A 84 -6.16 10.17 17.24
N ASN A 85 -5.84 9.78 18.48
CA ASN A 85 -6.71 8.97 19.31
C ASN A 85 -7.08 9.80 20.53
N ILE A 86 -8.39 10.07 20.69
CA ILE A 86 -8.86 10.99 21.70
C ILE A 86 -10.03 10.37 22.45
N PHE A 87 -10.30 10.92 23.64
CA PHE A 87 -11.51 10.65 24.40
C PHE A 87 -12.38 11.89 24.35
N LEU A 88 -13.56 11.77 23.74
CA LEU A 88 -14.46 12.90 23.57
C LEU A 88 -15.52 12.84 24.67
N ARG A 89 -15.59 13.90 25.48
CA ARG A 89 -16.56 13.99 26.56
C ARG A 89 -17.50 15.17 26.33
N GLN A 90 -18.79 14.93 26.50
CA GLN A 90 -19.83 15.92 26.31
C GLN A 90 -20.66 16.00 27.58
N GLN A 91 -21.06 17.21 27.97
CA GLN A 91 -21.93 17.40 29.12
C GLN A 91 -23.10 18.28 28.74
N TRP A 92 -24.31 17.80 29.03
CA TRP A 92 -25.53 18.55 28.78
C TRP A 92 -26.53 18.21 29.88
N ASN A 93 -27.19 19.24 30.42
CA ASN A 93 -28.18 19.01 31.46
C ASN A 93 -29.49 18.53 30.85
N ASP A 94 -29.96 17.37 31.29
CA ASP A 94 -31.25 16.84 30.87
C ASP A 94 -32.21 16.88 32.06
N PRO A 95 -33.21 17.75 32.06
CA PRO A 95 -34.10 17.86 33.24
C PRO A 95 -34.89 16.59 33.52
N ARG A 96 -35.24 15.83 32.48
CA ARG A 96 -36.06 14.63 32.67
C ARG A 96 -35.32 13.56 33.45
N LEU A 97 -34.01 13.43 33.23
CA LEU A 97 -33.20 12.39 33.87
C LEU A 97 -32.70 12.88 35.22
N ALA A 98 -33.65 13.11 36.14
CA ALA A 98 -33.35 13.56 37.49
C ALA A 98 -33.88 12.53 38.48
N TYR A 99 -33.02 12.07 39.39
CA TYR A 99 -33.36 11.03 40.35
C TYR A 99 -33.11 11.56 41.76
N SER A 100 -34.07 11.33 42.66
CA SER A 100 -33.93 11.68 44.06
C SER A 100 -33.96 10.49 45.01
N GLU A 101 -34.46 9.33 44.57
CA GLU A 101 -34.69 8.21 45.48
C GLU A 101 -33.40 7.49 45.88
N TYR A 102 -32.48 7.25 44.94
CA TYR A 102 -31.16 6.77 45.36
C TYR A 102 -30.36 7.90 45.98
N PRO A 103 -29.83 7.71 47.20
CA PRO A 103 -29.04 8.78 47.84
C PRO A 103 -27.76 9.14 47.09
N ASP A 104 -27.11 8.17 46.45
CA ASP A 104 -25.82 8.43 45.82
C ASP A 104 -25.97 9.28 44.57
N ASP A 105 -25.03 10.21 44.38
CA ASP A 105 -24.99 11.06 43.21
C ASP A 105 -24.03 10.49 42.17
N SER A 106 -24.28 10.82 40.92
CA SER A 106 -23.42 10.47 39.77
C SER A 106 -23.18 8.96 39.69
N LEU A 107 -24.23 8.18 39.90
CA LEU A 107 -24.13 6.73 39.73
C LEU A 107 -23.80 6.39 38.28
N ASP A 108 -22.83 5.51 38.08
CA ASP A 108 -22.37 5.17 36.74
C ASP A 108 -23.29 4.14 36.11
N LEU A 109 -23.70 4.38 34.88
CA LEU A 109 -24.60 3.50 34.17
C LEU A 109 -23.83 2.51 33.30
N ASP A 110 -24.57 1.54 32.75
CA ASP A 110 -23.98 0.58 31.82
C ASP A 110 -23.80 1.22 30.44
N PRO A 111 -22.67 0.95 29.78
CA PRO A 111 -22.46 1.50 28.42
C PRO A 111 -23.54 1.14 27.42
N SER A 112 -24.09 -0.07 27.49
CA SER A 112 -25.12 -0.50 26.54
C SER A 112 -26.39 0.34 26.62
N MET A 113 -26.64 1.01 27.74
CA MET A 113 -27.86 1.78 27.95
C MET A 113 -27.88 3.07 27.11
N LEU A 114 -26.77 3.42 26.47
CA LEU A 114 -26.65 4.69 25.77
C LEU A 114 -27.61 4.82 24.59
N ASP A 115 -28.15 3.70 24.09
CA ASP A 115 -29.11 3.79 23.00
C ASP A 115 -30.38 4.53 23.42
N SER A 116 -30.72 4.48 24.72
CA SER A 116 -31.99 5.03 25.19
C SER A 116 -31.96 6.54 25.34
N ILE A 117 -30.81 7.12 25.71
CA ILE A 117 -30.77 8.56 26.02
C ILE A 117 -30.56 9.34 24.73
N TRP A 118 -30.99 10.60 24.76
CA TRP A 118 -30.74 11.52 23.65
C TRP A 118 -29.30 12.01 23.71
N LYS A 119 -28.56 11.82 22.61
CA LYS A 119 -27.16 12.21 22.52
C LYS A 119 -26.97 13.19 21.37
N PRO A 120 -26.20 14.26 21.56
CA PRO A 120 -25.96 15.20 20.46
C PRO A 120 -25.15 14.58 19.34
N ASP A 121 -25.38 15.09 18.13
CA ASP A 121 -24.76 14.57 16.91
C ASP A 121 -23.50 15.37 16.60
N LEU A 122 -22.43 15.08 17.33
CA LEU A 122 -21.16 15.72 17.04
C LEU A 122 -20.54 15.11 15.79
N PHE A 123 -19.84 15.94 15.01
CA PHE A 123 -19.01 15.41 13.94
C PHE A 123 -17.89 16.39 13.65
N PHE A 124 -16.81 15.87 13.07
CA PHE A 124 -15.60 16.63 12.77
C PHE A 124 -15.64 17.04 11.30
N ALA A 125 -15.92 18.33 11.03
CA ALA A 125 -16.15 18.78 9.66
C ALA A 125 -14.93 18.53 8.77
N ASN A 126 -13.72 18.70 9.31
CA ASN A 126 -12.49 18.57 8.54
C ASN A 126 -11.90 17.18 8.59
N GLU A 127 -12.65 16.21 9.08
CA GLU A 127 -12.19 14.84 9.25
C GLU A 127 -12.20 14.11 7.90
N LYS A 128 -11.44 13.00 7.79
CA LYS A 128 -11.48 12.12 6.61
C LYS A 128 -11.96 10.68 6.83
N GLY A 129 -11.47 9.93 7.84
CA GLY A 129 -12.01 8.61 8.10
C GLY A 129 -11.96 8.30 9.59
N ALA A 130 -13.15 8.11 10.15
CA ALA A 130 -13.38 7.80 11.57
C ALA A 130 -13.86 6.38 11.80
N ASN A 131 -13.52 5.86 12.97
CA ASN A 131 -13.78 4.49 13.35
C ASN A 131 -13.90 4.43 14.87
N PHE A 132 -14.87 3.65 15.33
CA PHE A 132 -14.91 3.19 16.72
C PHE A 132 -14.01 1.98 16.89
N HIS A 133 -13.71 1.65 18.16
CA HIS A 133 -12.73 0.63 18.48
C HIS A 133 -13.35 -0.73 18.74
N GLU A 134 -14.25 -0.83 19.73
CA GLU A 134 -14.93 -2.07 20.13
C GLU A 134 -13.95 -3.25 20.25
N VAL A 135 -12.82 -3.01 20.91
CA VAL A 135 -11.78 -4.03 21.00
C VAL A 135 -12.27 -5.25 21.81
N THR A 136 -12.90 -5.02 22.96
CA THR A 136 -13.55 -6.12 23.67
C THR A 136 -15.00 -5.76 24.00
N THR A 137 -15.26 -4.48 24.19
CA THR A 137 -16.61 -3.97 24.41
C THR A 137 -16.62 -2.53 23.89
N ASP A 138 -17.81 -1.93 23.83
CA ASP A 138 -17.91 -0.54 23.41
C ASP A 138 -17.15 0.35 24.38
N ASN A 139 -16.25 1.17 23.84
CA ASN A 139 -15.44 2.10 24.64
C ASN A 139 -16.26 3.37 24.89
N LYS A 140 -17.21 3.25 25.82
CA LYS A 140 -18.13 4.34 26.10
C LYS A 140 -18.38 4.43 27.60
N LEU A 141 -18.67 5.65 28.05
CA LEU A 141 -18.94 5.95 29.45
C LEU A 141 -20.24 6.75 29.57
N LEU A 142 -21.00 6.48 30.63
CA LEU A 142 -22.22 7.23 30.89
C LEU A 142 -22.38 7.47 32.38
N ARG A 143 -22.60 8.73 32.75
CA ARG A 143 -22.84 9.14 34.13
C ARG A 143 -24.02 10.10 34.17
N ILE A 144 -24.89 9.93 35.16
CA ILE A 144 -26.05 10.80 35.36
C ILE A 144 -26.05 11.28 36.80
N SER A 145 -26.11 12.60 36.98
CA SER A 145 -26.16 13.20 38.30
C SER A 145 -27.60 13.45 38.74
N LYS A 146 -27.77 13.79 40.02
CA LYS A 146 -29.10 13.99 40.58
C LYS A 146 -29.83 15.14 39.90
N ASN A 147 -29.12 16.26 39.67
CA ASN A 147 -29.75 17.42 39.04
C ASN A 147 -30.13 17.15 37.60
N GLY A 148 -29.46 16.21 36.94
CA GLY A 148 -29.75 15.88 35.55
C GLY A 148 -28.57 15.98 34.61
N ASN A 149 -27.38 16.38 35.07
CA ASN A 149 -26.24 16.48 34.17
C ASN A 149 -25.85 15.10 33.65
N VAL A 150 -25.49 15.04 32.37
CA VAL A 150 -25.11 13.81 31.71
C VAL A 150 -23.65 13.93 31.28
N LEU A 151 -22.89 12.84 31.40
CA LEU A 151 -21.52 12.78 30.91
C LEU A 151 -21.40 11.58 30.00
N TYR A 152 -20.90 11.81 28.80
CA TYR A 152 -20.90 10.80 27.73
C TYR A 152 -19.53 10.83 27.07
N SER A 153 -18.67 9.89 27.44
CA SER A 153 -17.30 9.82 26.94
C SER A 153 -17.14 8.63 26.00
N ILE A 154 -16.51 8.87 24.84
CA ILE A 154 -16.30 7.84 23.83
C ILE A 154 -14.86 7.93 23.32
N ARG A 155 -14.33 6.78 22.92
CA ARG A 155 -12.98 6.67 22.37
C ARG A 155 -13.08 6.66 20.84
N ILE A 156 -12.38 7.59 20.20
CA ILE A 156 -12.45 7.77 18.75
C ILE A 156 -11.04 7.82 18.20
N THR A 157 -10.88 7.30 16.98
CA THR A 157 -9.67 7.48 16.19
C THR A 157 -10.03 8.27 14.94
N LEU A 158 -9.28 9.33 14.67
CA LEU A 158 -9.65 10.30 13.65
C LEU A 158 -8.49 10.55 12.69
N VAL A 159 -8.80 10.58 11.40
CA VAL A 159 -7.88 11.06 10.38
C VAL A 159 -8.42 12.40 9.90
N LEU A 160 -7.75 13.47 10.29
CA LEU A 160 -8.21 14.83 10.04
C LEU A 160 -7.38 15.48 8.94
N ALA A 161 -8.02 16.41 8.23
CA ALA A 161 -7.36 17.11 7.13
C ALA A 161 -6.69 18.37 7.67
N CYS A 162 -5.41 18.53 7.37
CA CYS A 162 -4.64 19.69 7.80
C CYS A 162 -4.00 20.37 6.60
N PRO A 163 -4.47 21.53 6.16
CA PRO A 163 -3.77 22.27 5.11
C PRO A 163 -2.44 22.77 5.63
N MET A 164 -1.41 22.62 4.81
CA MET A 164 -0.04 22.91 5.22
C MET A 164 0.58 23.97 4.32
N ASP A 165 1.37 24.85 4.91
CA ASP A 165 2.14 25.87 4.18
C ASP A 165 3.58 25.38 4.19
N LEU A 166 4.02 24.83 3.05
CA LEU A 166 5.32 24.20 2.96
C LEU A 166 6.43 25.17 2.59
N LYS A 167 6.16 26.47 2.57
CA LYS A 167 7.22 27.45 2.56
C LYS A 167 7.97 27.38 3.89
N ASN A 168 9.28 27.68 3.85
CA ASN A 168 10.16 27.51 5.01
C ASN A 168 10.18 26.05 5.46
N PHE A 169 10.18 25.13 4.51
CA PHE A 169 9.86 23.72 4.77
C PHE A 169 10.71 23.06 5.86
N PRO A 170 12.06 23.14 5.87
CA PRO A 170 12.79 22.51 6.98
C PRO A 170 12.62 23.22 8.32
N MET A 171 12.30 24.52 8.32
CA MET A 171 12.16 25.32 9.55
C MET A 171 10.78 25.95 9.53
N ASP A 172 9.75 25.17 9.86
CA ASP A 172 8.38 25.63 9.75
C ASP A 172 7.58 25.23 10.98
N VAL A 173 6.51 25.97 11.21
CA VAL A 173 5.53 25.67 12.25
C VAL A 173 4.18 25.47 11.58
N GLN A 174 3.50 24.38 11.93
CA GLN A 174 2.24 24.02 11.30
C GLN A 174 1.13 24.03 12.34
N THR A 175 0.03 24.70 12.02
CA THR A 175 -1.15 24.75 12.86
C THR A 175 -2.15 23.71 12.40
N CYS A 176 -2.43 22.73 13.26
CA CYS A 176 -3.44 21.72 12.98
C CYS A 176 -4.79 22.21 13.48
N ILE A 177 -5.86 21.77 12.82
CA ILE A 177 -7.20 22.25 13.09
C ILE A 177 -8.11 21.08 13.42
N MET A 178 -8.89 21.23 14.49
CA MET A 178 -9.91 20.26 14.88
C MET A 178 -11.21 21.00 15.08
N GLN A 179 -12.22 20.68 14.27
CA GLN A 179 -13.49 21.40 14.25
C GLN A 179 -14.63 20.49 14.68
N LEU A 180 -15.42 20.95 15.65
CA LEU A 180 -16.57 20.20 16.17
C LEU A 180 -17.83 20.96 15.80
N GLU A 181 -18.64 20.40 14.90
CA GLU A 181 -19.83 21.09 14.41
C GLU A 181 -21.04 20.17 14.57
N SER A 182 -22.22 20.78 14.56
CA SER A 182 -23.49 20.07 14.66
C SER A 182 -24.17 20.05 13.30
N PHE A 183 -24.43 18.84 12.78
CA PHE A 183 -24.94 18.71 11.42
C PHE A 183 -26.45 18.93 11.33
N GLY A 184 -27.20 18.55 12.36
CA GLY A 184 -28.66 18.59 12.23
C GLY A 184 -29.39 19.68 12.98
N TYR A 185 -28.82 20.19 14.07
CA TYR A 185 -29.49 21.16 14.92
C TYR A 185 -28.90 22.55 14.75
N THR A 186 -29.78 23.53 14.56
CA THR A 186 -29.37 24.92 14.35
C THR A 186 -29.07 25.60 15.68
N MET A 187 -28.83 26.91 15.64
CA MET A 187 -28.46 27.68 16.82
C MET A 187 -29.61 27.82 17.82
N ASN A 188 -30.85 27.58 17.39
CA ASN A 188 -31.96 27.64 18.32
C ASN A 188 -32.04 26.41 19.22
N ASP A 189 -31.52 25.27 18.76
CA ASP A 189 -31.62 24.03 19.51
C ASP A 189 -30.32 23.61 20.18
N LEU A 190 -29.19 23.68 19.48
CA LEU A 190 -27.93 23.12 19.98
C LEU A 190 -26.81 24.14 19.86
N ILE A 191 -26.25 24.53 21.01
CA ILE A 191 -25.09 25.42 21.09
C ILE A 191 -23.94 24.68 21.76
N PHE A 192 -22.73 24.90 21.28
CA PHE A 192 -21.54 24.24 21.80
C PHE A 192 -20.67 25.25 22.54
N GLU A 193 -20.11 24.82 23.67
CA GLU A 193 -19.18 25.63 24.44
C GLU A 193 -17.96 24.78 24.82
N TRP A 194 -16.82 25.45 24.99
CA TRP A 194 -15.63 24.80 25.50
C TRP A 194 -15.63 24.82 27.02
N ASP A 195 -15.08 23.76 27.61
CA ASP A 195 -14.97 23.69 29.06
C ASP A 195 -14.02 24.78 29.58
N GLU A 196 -14.40 25.40 30.70
CA GLU A 196 -13.61 26.50 31.23
C GLU A 196 -12.23 26.05 31.67
N LYS A 197 -12.14 24.92 32.36
CA LYS A 197 -10.89 24.39 32.88
C LYS A 197 -10.52 23.10 32.16
N GLY A 198 -9.28 23.01 31.70
CA GLY A 198 -8.78 21.81 31.06
C GLY A 198 -9.58 21.36 29.84
N ALA A 199 -9.71 22.25 28.85
CA ALA A 199 -10.45 21.90 27.65
C ALA A 199 -9.77 20.77 26.89
N VAL A 200 -8.52 20.99 26.45
CA VAL A 200 -7.73 19.97 25.78
C VAL A 200 -6.65 19.48 26.73
N GLN A 201 -6.63 18.18 26.97
CA GLN A 201 -5.66 17.54 27.87
C GLN A 201 -4.82 16.55 27.08
N VAL A 202 -3.51 16.58 27.32
CA VAL A 202 -2.55 15.75 26.59
C VAL A 202 -2.02 14.68 27.54
N ALA A 203 -1.96 13.44 27.07
CA ALA A 203 -1.49 12.33 27.89
C ALA A 203 -0.02 12.52 28.26
N ASP A 204 0.33 12.08 29.47
CA ASP A 204 1.70 12.20 29.95
C ASP A 204 2.65 11.37 29.10
N GLY A 205 3.84 11.92 28.88
CA GLY A 205 4.86 11.24 28.09
C GLY A 205 4.46 10.97 26.65
N LEU A 206 3.82 11.94 26.00
CA LEU A 206 3.49 11.86 24.59
C LEU A 206 4.55 12.61 23.80
N THR A 207 5.30 11.89 22.96
CA THR A 207 6.42 12.47 22.23
C THR A 207 6.25 12.17 20.74
N LEU A 208 5.94 13.21 19.97
CA LEU A 208 5.86 13.06 18.52
C LEU A 208 7.26 12.83 17.96
N PRO A 209 7.46 11.85 17.08
CA PRO A 209 8.83 11.57 16.60
C PRO A 209 9.42 12.71 15.78
N GLN A 210 8.62 13.35 14.92
CA GLN A 210 9.14 14.36 14.01
C GLN A 210 8.77 15.78 14.38
N PHE A 211 7.93 15.98 15.41
CA PHE A 211 7.42 17.31 15.74
C PHE A 211 7.47 17.52 17.24
N ILE A 212 7.45 18.79 17.63
CA ILE A 212 7.39 19.19 19.04
C ILE A 212 6.05 19.89 19.25
N LEU A 213 5.16 19.27 20.01
CA LEU A 213 3.83 19.82 20.25
C LEU A 213 3.88 20.85 21.37
N LYS A 214 3.56 22.10 21.04
CA LYS A 214 3.60 23.16 22.02
C LYS A 214 2.47 23.03 23.02
N GLU A 215 2.64 23.64 24.18
CA GLU A 215 1.70 23.51 25.29
C GLU A 215 0.62 24.60 25.27
N GLU A 216 0.66 25.52 24.31
CA GLU A 216 -0.36 26.55 24.17
C GLU A 216 -1.29 26.21 23.02
N LYS A 217 -2.58 26.06 23.31
CA LYS A 217 -3.58 25.70 22.31
C LYS A 217 -4.65 26.78 22.25
N ASP A 218 -4.98 27.22 21.04
CA ASP A 218 -5.93 28.32 20.84
C ASP A 218 -7.33 27.76 20.62
N LEU A 219 -8.29 28.25 21.40
CA LEU A 219 -9.69 27.88 21.28
C LEU A 219 -10.49 29.08 20.81
N ARG A 220 -11.18 28.94 19.67
CA ARG A 220 -11.96 30.04 19.10
C ARG A 220 -13.36 29.56 18.75
N TYR A 221 -14.24 30.54 18.53
CA TYR A 221 -15.59 30.30 18.04
C TYR A 221 -15.61 30.64 16.55
N CYS A 222 -15.99 29.67 15.72
CA CYS A 222 -16.11 29.87 14.27
C CYS A 222 -17.46 29.32 13.80
N THR A 223 -18.50 30.14 13.94
CA THR A 223 -19.83 29.71 13.55
C THR A 223 -19.94 29.60 12.04
N LYS A 224 -20.61 28.55 11.57
CA LYS A 224 -20.73 28.26 10.14
C LYS A 224 -22.12 28.64 9.65
N HIS A 225 -22.18 29.25 8.46
CA HIS A 225 -23.43 29.62 7.82
C HIS A 225 -23.58 28.88 6.51
N TYR A 226 -24.72 28.21 6.33
CA TYR A 226 -25.04 27.54 5.09
C TYR A 226 -26.43 28.01 4.62
N ASN A 227 -26.91 27.41 3.54
CA ASN A 227 -28.23 27.77 3.03
C ASN A 227 -29.34 27.16 3.87
N THR A 228 -29.02 26.17 4.72
CA THR A 228 -29.99 25.62 5.67
C THR A 228 -30.11 26.50 6.90
N GLY A 229 -29.01 27.09 7.35
CA GLY A 229 -29.05 28.00 8.47
C GLY A 229 -27.69 28.05 9.16
N LYS A 230 -27.72 28.51 10.40
CA LYS A 230 -26.53 28.62 11.23
C LYS A 230 -26.37 27.37 12.09
N PHE A 231 -25.13 26.88 12.19
CA PHE A 231 -24.81 25.70 12.96
C PHE A 231 -23.60 25.98 13.83
N THR A 232 -23.67 25.52 15.08
CA THR A 232 -22.60 25.76 16.04
C THR A 232 -21.33 25.01 15.67
N CYS A 233 -20.18 25.66 15.87
CA CYS A 233 -18.89 25.02 15.64
C CYS A 233 -17.87 25.61 16.60
N ILE A 234 -17.02 24.74 17.14
CA ILE A 234 -15.91 25.11 18.01
C ILE A 234 -14.63 24.51 17.45
N GLU A 235 -13.53 25.25 17.60
CA GLU A 235 -12.26 24.87 16.99
C GLU A 235 -11.14 24.93 18.02
N ALA A 236 -10.24 23.95 17.94
CA ALA A 236 -9.04 23.89 18.77
C ALA A 236 -7.82 23.73 17.88
N ARG A 237 -6.85 24.62 18.02
CA ARG A 237 -5.66 24.61 17.18
C ARG A 237 -4.46 24.14 17.97
N PHE A 238 -3.66 23.27 17.35
CA PHE A 238 -2.42 22.77 17.91
C PHE A 238 -1.24 23.36 17.15
N HIS A 239 -0.28 23.91 17.88
CA HIS A 239 0.90 24.52 17.28
C HIS A 239 2.04 23.51 17.33
N LEU A 240 2.53 23.12 16.15
CA LEU A 240 3.55 22.10 16.02
C LEU A 240 4.82 22.70 15.43
N GLU A 241 5.98 22.26 15.91
CA GLU A 241 7.27 22.73 15.44
C GLU A 241 8.08 21.53 14.97
N ARG A 242 8.69 21.66 13.79
CA ARG A 242 9.40 20.55 13.17
C ARG A 242 10.83 20.47 13.73
N GLN A 243 11.24 19.27 14.10
CA GLN A 243 12.59 19.05 14.60
C GLN A 243 13.60 19.07 13.45
N MET A 244 14.71 19.75 13.67
CA MET A 244 15.70 20.01 12.64
C MET A 244 16.83 18.97 12.63
N GLY A 245 16.83 18.02 13.56
CA GLY A 245 17.92 17.07 13.63
C GLY A 245 18.03 16.17 12.41
N TYR A 246 16.89 15.64 11.95
CA TYR A 246 16.92 14.67 10.84
C TYR A 246 17.41 15.31 9.54
N TYR A 247 16.94 16.52 9.24
CA TYR A 247 17.26 17.14 7.95
C TYR A 247 18.72 17.57 7.88
N LEU A 248 19.30 18.03 8.99
CA LEU A 248 20.72 18.39 9.00
C LEU A 248 21.59 17.18 8.66
N ILE A 249 21.39 16.08 9.39
CA ILE A 249 22.24 14.90 9.21
C ILE A 249 22.03 14.28 7.82
N GLN A 250 20.81 14.29 7.31
CA GLN A 250 20.48 13.54 6.11
C GLN A 250 20.37 14.36 4.83
N MET A 251 20.22 15.68 4.92
CA MET A 251 20.14 16.50 3.71
C MET A 251 21.22 17.55 3.60
N TYR A 252 21.42 18.37 4.64
CA TYR A 252 22.37 19.47 4.54
C TYR A 252 23.80 18.97 4.53
N ILE A 253 24.14 18.03 5.42
CA ILE A 253 25.51 17.50 5.46
C ILE A 253 25.87 16.75 4.17
N PRO A 254 25.04 15.83 3.65
CA PRO A 254 25.40 15.21 2.36
C PRO A 254 25.57 16.21 1.23
N SER A 255 24.77 17.28 1.20
CA SER A 255 24.90 18.28 0.17
C SER A 255 26.21 19.05 0.29
N LEU A 256 26.62 19.38 1.53
CA LEU A 256 27.84 20.15 1.74
C LEU A 256 29.09 19.31 1.51
N LEU A 257 28.96 18.00 1.38
CA LEU A 257 30.11 17.16 1.06
C LEU A 257 30.42 17.19 -0.43
N ILE A 258 29.38 17.21 -1.28
CA ILE A 258 29.58 17.25 -2.72
C ILE A 258 30.23 18.57 -3.12
N VAL A 259 29.86 19.67 -2.47
CA VAL A 259 30.48 20.96 -2.76
C VAL A 259 31.97 20.93 -2.44
N ILE A 260 32.34 20.34 -1.30
CA ILE A 260 33.75 20.27 -0.93
C ILE A 260 34.51 19.37 -1.91
N LEU A 261 33.90 18.24 -2.29
CA LEU A 261 34.52 17.35 -3.28
C LEU A 261 34.84 18.08 -4.57
N SER A 262 33.94 18.99 -4.99
CA SER A 262 34.20 19.80 -6.18
C SER A 262 35.46 20.61 -6.03
N TRP A 263 35.72 21.14 -4.83
CA TRP A 263 36.87 22.00 -4.60
C TRP A 263 38.20 21.25 -4.74
N VAL A 264 38.18 19.91 -4.63
CA VAL A 264 39.39 19.11 -4.83
C VAL A 264 39.94 19.32 -6.24
N SER A 265 39.06 19.61 -7.20
CA SER A 265 39.48 19.83 -8.58
C SER A 265 40.46 20.99 -8.71
N PHE A 266 40.38 21.97 -7.80
CA PHE A 266 41.26 23.13 -7.88
C PHE A 266 42.72 22.79 -7.57
N TRP A 267 42.99 21.58 -7.10
CA TRP A 267 44.34 21.13 -6.84
C TRP A 267 44.85 20.10 -7.84
N ILE A 268 43.94 19.45 -8.58
CA ILE A 268 44.34 18.51 -9.61
C ILE A 268 45.04 19.26 -10.74
N ASN A 269 45.92 18.55 -11.46
CA ASN A 269 46.75 19.17 -12.48
C ASN A 269 45.89 19.80 -13.58
N MET A 270 46.34 20.95 -14.07
CA MET A 270 45.63 21.65 -15.14
C MET A 270 45.57 20.78 -16.40
N ASP A 271 46.67 20.10 -16.72
CA ASP A 271 46.73 19.29 -17.93
C ASP A 271 45.89 18.03 -17.83
N ALA A 272 45.37 17.69 -16.64
CA ALA A 272 44.64 16.44 -16.42
C ALA A 272 43.16 16.67 -16.76
N ALA A 273 42.91 16.81 -18.06
CA ALA A 273 41.55 17.00 -18.54
C ALA A 273 40.62 15.83 -18.23
N PRO A 274 40.99 14.56 -18.47
CA PRO A 274 40.08 13.47 -18.09
C PRO A 274 39.72 13.45 -16.61
N ALA A 275 40.66 13.79 -15.74
CA ALA A 275 40.40 13.71 -14.30
C ALA A 275 39.46 14.80 -13.83
N ARG A 276 39.81 16.07 -14.10
CA ARG A 276 39.03 17.19 -13.58
C ARG A 276 37.64 17.24 -14.20
N VAL A 277 37.53 16.97 -15.50
CA VAL A 277 36.23 16.97 -16.15
C VAL A 277 35.38 15.81 -15.62
N GLY A 278 35.98 14.64 -15.47
CA GLY A 278 35.26 13.51 -14.86
C GLY A 278 34.80 13.83 -13.46
N LEU A 279 35.69 14.39 -12.64
CA LEU A 279 35.32 14.78 -11.28
C LEU A 279 34.22 15.84 -11.29
N GLY A 280 34.34 16.84 -12.16
CA GLY A 280 33.33 17.88 -12.26
C GLY A 280 31.94 17.34 -12.57
N ILE A 281 31.82 16.55 -13.64
CA ILE A 281 30.51 16.08 -14.08
C ILE A 281 29.87 15.17 -13.03
N THR A 282 30.66 14.32 -12.37
CA THR A 282 30.10 13.40 -11.39
C THR A 282 29.44 14.16 -10.24
N THR A 283 30.09 15.23 -9.76
CA THR A 283 29.52 16.00 -8.65
C THR A 283 28.22 16.67 -9.05
N VAL A 284 28.16 17.25 -10.26
CA VAL A 284 26.96 17.93 -10.71
C VAL A 284 25.80 16.95 -10.86
N LEU A 285 26.07 15.79 -11.45
CA LEU A 285 25.01 14.79 -11.62
C LEU A 285 24.55 14.25 -10.28
N THR A 286 25.48 14.01 -9.34
CA THR A 286 25.10 13.50 -8.03
C THR A 286 24.26 14.51 -7.26
N MET A 287 24.60 15.80 -7.37
CA MET A 287 23.79 16.83 -6.72
C MET A 287 22.39 16.87 -7.30
N THR A 288 22.25 16.63 -8.61
CA THR A 288 20.93 16.64 -9.23
C THR A 288 20.04 15.55 -8.66
N THR A 289 20.60 14.35 -8.45
CA THR A 289 19.81 13.27 -7.85
C THR A 289 19.41 13.61 -6.42
N GLN A 290 20.32 14.22 -5.66
CA GLN A 290 20.00 14.58 -4.27
C GLN A 290 18.87 15.60 -4.21
N SER A 291 18.89 16.60 -5.10
CA SER A 291 17.84 17.61 -5.11
C SER A 291 16.48 16.99 -5.41
N SER A 292 16.44 16.07 -6.39
CA SER A 292 15.19 15.38 -6.70
C SER A 292 14.74 14.51 -5.54
N GLY A 293 15.69 13.83 -4.88
CA GLY A 293 15.34 12.99 -3.75
C GLY A 293 14.76 13.77 -2.59
N SER A 294 15.25 15.00 -2.38
CA SER A 294 14.78 15.82 -1.27
C SER A 294 13.29 16.12 -1.40
N ARG A 295 12.82 16.34 -2.62
CA ARG A 295 11.44 16.70 -2.87
C ARG A 295 10.53 15.50 -3.08
N ALA A 296 11.07 14.28 -2.93
CA ALA A 296 10.28 13.08 -3.20
C ALA A 296 9.14 12.91 -2.20
N SER A 297 9.36 13.31 -0.94
CA SER A 297 8.36 13.06 0.09
C SER A 297 7.22 14.07 0.05
N LEU A 298 7.54 15.36 0.20
CA LEU A 298 6.52 16.37 0.33
C LEU A 298 5.82 16.61 -1.02
N PRO A 299 4.58 17.12 -0.99
CA PRO A 299 3.76 17.16 -2.20
C PRO A 299 4.33 18.06 -3.29
N LYS A 300 3.64 18.02 -4.43
CA LYS A 300 4.01 18.76 -5.64
C LYS A 300 3.39 20.16 -5.57
N VAL A 301 4.05 21.04 -4.84
CA VAL A 301 3.54 22.40 -4.65
C VAL A 301 4.17 23.32 -5.68
N SER A 302 3.48 24.44 -5.96
CA SER A 302 3.86 25.36 -7.02
C SER A 302 4.55 26.63 -6.49
N TYR A 303 5.03 26.61 -5.25
CA TYR A 303 5.79 27.72 -4.70
C TYR A 303 7.20 27.27 -4.37
N VAL A 304 8.08 28.25 -4.16
CA VAL A 304 9.48 27.99 -3.85
C VAL A 304 9.62 27.76 -2.35
N LYS A 305 10.29 26.68 -1.97
CA LYS A 305 10.50 26.30 -0.59
C LYS A 305 11.93 26.57 -0.18
N ALA A 306 12.16 26.52 1.14
CA ALA A 306 13.48 26.81 1.68
C ALA A 306 14.52 25.81 1.20
N ILE A 307 14.15 24.53 1.12
CA ILE A 307 15.09 23.51 0.67
C ILE A 307 15.49 23.73 -0.79
N ASP A 308 14.59 24.32 -1.59
CA ASP A 308 14.90 24.57 -3.00
C ASP A 308 16.02 25.60 -3.14
N ILE A 309 16.02 26.63 -2.29
CA ILE A 309 17.08 27.64 -2.33
C ILE A 309 18.44 27.01 -2.04
N TRP A 310 18.50 26.12 -1.05
CA TRP A 310 19.76 25.49 -0.69
C TRP A 310 20.29 24.61 -1.81
N MET A 311 19.41 23.78 -2.38
CA MET A 311 19.82 22.88 -3.46
C MET A 311 20.21 23.65 -4.71
N ALA A 312 19.51 24.74 -5.02
CA ALA A 312 19.83 25.55 -6.19
C ALA A 312 21.22 26.17 -6.06
N VAL A 313 21.54 26.74 -4.90
CA VAL A 313 22.84 27.37 -4.70
C VAL A 313 23.94 26.31 -4.72
N CYS A 314 23.66 25.14 -4.13
CA CYS A 314 24.62 24.04 -4.18
C CYS A 314 24.85 23.60 -5.62
N LEU A 315 23.79 23.54 -6.43
CA LEU A 315 23.94 23.21 -7.84
C LEU A 315 24.73 24.29 -8.57
N LEU A 316 24.51 25.55 -8.20
CA LEU A 316 25.24 26.64 -8.83
C LEU A 316 26.74 26.55 -8.54
N PHE A 317 27.10 26.20 -7.31
CA PHE A 317 28.52 26.11 -6.95
C PHE A 317 29.22 24.97 -7.67
N VAL A 318 28.59 23.78 -7.73
CA VAL A 318 29.20 22.65 -8.43
C VAL A 318 29.27 22.93 -9.92
N PHE A 319 28.22 23.55 -10.48
CA PHE A 319 28.23 23.89 -11.90
C PHE A 319 29.32 24.91 -12.21
N SER A 320 29.54 25.85 -11.29
CA SER A 320 30.57 26.86 -11.50
C SER A 320 31.96 26.23 -11.43
N ALA A 321 32.10 25.14 -10.67
CA ALA A 321 33.35 24.38 -10.64
C ALA A 321 33.62 23.76 -12.00
N LEU A 322 32.61 23.15 -12.61
CA LEU A 322 32.78 22.64 -13.96
C LEU A 322 33.07 23.77 -14.95
N LEU A 323 32.45 24.94 -14.74
CA LEU A 323 32.60 26.04 -15.69
C LEU A 323 33.88 26.85 -15.46
N GLU A 324 34.69 26.52 -14.46
CA GLU A 324 35.93 27.25 -14.26
C GLU A 324 37.10 26.55 -14.94
N TYR A 325 37.07 25.22 -14.99
CA TYR A 325 38.12 24.49 -15.70
C TYR A 325 38.01 24.72 -17.21
N ALA A 326 36.77 24.83 -17.72
CA ALA A 326 36.59 25.06 -19.14
C ALA A 326 37.23 26.37 -19.56
N ALA A 327 37.22 27.37 -18.67
CA ALA A 327 37.81 28.67 -18.98
C ALA A 327 39.33 28.60 -18.88
N VAL A 328 39.83 27.70 -18.02
CA VAL A 328 41.27 27.55 -17.82
C VAL A 328 41.87 26.72 -18.95
N ASN A 329 41.14 25.69 -19.39
CA ASN A 329 41.59 24.90 -20.54
C ASN A 329 41.64 25.77 -21.79
N PHE A 330 40.63 26.62 -21.99
CA PHE A 330 40.59 27.45 -23.20
C PHE A 330 41.68 28.50 -23.17
N ILE A 331 41.85 29.17 -22.02
CA ILE A 331 42.82 30.25 -21.90
C ILE A 331 44.24 29.72 -22.08
N ALA A 332 44.47 28.46 -21.69
CA ALA A 332 45.79 27.87 -21.83
C ALA A 332 46.11 27.60 -23.30
N ARG A 333 45.29 26.77 -23.95
CA ARG A 333 45.53 26.36 -25.34
C ARG A 333 45.74 27.53 -26.30
N GLN A 334 45.38 28.75 -25.88
CA GLN A 334 45.49 29.93 -26.74
C GLN A 334 46.93 30.31 -27.05
N HIS A 335 47.90 29.75 -26.32
CA HIS A 335 49.30 30.01 -26.62
C HIS A 335 49.68 29.47 -27.98
N LYS A 336 49.14 28.31 -28.36
CA LYS A 336 49.47 27.71 -29.66
C LYS A 336 49.07 28.61 -30.81
N GLU A 337 47.87 29.21 -30.72
CA GLU A 337 47.27 30.14 -31.69
C GLU A 337 47.76 30.05 -33.14
N THR A 395 57.47 36.77 -31.05
CA THR A 395 57.27 36.73 -29.60
C THR A 395 56.38 35.56 -29.21
N VAL A 396 56.53 34.44 -29.91
CA VAL A 396 55.69 33.27 -29.67
C VAL A 396 55.89 32.75 -28.25
N GLU A 397 57.14 32.69 -27.79
CA GLU A 397 57.42 32.24 -26.43
C GLU A 397 56.81 33.18 -25.40
N GLU A 398 56.93 34.49 -25.64
CA GLU A 398 56.41 35.45 -24.67
C GLU A 398 54.88 35.51 -24.70
N MET A 399 54.28 35.18 -25.86
CA MET A 399 52.84 34.88 -25.88
C MET A 399 52.53 33.66 -25.02
N ARG A 400 53.38 32.64 -25.09
CA ARG A 400 53.14 31.40 -24.35
C ARG A 400 53.15 31.65 -22.84
N LYS A 401 54.07 32.48 -22.37
CA LYS A 401 54.19 32.73 -20.94
C LYS A 401 52.96 33.43 -20.38
N LEU A 402 52.47 34.45 -21.09
CA LEU A 402 51.36 35.25 -20.57
C LEU A 402 50.12 34.37 -20.37
N PHE A 403 49.80 33.52 -21.35
CA PHE A 403 48.60 32.71 -21.28
C PHE A 403 48.70 31.71 -20.13
N ILE A 404 49.87 31.07 -19.97
CA ILE A 404 50.05 30.05 -18.94
C ILE A 404 49.91 30.67 -17.56
N SER A 405 50.47 31.87 -17.38
CA SER A 405 50.34 32.57 -16.10
C SER A 405 48.87 32.89 -15.82
N ARG A 406 48.15 33.36 -16.85
CA ARG A 406 46.75 33.73 -16.68
C ARG A 406 45.95 32.54 -16.14
N ALA A 407 46.20 31.36 -16.68
CA ALA A 407 45.47 30.16 -16.29
C ALA A 407 45.71 29.84 -14.82
N LYS A 408 46.98 29.86 -14.40
CA LYS A 408 47.32 29.50 -13.03
C LYS A 408 46.68 30.47 -12.04
N ARG A 409 46.64 31.76 -12.40
CA ARG A 409 46.10 32.76 -11.48
C ARG A 409 44.64 32.46 -11.17
N ILE A 410 43.88 32.04 -12.18
CA ILE A 410 42.46 31.76 -12.01
C ILE A 410 42.28 30.64 -11.00
N ASP A 411 43.10 29.59 -11.12
CA ASP A 411 43.00 28.45 -10.21
C ASP A 411 43.36 28.84 -8.79
N THR A 412 44.44 29.62 -8.61
CA THR A 412 44.89 30.00 -7.28
C THR A 412 43.84 30.87 -6.61
N VAL A 413 43.31 31.85 -7.34
CA VAL A 413 42.30 32.76 -6.79
C VAL A 413 41.05 31.98 -6.41
N SER A 414 40.68 31.01 -7.25
CA SER A 414 39.47 30.22 -7.03
C SER A 414 39.56 29.42 -5.73
N ARG A 415 40.75 28.91 -5.41
CA ARG A 415 40.92 28.03 -4.25
C ARG A 415 40.44 28.70 -2.97
N VAL A 416 40.64 30.02 -2.85
CA VAL A 416 40.22 30.76 -1.67
C VAL A 416 38.86 31.39 -1.93
N ALA A 417 38.56 31.67 -3.21
CA ALA A 417 37.33 32.39 -3.55
C ALA A 417 36.09 31.54 -3.31
N PHE A 418 36.10 30.30 -3.80
CA PHE A 418 34.93 29.43 -3.67
C PHE A 418 34.56 29.13 -2.22
N PRO A 419 35.48 28.77 -1.32
CA PRO A 419 35.08 28.63 0.09
C PRO A 419 34.55 29.91 0.69
N LEU A 420 35.17 31.05 0.36
CA LEU A 420 34.78 32.32 0.96
C LEU A 420 33.35 32.70 0.58
N VAL A 421 33.00 32.57 -0.70
CA VAL A 421 31.66 32.93 -1.15
C VAL A 421 30.63 31.99 -0.54
N PHE A 422 30.96 30.69 -0.46
CA PHE A 422 30.08 29.74 0.20
C PHE A 422 29.85 30.13 1.66
N LEU A 423 30.91 30.55 2.34
CA LEU A 423 30.79 30.97 3.74
C LEU A 423 29.85 32.17 3.87
N ILE A 424 30.01 33.16 3.00
CA ILE A 424 29.16 34.35 3.06
C ILE A 424 27.71 33.99 2.79
N PHE A 425 27.47 33.09 1.83
CA PHE A 425 26.11 32.65 1.57
C PHE A 425 25.53 31.93 2.78
N ASN A 426 26.31 31.07 3.43
CA ASN A 426 25.83 30.31 4.58
C ASN A 426 25.37 31.21 5.71
N ILE A 427 26.15 32.24 6.04
CA ILE A 427 25.78 33.12 7.15
C ILE A 427 24.53 33.92 6.80
N PHE A 428 24.41 34.36 5.53
CA PHE A 428 23.20 35.04 5.11
C PHE A 428 22.00 34.11 5.14
N TYR A 429 22.18 32.86 4.70
CA TYR A 429 21.07 31.92 4.62
C TYR A 429 20.51 31.60 6.01
N TRP A 430 21.39 31.27 6.96
CA TRP A 430 20.92 30.84 8.28
C TRP A 430 20.42 31.99 9.14
N ILE A 431 20.89 33.22 8.92
CA ILE A 431 20.42 34.34 9.74
C ILE A 431 19.01 34.76 9.35
N THR A 432 18.74 34.88 8.04
CA THR A 432 17.43 35.36 7.60
C THR A 432 16.31 34.42 8.02
N TYR A 433 16.53 33.11 7.89
CA TYR A 433 15.50 32.14 8.20
C TYR A 433 15.21 32.07 9.70
N LYS A 434 16.22 32.28 10.54
CA LYS A 434 15.98 32.37 11.98
C LYS A 434 15.17 33.62 12.31
N ILE A 435 15.43 34.72 11.60
CA ILE A 435 14.62 35.92 11.76
C ILE A 435 13.18 35.65 11.35
N ILE A 436 12.99 34.99 10.20
CA ILE A 436 11.64 34.67 9.73
C ILE A 436 10.95 33.70 10.70
N ARG A 437 11.72 32.75 11.23
CA ARG A 437 11.17 31.81 12.22
C ARG A 437 10.70 32.56 13.47
N SER A 438 11.45 33.56 13.89
CA SER A 438 11.06 34.38 15.04
C SER A 438 9.74 35.09 14.77
N GLU A 439 9.56 35.61 13.55
CA GLU A 439 8.28 36.23 13.18
C GLU A 439 7.15 35.22 13.20
N ASP A 440 7.42 33.98 12.74
CA ASP A 440 6.38 32.96 12.69
C ASP A 440 5.83 32.61 14.06
N ILE A 441 6.72 32.48 15.06
CA ILE A 441 6.25 32.14 16.41
C ILE A 441 5.38 33.25 17.00
N HIS A 442 5.62 34.50 16.60
CA HIS A 442 4.74 35.59 17.02
C HIS A 442 3.34 35.39 16.45
N LYS A 443 3.24 34.96 15.18
CA LYS A 443 1.93 34.66 14.60
C LYS A 443 1.25 33.51 15.33
N GLN A 444 2.02 32.51 15.72
CA GLN A 444 1.48 31.38 16.50
C GLN A 444 1.05 31.83 17.89
N PRO B 31 -57.83 1.23 -7.92
CA PRO B 31 -58.87 1.48 -6.93
C PRO B 31 -58.54 0.91 -5.55
N MET B 32 -58.30 -0.40 -5.48
CA MET B 32 -57.94 -1.02 -4.22
C MET B 32 -56.57 -0.50 -3.79
N PRO B 33 -56.40 -0.16 -2.51
CA PRO B 33 -55.22 0.59 -2.04
C PRO B 33 -53.90 -0.11 -2.35
N PRO B 34 -52.89 0.67 -2.75
CA PRO B 34 -51.57 0.09 -3.07
C PRO B 34 -50.93 -0.68 -1.93
N SER B 35 -51.10 -0.21 -0.69
CA SER B 35 -50.50 -0.85 0.47
C SER B 35 -51.04 -2.26 0.68
N GLU B 36 -52.36 -2.46 0.51
CA GLU B 36 -52.95 -3.78 0.70
C GLU B 36 -52.37 -4.80 -0.29
N PHE B 37 -52.14 -4.38 -1.53
CA PHE B 37 -51.55 -5.30 -2.51
C PHE B 37 -50.18 -5.78 -2.09
N LEU B 38 -49.37 -4.90 -1.50
CA LEU B 38 -48.09 -5.35 -0.98
C LEU B 38 -48.29 -6.43 0.07
N ASP B 39 -49.27 -6.25 0.96
CA ASP B 39 -49.46 -7.22 2.03
C ASP B 39 -50.16 -8.48 1.52
N LYS B 40 -51.24 -8.30 0.73
CA LYS B 40 -52.05 -9.44 0.29
C LYS B 40 -51.25 -10.41 -0.57
N LEU B 41 -50.36 -9.91 -1.42
CA LEU B 41 -49.48 -10.76 -2.19
C LEU B 41 -48.18 -11.00 -1.43
N MET B 42 -47.64 -12.22 -1.57
CA MET B 42 -46.33 -12.61 -1.02
C MET B 42 -46.17 -12.20 0.45
N GLY B 43 -47.23 -12.47 1.22
CA GLY B 43 -47.32 -12.04 2.60
C GLY B 43 -47.78 -13.17 3.50
N LYS B 44 -47.90 -12.83 4.80
CA LYS B 44 -48.35 -13.81 5.79
C LYS B 44 -49.74 -14.32 5.45
N VAL B 45 -50.65 -13.43 5.02
CA VAL B 45 -51.96 -13.89 4.58
C VAL B 45 -51.83 -14.75 3.33
N SER B 46 -50.92 -14.36 2.42
CA SER B 46 -50.75 -15.10 1.17
C SER B 46 -50.24 -16.52 1.42
N GLY B 47 -49.33 -16.67 2.37
CA GLY B 47 -48.67 -17.95 2.59
C GLY B 47 -47.48 -18.22 1.71
N TYR B 48 -46.93 -17.18 1.08
CA TYR B 48 -45.72 -17.34 0.29
C TYR B 48 -44.54 -17.67 1.21
N ASP B 49 -43.75 -18.67 0.83
CA ASP B 49 -42.59 -19.09 1.60
C ASP B 49 -41.33 -18.84 0.76
N ALA B 50 -40.50 -17.89 1.21
CA ALA B 50 -39.26 -17.59 0.49
C ALA B 50 -38.24 -18.71 0.61
N ARG B 51 -38.40 -19.61 1.57
CA ARG B 51 -37.45 -20.70 1.75
C ARG B 51 -37.63 -21.79 0.70
N ILE B 52 -38.84 -21.91 0.15
CA ILE B 52 -39.17 -22.98 -0.79
C ILE B 52 -39.11 -22.41 -2.20
N ARG B 53 -38.28 -23.01 -3.05
CA ARG B 53 -38.13 -22.55 -4.41
C ARG B 53 -39.42 -22.76 -5.20
N PRO B 54 -39.65 -21.94 -6.24
CA PRO B 54 -40.83 -22.15 -7.08
C PRO B 54 -40.82 -23.52 -7.74
N ASN B 55 -42.02 -24.03 -8.00
CA ASN B 55 -42.21 -25.33 -8.65
C ASN B 55 -41.46 -26.44 -7.92
N PHE B 56 -41.76 -26.56 -6.63
CA PHE B 56 -41.13 -27.57 -5.80
C PHE B 56 -41.56 -28.96 -6.26
N LYS B 57 -40.63 -29.92 -6.17
CA LYS B 57 -40.83 -31.29 -6.64
C LYS B 57 -41.28 -31.31 -8.11
N GLY B 58 -40.63 -30.46 -8.92
CA GLY B 58 -41.02 -30.28 -10.29
C GLY B 58 -39.86 -29.89 -11.19
N PRO B 59 -40.17 -29.39 -12.38
CA PRO B 59 -39.12 -29.05 -13.33
C PRO B 59 -38.19 -28.00 -12.78
N PRO B 60 -36.92 -28.02 -13.16
CA PRO B 60 -35.96 -27.02 -12.66
C PRO B 60 -36.34 -25.60 -13.09
N VAL B 61 -36.06 -24.65 -12.19
CA VAL B 61 -36.26 -23.24 -12.51
C VAL B 61 -35.20 -22.78 -13.49
N ASN B 62 -35.62 -22.02 -14.51
CA ASN B 62 -34.75 -21.56 -15.57
C ASN B 62 -34.54 -20.06 -15.42
N VAL B 63 -33.28 -19.66 -15.24
CA VAL B 63 -32.93 -18.27 -14.99
C VAL B 63 -32.12 -17.74 -16.18
N THR B 64 -32.64 -16.70 -16.82
CA THR B 64 -31.93 -16.00 -17.89
C THR B 64 -31.20 -14.80 -17.30
N CYS B 65 -29.94 -14.62 -17.69
CA CYS B 65 -29.07 -13.62 -17.09
C CYS B 65 -28.57 -12.63 -18.13
N ASN B 66 -28.55 -11.35 -17.74
CA ASN B 66 -27.99 -10.27 -18.53
C ASN B 66 -26.90 -9.57 -17.74
N ILE B 67 -25.96 -8.95 -18.45
CA ILE B 67 -24.88 -8.17 -17.83
C ILE B 67 -24.69 -6.89 -18.62
N PHE B 68 -24.64 -5.76 -17.91
CA PHE B 68 -24.33 -4.46 -18.51
C PHE B 68 -23.05 -3.94 -17.86
N ILE B 69 -22.01 -3.77 -18.66
CA ILE B 69 -20.67 -3.43 -18.17
C ILE B 69 -20.56 -1.91 -18.10
N ASN B 70 -20.71 -1.35 -16.90
CA ASN B 70 -20.57 0.09 -16.73
C ASN B 70 -19.14 0.54 -16.96
N SER B 71 -18.16 -0.14 -16.37
CA SER B 71 -16.77 0.25 -16.50
C SER B 71 -15.89 -0.99 -16.48
N PHE B 72 -14.85 -0.97 -17.32
CA PHE B 72 -13.87 -2.04 -17.41
C PHE B 72 -12.49 -1.42 -17.28
N GLY B 73 -11.64 -1.96 -16.42
CA GLY B 73 -10.34 -1.38 -16.20
C GLY B 73 -9.61 -2.07 -15.07
N SER B 74 -8.50 -1.42 -14.66
CA SER B 74 -7.64 -1.89 -13.57
C SER B 74 -7.16 -3.32 -13.81
N ILE B 75 -6.69 -3.57 -15.03
CA ILE B 75 -6.07 -4.85 -15.38
C ILE B 75 -4.63 -4.83 -14.90
N ALA B 76 -4.27 -5.79 -14.04
CA ALA B 76 -2.96 -5.83 -13.40
C ALA B 76 -2.30 -7.16 -13.69
N GLU B 77 -1.17 -7.13 -14.40
CA GLU B 77 -0.43 -8.35 -14.68
C GLU B 77 0.18 -8.94 -13.42
N THR B 78 0.67 -8.08 -12.52
CA THR B 78 1.35 -8.54 -11.30
C THR B 78 0.46 -9.47 -10.48
N THR B 79 -0.79 -9.08 -10.26
CA THR B 79 -1.73 -9.87 -9.46
C THR B 79 -2.65 -10.72 -10.33
N MET B 80 -2.57 -10.58 -11.65
CA MET B 80 -3.37 -11.36 -12.60
C MET B 80 -4.88 -11.25 -12.32
N ASP B 81 -5.35 -10.01 -12.17
CA ASP B 81 -6.77 -9.78 -11.92
C ASP B 81 -7.19 -8.50 -12.61
N TYR B 82 -8.51 -8.31 -12.72
CA TYR B 82 -9.09 -7.10 -13.28
C TYR B 82 -10.34 -6.76 -12.49
N ARG B 83 -10.73 -5.49 -12.53
CA ARG B 83 -11.90 -5.01 -11.83
C ARG B 83 -12.95 -4.58 -12.84
N VAL B 84 -14.22 -4.85 -12.52
CA VAL B 84 -15.34 -4.50 -13.38
C VAL B 84 -16.52 -4.06 -12.53
N ASN B 85 -17.30 -3.12 -13.06
CA ASN B 85 -18.56 -2.70 -12.46
C ASN B 85 -19.67 -3.07 -13.44
N ILE B 86 -20.63 -3.88 -12.98
CA ILE B 86 -21.65 -4.45 -13.85
C ILE B 86 -23.03 -4.31 -13.22
N PHE B 87 -24.05 -4.47 -14.07
CA PHE B 87 -25.43 -4.65 -13.66
C PHE B 87 -25.82 -6.09 -13.96
N LEU B 88 -26.08 -6.87 -12.92
CA LEU B 88 -26.45 -8.28 -13.07
C LEU B 88 -27.96 -8.38 -13.03
N ARG B 89 -28.56 -8.77 -14.15
CA ARG B 89 -30.00 -8.93 -14.26
C ARG B 89 -30.35 -10.40 -14.38
N GLN B 90 -31.39 -10.82 -13.64
CA GLN B 90 -31.85 -12.20 -13.63
C GLN B 90 -33.34 -12.20 -13.91
N GLN B 91 -33.80 -13.20 -14.67
CA GLN B 91 -35.22 -13.37 -14.92
C GLN B 91 -35.62 -14.82 -14.68
N TRP B 92 -36.72 -15.00 -13.95
CA TRP B 92 -37.27 -16.32 -13.66
C TRP B 92 -38.77 -16.17 -13.48
N ASN B 93 -39.48 -17.29 -13.51
CA ASN B 93 -40.93 -17.30 -13.47
C ASN B 93 -41.39 -17.93 -12.16
N ASP B 94 -42.03 -17.12 -11.30
CA ASP B 94 -42.59 -17.62 -10.06
C ASP B 94 -44.11 -17.72 -10.24
N PRO B 95 -44.67 -18.93 -10.26
CA PRO B 95 -46.13 -19.05 -10.44
C PRO B 95 -46.94 -18.42 -9.32
N ARG B 96 -46.43 -18.47 -8.09
CA ARG B 96 -47.17 -17.98 -6.92
C ARG B 96 -47.32 -16.46 -6.90
N LEU B 97 -46.74 -15.72 -7.85
CA LEU B 97 -46.79 -14.25 -7.82
C LEU B 97 -47.67 -13.68 -8.92
N ALA B 98 -48.58 -14.48 -9.49
CA ALA B 98 -49.47 -13.97 -10.52
C ALA B 98 -50.55 -13.09 -9.91
N TYR B 99 -50.80 -11.94 -10.52
CA TYR B 99 -51.85 -11.03 -10.07
C TYR B 99 -52.74 -10.65 -11.24
N SER B 100 -54.06 -10.68 -11.05
CA SER B 100 -54.99 -10.18 -12.05
C SER B 100 -55.83 -9.00 -11.59
N GLU B 101 -55.74 -8.61 -10.31
CA GLU B 101 -56.57 -7.53 -9.79
C GLU B 101 -56.21 -6.20 -10.48
N TYR B 102 -54.90 -5.92 -10.71
CA TYR B 102 -54.54 -4.61 -11.27
C TYR B 102 -54.33 -4.72 -12.76
N PRO B 103 -54.94 -3.80 -13.51
CA PRO B 103 -54.76 -3.81 -14.96
C PRO B 103 -53.32 -3.57 -15.42
N ASP B 104 -52.57 -2.71 -14.73
CA ASP B 104 -51.22 -2.43 -15.19
C ASP B 104 -50.31 -3.65 -15.05
N ASP B 105 -49.31 -3.73 -15.93
CA ASP B 105 -48.28 -4.76 -15.87
C ASP B 105 -46.95 -4.17 -15.46
N SER B 106 -46.05 -5.06 -15.03
CA SER B 106 -44.67 -4.71 -14.67
C SER B 106 -44.60 -3.62 -13.60
N LEU B 107 -45.36 -3.81 -12.53
CA LEU B 107 -45.35 -2.87 -11.43
C LEU B 107 -43.99 -2.89 -10.73
N ASP B 108 -43.35 -1.72 -10.66
CA ASP B 108 -42.10 -1.61 -9.90
C ASP B 108 -42.38 -1.75 -8.42
N LEU B 109 -41.58 -2.56 -7.72
CA LEU B 109 -41.71 -2.73 -6.29
C LEU B 109 -40.66 -1.89 -5.56
N ASP B 110 -40.59 -2.04 -4.24
CA ASP B 110 -39.56 -1.32 -3.53
C ASP B 110 -38.33 -2.20 -3.30
N PRO B 111 -37.13 -1.64 -3.40
CA PRO B 111 -35.92 -2.44 -3.13
C PRO B 111 -35.81 -2.97 -1.71
N SER B 112 -36.44 -2.32 -0.73
CA SER B 112 -36.27 -2.71 0.67
C SER B 112 -36.99 -4.00 1.03
N MET B 113 -37.93 -4.44 0.20
CA MET B 113 -38.74 -5.62 0.51
C MET B 113 -38.27 -6.86 -0.23
N LEU B 114 -37.08 -6.82 -0.83
CA LEU B 114 -36.52 -7.95 -1.57
C LEU B 114 -36.18 -9.15 -0.69
N ASP B 115 -36.13 -8.99 0.64
CA ASP B 115 -35.75 -10.11 1.49
C ASP B 115 -36.74 -11.27 1.39
N SER B 116 -38.03 -10.95 1.32
CA SER B 116 -39.07 -11.98 1.30
C SER B 116 -39.25 -12.61 -0.08
N ILE B 117 -38.71 -11.99 -1.13
CA ILE B 117 -38.71 -12.59 -2.45
C ILE B 117 -37.68 -13.72 -2.49
N TRP B 118 -38.05 -14.85 -3.10
CA TRP B 118 -37.09 -15.92 -3.31
C TRP B 118 -36.17 -15.55 -4.48
N LYS B 119 -34.87 -15.61 -4.23
CA LYS B 119 -33.85 -15.24 -5.20
C LYS B 119 -32.85 -16.37 -5.37
N PRO B 120 -32.37 -16.61 -6.59
CA PRO B 120 -31.41 -17.70 -6.79
C PRO B 120 -30.05 -17.35 -6.22
N ASP B 121 -29.33 -18.39 -5.79
CA ASP B 121 -28.02 -18.20 -5.16
C ASP B 121 -26.89 -18.23 -6.20
N LEU B 122 -26.91 -17.23 -7.08
CA LEU B 122 -25.83 -17.07 -8.03
C LEU B 122 -24.60 -16.49 -7.32
N PHE B 123 -23.43 -16.89 -7.78
CA PHE B 123 -22.18 -16.33 -7.29
C PHE B 123 -21.08 -16.59 -8.30
N PHE B 124 -19.98 -15.87 -8.15
CA PHE B 124 -18.88 -15.87 -9.11
C PHE B 124 -17.76 -16.79 -8.65
N ALA B 125 -17.38 -17.73 -9.51
CA ALA B 125 -16.43 -18.78 -9.15
C ALA B 125 -15.01 -18.24 -9.06
N ASN B 126 -14.63 -17.35 -9.97
CA ASN B 126 -13.26 -16.85 -10.07
C ASN B 126 -13.09 -15.51 -9.37
N GLU B 127 -14.08 -15.07 -8.62
CA GLU B 127 -14.03 -13.77 -7.95
C GLU B 127 -13.10 -13.80 -6.74
N LYS B 128 -12.35 -12.71 -6.58
CA LYS B 128 -11.47 -12.50 -5.44
C LYS B 128 -11.97 -11.46 -4.45
N GLY B 129 -12.65 -10.42 -4.92
CA GLY B 129 -13.24 -9.42 -4.05
C GLY B 129 -14.44 -8.74 -4.67
N ALA B 130 -15.59 -8.82 -3.98
CA ALA B 130 -16.82 -8.20 -4.44
C ALA B 130 -17.50 -7.51 -3.27
N ASN B 131 -18.23 -6.43 -3.57
CA ASN B 131 -18.96 -5.68 -2.58
C ASN B 131 -20.19 -5.07 -3.22
N PHE B 132 -21.24 -4.88 -2.42
CA PHE B 132 -22.42 -4.18 -2.87
C PHE B 132 -22.17 -2.67 -2.86
N HIS B 133 -23.17 -1.92 -3.31
CA HIS B 133 -23.09 -0.46 -3.37
C HIS B 133 -24.26 0.13 -2.58
N GLU B 134 -23.94 0.91 -1.56
CA GLU B 134 -24.94 1.63 -0.74
C GLU B 134 -24.50 3.08 -0.70
N VAL B 135 -25.03 3.88 -1.63
CA VAL B 135 -24.65 5.29 -1.74
C VAL B 135 -25.66 6.12 -0.96
N THR B 136 -26.92 6.05 -1.37
CA THR B 136 -28.03 6.67 -0.65
C THR B 136 -29.05 5.64 -0.16
N THR B 137 -29.41 4.70 -1.04
CA THR B 137 -30.20 3.52 -0.70
C THR B 137 -29.54 2.31 -1.33
N ASP B 138 -30.18 1.15 -1.20
CA ASP B 138 -29.67 -0.04 -1.88
C ASP B 138 -29.86 0.10 -3.38
N ASN B 139 -28.80 -0.25 -4.13
CA ASN B 139 -28.85 -0.20 -5.60
C ASN B 139 -29.43 -1.52 -6.12
N LYS B 140 -30.75 -1.60 -6.10
CA LYS B 140 -31.46 -2.81 -6.49
C LYS B 140 -32.76 -2.42 -7.18
N LEU B 141 -33.17 -3.25 -8.13
CA LEU B 141 -34.43 -3.06 -8.86
C LEU B 141 -35.17 -4.38 -8.92
N LEU B 142 -36.47 -4.34 -8.61
CA LEU B 142 -37.32 -5.51 -8.72
C LEU B 142 -38.59 -5.16 -9.49
N ARG B 143 -38.92 -5.98 -10.48
CA ARG B 143 -40.14 -5.82 -11.27
C ARG B 143 -40.82 -7.17 -11.40
N ILE B 144 -42.15 -7.16 -11.33
CA ILE B 144 -42.96 -8.37 -11.36
C ILE B 144 -44.07 -8.18 -12.38
N SER B 145 -44.15 -9.08 -13.36
CA SER B 145 -45.17 -9.03 -14.39
C SER B 145 -46.36 -9.90 -14.00
N LYS B 146 -47.46 -9.75 -14.76
CA LYS B 146 -48.69 -10.45 -14.42
C LYS B 146 -48.55 -11.96 -14.53
N ASN B 147 -47.75 -12.44 -15.49
CA ASN B 147 -47.54 -13.87 -15.67
C ASN B 147 -46.72 -14.49 -14.55
N GLY B 148 -46.12 -13.67 -13.68
CA GLY B 148 -45.24 -14.14 -12.63
C GLY B 148 -43.77 -13.96 -12.92
N ASN B 149 -43.41 -13.46 -14.11
CA ASN B 149 -42.01 -13.24 -14.44
C ASN B 149 -41.42 -12.18 -13.52
N VAL B 150 -40.19 -12.39 -13.09
CA VAL B 150 -39.50 -11.51 -12.15
C VAL B 150 -38.25 -10.96 -12.82
N LEU B 151 -37.99 -9.68 -12.61
CA LEU B 151 -36.77 -9.03 -13.09
C LEU B 151 -36.07 -8.41 -11.90
N TYR B 152 -34.80 -8.77 -11.71
CA TYR B 152 -34.05 -8.37 -10.52
C TYR B 152 -32.64 -7.99 -10.93
N SER B 153 -32.31 -6.70 -10.80
CA SER B 153 -31.00 -6.17 -11.20
C SER B 153 -30.27 -5.61 -10.00
N ILE B 154 -28.94 -5.86 -9.96
CA ILE B 154 -28.10 -5.45 -8.84
C ILE B 154 -26.90 -4.71 -9.42
N ARG B 155 -26.37 -3.76 -8.65
CA ARG B 155 -25.14 -3.06 -9.02
C ARG B 155 -24.02 -3.67 -8.18
N ILE B 156 -23.06 -4.30 -8.85
CA ILE B 156 -21.99 -5.03 -8.17
C ILE B 156 -20.65 -4.61 -8.77
N THR B 157 -19.62 -4.63 -7.93
CA THR B 157 -18.25 -4.39 -8.35
C THR B 157 -17.46 -5.67 -8.11
N LEU B 158 -16.77 -6.16 -9.14
CA LEU B 158 -16.11 -7.45 -9.08
C LEU B 158 -14.61 -7.28 -9.30
N VAL B 159 -13.81 -7.91 -8.44
CA VAL B 159 -12.42 -8.20 -8.73
C VAL B 159 -12.34 -9.67 -9.11
N LEU B 160 -11.95 -9.96 -10.34
CA LEU B 160 -12.01 -11.30 -10.89
C LEU B 160 -10.61 -11.81 -11.23
N ALA B 161 -10.34 -13.07 -10.87
CA ALA B 161 -9.06 -13.68 -11.18
C ALA B 161 -9.00 -14.05 -12.65
N CYS B 162 -7.87 -13.77 -13.28
CA CYS B 162 -7.69 -14.04 -14.72
C CYS B 162 -6.29 -14.60 -14.93
N PRO B 163 -6.16 -15.92 -15.07
CA PRO B 163 -4.85 -16.48 -15.42
C PRO B 163 -4.39 -15.98 -16.77
N MET B 164 -3.12 -15.59 -16.84
CA MET B 164 -2.56 -14.96 -18.03
C MET B 164 -1.40 -15.77 -18.57
N ASP B 165 -1.30 -15.84 -19.89
CA ASP B 165 -0.16 -16.47 -20.56
C ASP B 165 0.70 -15.32 -21.06
N LEU B 166 1.83 -15.11 -20.41
CA LEU B 166 2.64 -13.93 -20.69
C LEU B 166 3.82 -14.19 -21.62
N LYS B 167 3.79 -15.25 -22.42
CA LYS B 167 4.66 -15.21 -23.57
C LYS B 167 4.12 -14.17 -24.54
N ASN B 168 4.97 -13.70 -25.45
CA ASN B 168 4.56 -12.65 -26.39
C ASN B 168 4.03 -11.46 -25.61
N PHE B 169 4.78 -11.04 -24.58
CA PHE B 169 4.26 -10.03 -23.64
C PHE B 169 3.92 -8.69 -24.30
N PRO B 170 4.77 -8.06 -25.11
CA PRO B 170 4.37 -6.76 -25.63
C PRO B 170 3.16 -6.86 -26.55
N MET B 171 3.10 -7.92 -27.37
CA MET B 171 2.04 -8.09 -28.37
C MET B 171 1.18 -9.29 -27.96
N ASP B 172 0.28 -9.10 -26.99
CA ASP B 172 -0.46 -10.26 -26.47
C ASP B 172 -1.95 -9.97 -26.37
N VAL B 173 -2.74 -10.88 -26.91
CA VAL B 173 -4.19 -10.86 -26.74
C VAL B 173 -4.51 -11.65 -25.49
N GLN B 174 -5.39 -11.14 -24.64
CA GLN B 174 -5.67 -11.78 -23.36
C GLN B 174 -7.16 -12.11 -23.28
N THR B 175 -7.47 -13.33 -22.88
CA THR B 175 -8.85 -13.76 -22.71
C THR B 175 -9.22 -13.71 -21.24
N CYS B 176 -10.25 -12.93 -20.91
CA CYS B 176 -10.76 -12.83 -19.56
C CYS B 176 -12.07 -13.58 -19.48
N ILE B 177 -12.33 -14.20 -18.32
CA ILE B 177 -13.53 -15.03 -18.18
C ILE B 177 -14.33 -14.55 -16.98
N MET B 178 -15.63 -14.78 -17.04
CA MET B 178 -16.54 -14.53 -15.93
C MET B 178 -17.42 -15.76 -15.74
N GLN B 179 -17.39 -16.35 -14.55
CA GLN B 179 -18.08 -17.60 -14.28
C GLN B 179 -19.20 -17.37 -13.29
N LEU B 180 -20.42 -17.77 -13.67
CA LEU B 180 -21.63 -17.57 -12.88
C LEU B 180 -22.26 -18.93 -12.60
N GLU B 181 -22.13 -19.41 -11.36
CA GLU B 181 -22.60 -20.75 -11.05
C GLU B 181 -23.15 -20.79 -9.63
N SER B 182 -23.89 -21.85 -9.34
CA SER B 182 -24.77 -21.91 -8.17
C SER B 182 -24.13 -22.75 -7.08
N PHE B 183 -24.00 -22.16 -5.89
CA PHE B 183 -23.36 -22.86 -4.78
C PHE B 183 -24.26 -23.95 -4.19
N GLY B 184 -25.54 -23.65 -3.98
CA GLY B 184 -26.36 -24.53 -3.20
C GLY B 184 -27.40 -25.36 -3.93
N TYR B 185 -27.78 -24.98 -5.14
CA TYR B 185 -28.81 -25.68 -5.89
C TYR B 185 -28.21 -26.43 -7.05
N THR B 186 -28.58 -27.71 -7.18
CA THR B 186 -28.10 -28.57 -8.26
C THR B 186 -28.90 -28.30 -9.54
N MET B 187 -28.50 -28.97 -10.62
CA MET B 187 -29.16 -28.76 -11.90
C MET B 187 -30.52 -29.44 -12.00
N ASN B 188 -30.98 -30.11 -10.93
CA ASN B 188 -32.34 -30.60 -10.88
C ASN B 188 -33.32 -29.52 -10.43
N ASP B 189 -32.82 -28.48 -9.75
CA ASP B 189 -33.64 -27.40 -9.23
C ASP B 189 -33.38 -26.07 -9.93
N LEU B 190 -32.11 -25.70 -10.12
CA LEU B 190 -31.73 -24.41 -10.68
C LEU B 190 -30.83 -24.63 -11.88
N ILE B 191 -31.26 -24.12 -13.05
CA ILE B 191 -30.48 -24.15 -14.27
C ILE B 191 -30.29 -22.71 -14.75
N PHE B 192 -29.06 -22.39 -15.14
CA PHE B 192 -28.72 -21.05 -15.62
C PHE B 192 -28.50 -21.09 -17.13
N GLU B 193 -29.07 -20.11 -17.83
CA GLU B 193 -28.88 -19.96 -19.26
C GLU B 193 -28.65 -18.49 -19.61
N TRP B 194 -27.92 -18.25 -20.69
CA TRP B 194 -27.70 -16.91 -21.17
C TRP B 194 -28.90 -16.41 -21.95
N ASP B 195 -29.16 -15.10 -21.85
CA ASP B 195 -30.27 -14.50 -22.57
C ASP B 195 -30.01 -14.50 -24.06
N GLU B 196 -31.09 -14.64 -24.84
CA GLU B 196 -30.95 -14.76 -26.28
C GLU B 196 -30.45 -13.46 -26.91
N LYS B 197 -31.07 -12.33 -26.55
CA LYS B 197 -30.71 -11.03 -27.10
C LYS B 197 -29.97 -10.21 -26.07
N GLY B 198 -28.82 -9.67 -26.47
CA GLY B 198 -28.02 -8.80 -25.61
C GLY B 198 -27.60 -9.40 -24.30
N ALA B 199 -26.91 -10.55 -24.35
CA ALA B 199 -26.40 -11.18 -23.15
C ALA B 199 -25.42 -10.27 -22.41
N VAL B 200 -24.30 -9.95 -23.05
CA VAL B 200 -23.32 -9.03 -22.50
C VAL B 200 -23.39 -7.72 -23.28
N GLN B 201 -23.71 -6.64 -22.59
CA GLN B 201 -23.83 -5.31 -23.18
C GLN B 201 -22.80 -4.39 -22.56
N VAL B 202 -22.11 -3.61 -23.38
CA VAL B 202 -21.04 -2.73 -22.94
C VAL B 202 -21.55 -1.28 -23.02
N ALA B 203 -21.24 -0.49 -22.00
CA ALA B 203 -21.66 0.90 -21.97
C ALA B 203 -21.02 1.68 -23.11
N ASP B 204 -21.70 2.74 -23.53
CA ASP B 204 -21.21 3.56 -24.64
C ASP B 204 -19.98 4.35 -24.23
N GLY B 205 -19.02 4.43 -25.14
CA GLY B 205 -17.79 5.19 -24.89
C GLY B 205 -16.96 4.68 -23.74
N LEU B 206 -16.88 3.36 -23.56
CA LEU B 206 -16.01 2.76 -22.55
C LEU B 206 -14.66 2.46 -23.20
N THR B 207 -13.62 3.16 -22.75
CA THR B 207 -12.29 3.04 -23.35
C THR B 207 -11.29 2.63 -22.27
N LEU B 208 -10.79 1.40 -22.37
CA LEU B 208 -9.75 0.94 -21.48
C LEU B 208 -8.47 1.73 -21.72
N PRO B 209 -7.66 1.97 -20.69
CA PRO B 209 -6.48 2.83 -20.84
C PRO B 209 -5.42 2.22 -21.75
N GLN B 210 -5.00 0.99 -21.46
CA GLN B 210 -3.92 0.35 -22.21
C GLN B 210 -4.37 -0.88 -22.99
N PHE B 211 -5.67 -1.17 -23.02
CA PHE B 211 -6.18 -2.36 -23.70
C PHE B 211 -7.32 -1.98 -24.64
N ILE B 212 -7.59 -2.86 -25.59
CA ILE B 212 -8.71 -2.72 -26.51
C ILE B 212 -9.60 -3.94 -26.35
N LEU B 213 -10.89 -3.71 -26.11
CA LEU B 213 -11.86 -4.78 -25.88
C LEU B 213 -12.58 -5.09 -27.18
N LYS B 214 -12.48 -6.34 -27.64
CA LYS B 214 -13.14 -6.73 -28.88
C LYS B 214 -14.65 -6.84 -28.67
N GLU B 215 -15.39 -6.63 -29.75
CA GLU B 215 -16.84 -6.64 -29.66
C GLU B 215 -17.43 -8.04 -29.68
N GLU B 216 -16.66 -9.04 -30.11
CA GLU B 216 -17.11 -10.43 -30.10
C GLU B 216 -16.92 -11.02 -28.71
N LYS B 217 -18.00 -11.57 -28.15
CA LYS B 217 -17.98 -12.17 -26.82
C LYS B 217 -18.39 -13.63 -26.91
N ASP B 218 -17.64 -14.49 -26.23
CA ASP B 218 -17.87 -15.93 -26.25
C ASP B 218 -18.74 -16.33 -25.07
N LEU B 219 -19.88 -16.94 -25.35
CA LEU B 219 -20.78 -17.46 -24.31
C LEU B 219 -20.70 -18.98 -24.35
N ARG B 220 -20.17 -19.58 -23.28
CA ARG B 220 -19.93 -21.01 -23.24
C ARG B 220 -20.61 -21.62 -22.03
N TYR B 221 -20.79 -22.94 -22.09
CA TYR B 221 -21.29 -23.74 -20.98
C TYR B 221 -20.14 -24.55 -20.43
N CYS B 222 -19.85 -24.39 -19.13
CA CYS B 222 -18.81 -25.15 -18.44
C CYS B 222 -19.40 -25.71 -17.14
N THR B 223 -20.11 -26.82 -17.26
CA THR B 223 -20.78 -27.41 -16.10
C THR B 223 -19.76 -27.92 -15.10
N LYS B 224 -20.04 -27.72 -13.81
CA LYS B 224 -19.13 -28.09 -12.75
C LYS B 224 -19.61 -29.37 -12.07
N HIS B 225 -18.67 -30.28 -11.81
CA HIS B 225 -18.95 -31.53 -11.12
C HIS B 225 -18.16 -31.59 -9.82
N TYR B 226 -18.86 -31.81 -8.72
CA TYR B 226 -18.25 -31.92 -7.39
C TYR B 226 -18.74 -33.19 -6.73
N ASN B 227 -18.09 -33.54 -5.61
CA ASN B 227 -18.57 -34.66 -4.80
C ASN B 227 -19.97 -34.40 -4.28
N THR B 228 -20.32 -33.14 -4.00
CA THR B 228 -21.66 -32.80 -3.57
C THR B 228 -22.68 -33.06 -4.68
N GLY B 229 -22.32 -32.78 -5.93
CA GLY B 229 -23.24 -33.00 -7.02
C GLY B 229 -22.84 -32.17 -8.24
N LYS B 230 -23.81 -32.03 -9.15
CA LYS B 230 -23.64 -31.29 -10.40
C LYS B 230 -24.37 -29.95 -10.30
N PHE B 231 -23.69 -28.87 -10.70
CA PHE B 231 -24.22 -27.52 -10.56
C PHE B 231 -24.12 -26.78 -11.89
N THR B 232 -25.14 -25.98 -12.18
CA THR B 232 -25.22 -25.25 -13.44
C THR B 232 -24.18 -24.14 -13.47
N CYS B 233 -23.65 -23.87 -14.66
CA CYS B 233 -22.65 -22.81 -14.82
C CYS B 233 -22.68 -22.26 -16.24
N ILE B 234 -22.54 -20.95 -16.35
CA ILE B 234 -22.46 -20.24 -17.62
C ILE B 234 -21.25 -19.31 -17.56
N GLU B 235 -20.60 -19.14 -18.71
CA GLU B 235 -19.36 -18.39 -18.77
C GLU B 235 -19.39 -17.41 -19.93
N ALA B 236 -18.80 -16.24 -19.72
CA ALA B 236 -18.65 -15.21 -20.74
C ALA B 236 -17.17 -14.86 -20.86
N ARG B 237 -16.67 -14.87 -22.09
CA ARG B 237 -15.25 -14.62 -22.37
C ARG B 237 -15.07 -13.29 -23.08
N PHE B 238 -14.10 -12.51 -22.62
CA PHE B 238 -13.76 -11.23 -23.22
C PHE B 238 -12.36 -11.31 -23.81
N HIS B 239 -12.19 -10.73 -25.00
CA HIS B 239 -10.91 -10.72 -25.70
C HIS B 239 -10.33 -9.32 -25.62
N LEU B 240 -9.12 -9.21 -25.06
CA LEU B 240 -8.48 -7.91 -24.84
C LEU B 240 -7.16 -7.88 -25.59
N GLU B 241 -6.99 -6.87 -26.43
CA GLU B 241 -5.76 -6.66 -27.18
C GLU B 241 -4.99 -5.53 -26.53
N ARG B 242 -3.68 -5.68 -26.42
CA ARG B 242 -2.85 -4.71 -25.72
C ARG B 242 -2.34 -3.64 -26.68
N GLN B 243 -2.63 -2.38 -26.35
CA GLN B 243 -2.14 -1.26 -27.14
C GLN B 243 -0.63 -1.20 -26.99
N MET B 244 0.09 -1.06 -28.10
CA MET B 244 1.54 -1.08 -28.05
C MET B 244 2.15 0.32 -28.22
N GLY B 245 1.35 1.37 -28.03
CA GLY B 245 1.94 2.70 -28.09
C GLY B 245 2.96 2.92 -26.98
N TYR B 246 2.56 2.62 -25.73
CA TYR B 246 3.43 2.89 -24.59
C TYR B 246 4.73 2.11 -24.69
N TYR B 247 4.64 0.83 -25.08
CA TYR B 247 5.82 -0.06 -25.09
C TYR B 247 6.86 0.36 -26.12
N LEU B 248 6.44 0.95 -27.23
CA LEU B 248 7.40 1.37 -28.25
C LEU B 248 8.16 2.60 -27.79
N ILE B 249 7.46 3.53 -27.16
CA ILE B 249 8.06 4.81 -26.79
C ILE B 249 9.02 4.62 -25.62
N GLN B 250 8.63 3.83 -24.63
CA GLN B 250 9.37 3.79 -23.38
C GLN B 250 10.44 2.68 -23.31
N MET B 251 10.35 1.64 -24.13
CA MET B 251 11.37 0.60 -24.08
C MET B 251 12.09 0.37 -25.40
N TYR B 252 11.37 0.22 -26.51
CA TYR B 252 12.01 -0.12 -27.77
C TYR B 252 12.88 1.03 -28.28
N ILE B 253 12.36 2.25 -28.31
CA ILE B 253 13.11 3.39 -28.80
C ILE B 253 14.31 3.69 -27.90
N PRO B 254 14.19 3.70 -26.55
CA PRO B 254 15.41 3.87 -25.75
C PRO B 254 16.44 2.79 -25.99
N SER B 255 16.01 1.54 -26.23
CA SER B 255 16.94 0.46 -26.51
C SER B 255 17.71 0.74 -27.79
N LEU B 256 17.05 1.34 -28.78
CA LEU B 256 17.71 1.68 -30.04
C LEU B 256 18.85 2.67 -29.82
N LEU B 257 18.66 3.61 -28.89
CA LEU B 257 19.69 4.62 -28.61
C LEU B 257 20.97 3.95 -28.12
N ILE B 258 20.86 2.98 -27.21
CA ILE B 258 22.04 2.35 -26.63
C ILE B 258 22.82 1.60 -27.70
N VAL B 259 22.12 0.92 -28.61
CA VAL B 259 22.79 0.25 -29.72
C VAL B 259 23.47 1.28 -30.63
N ILE B 260 22.78 2.37 -30.94
CA ILE B 260 23.35 3.38 -31.83
C ILE B 260 24.52 4.08 -31.15
N LEU B 261 24.37 4.44 -29.87
CA LEU B 261 25.44 5.11 -29.14
C LEU B 261 26.70 4.26 -29.08
N SER B 262 26.53 2.93 -28.98
CA SER B 262 27.68 2.03 -29.02
C SER B 262 28.43 2.16 -30.35
N TRP B 263 27.71 2.38 -31.45
CA TRP B 263 28.34 2.47 -32.76
C TRP B 263 29.21 3.71 -32.91
N VAL B 264 29.07 4.70 -32.01
CA VAL B 264 29.91 5.89 -32.06
C VAL B 264 31.37 5.52 -31.86
N SER B 265 31.64 4.48 -31.06
CA SER B 265 33.00 4.02 -30.79
C SER B 265 33.75 3.65 -32.06
N PHE B 266 33.05 3.28 -33.14
CA PHE B 266 33.72 2.84 -34.36
C PHE B 266 34.32 3.99 -35.14
N TRP B 267 34.00 5.24 -34.80
CA TRP B 267 34.60 6.41 -35.42
C TRP B 267 35.60 7.11 -34.50
N ILE B 268 35.76 6.63 -33.28
CA ILE B 268 36.72 7.19 -32.34
C ILE B 268 38.09 6.62 -32.66
N ASN B 269 39.14 7.40 -32.37
CA ASN B 269 40.52 7.01 -32.68
C ASN B 269 40.85 5.65 -32.08
N MET B 270 41.68 4.90 -32.80
CA MET B 270 42.05 3.55 -32.36
C MET B 270 42.80 3.58 -31.02
N ASP B 271 43.69 4.55 -30.84
CA ASP B 271 44.50 4.64 -29.63
C ASP B 271 43.89 5.60 -28.62
N ALA B 272 42.65 5.32 -28.27
CA ALA B 272 41.89 6.08 -27.28
C ALA B 272 41.24 5.13 -26.28
N ALA B 273 42.05 4.22 -25.73
CA ALA B 273 41.57 3.18 -24.83
C ALA B 273 40.73 3.70 -23.66
N PRO B 274 41.13 4.77 -22.94
CA PRO B 274 40.19 5.33 -21.95
C PRO B 274 38.88 5.80 -22.56
N ALA B 275 38.93 6.46 -23.73
CA ALA B 275 37.72 7.01 -24.34
C ALA B 275 36.79 5.91 -24.85
N ARG B 276 37.34 4.93 -25.57
CA ARG B 276 36.49 3.93 -26.20
C ARG B 276 35.97 2.90 -25.20
N VAL B 277 36.81 2.47 -24.26
CA VAL B 277 36.36 1.49 -23.27
C VAL B 277 35.33 2.12 -22.34
N GLY B 278 35.57 3.36 -21.91
CA GLY B 278 34.58 4.08 -21.13
C GLY B 278 33.25 4.20 -21.83
N LEU B 279 33.27 4.48 -23.13
CA LEU B 279 32.03 4.50 -23.91
C LEU B 279 31.37 3.13 -23.92
N GLY B 280 32.17 2.07 -24.09
CA GLY B 280 31.61 0.73 -24.14
C GLY B 280 30.94 0.32 -22.83
N ILE B 281 31.62 0.57 -21.71
CA ILE B 281 31.11 0.14 -20.41
C ILE B 281 29.81 0.86 -20.08
N THR B 282 29.75 2.17 -20.32
CA THR B 282 28.56 2.95 -19.95
C THR B 282 27.33 2.45 -20.69
N THR B 283 27.47 2.13 -21.97
CA THR B 283 26.33 1.65 -22.76
C THR B 283 25.86 0.29 -22.26
N VAL B 284 26.80 -0.65 -22.06
CA VAL B 284 26.44 -2.01 -21.67
C VAL B 284 25.77 -2.02 -20.30
N LEU B 285 26.30 -1.25 -19.35
CA LEU B 285 25.73 -1.26 -18.00
C LEU B 285 24.39 -0.55 -17.96
N THR B 286 24.24 0.53 -18.72
CA THR B 286 22.95 1.22 -18.77
C THR B 286 21.88 0.34 -19.39
N MET B 287 22.24 -0.43 -20.42
CA MET B 287 21.30 -1.33 -21.08
C MET B 287 20.76 -2.38 -20.10
N THR B 288 21.63 -2.93 -19.25
CA THR B 288 21.19 -3.92 -18.27
C THR B 288 20.17 -3.33 -17.30
N THR B 289 20.38 -2.08 -16.88
CA THR B 289 19.40 -1.42 -16.02
C THR B 289 18.06 -1.26 -16.73
N GLN B 290 18.10 -0.92 -18.03
CA GLN B 290 16.87 -0.80 -18.79
C GLN B 290 16.12 -2.13 -18.87
N SER B 291 16.86 -3.23 -19.06
CA SER B 291 16.23 -4.55 -19.01
C SER B 291 15.65 -4.83 -17.63
N SER B 292 16.38 -4.47 -16.57
CA SER B 292 15.88 -4.67 -15.21
C SER B 292 14.67 -3.81 -14.91
N GLY B 293 14.49 -2.71 -15.64
CA GLY B 293 13.31 -1.87 -15.46
C GLY B 293 12.02 -2.58 -15.82
N SER B 294 12.04 -3.40 -16.86
CA SER B 294 10.81 -4.04 -17.34
C SER B 294 10.23 -4.99 -16.31
N ARG B 295 11.06 -5.75 -15.59
CA ARG B 295 10.52 -6.77 -14.70
C ARG B 295 9.74 -6.19 -13.52
N ALA B 296 9.84 -4.87 -13.29
CA ALA B 296 9.23 -4.25 -12.11
C ALA B 296 7.74 -4.57 -12.02
N SER B 297 7.03 -4.43 -13.13
CA SER B 297 5.58 -4.64 -13.13
C SER B 297 5.19 -6.07 -13.41
N LEU B 298 6.02 -6.82 -14.12
CA LEU B 298 5.67 -8.18 -14.51
C LEU B 298 5.72 -9.11 -13.30
N PRO B 299 4.84 -10.10 -13.26
CA PRO B 299 4.97 -11.16 -12.25
C PRO B 299 6.14 -12.07 -12.58
N LYS B 300 6.56 -12.82 -11.55
CA LYS B 300 7.72 -13.69 -11.67
C LYS B 300 7.30 -14.98 -12.36
N VAL B 301 7.64 -15.10 -13.64
CA VAL B 301 7.26 -16.25 -14.45
C VAL B 301 8.52 -16.94 -14.95
N SER B 302 8.40 -18.24 -15.23
CA SER B 302 9.54 -19.07 -15.58
C SER B 302 9.59 -19.41 -17.06
N TYR B 303 8.92 -18.64 -17.90
CA TYR B 303 8.96 -18.84 -19.35
C TYR B 303 9.49 -17.58 -20.03
N VAL B 304 10.14 -17.78 -21.18
CA VAL B 304 10.72 -16.67 -21.92
C VAL B 304 9.61 -15.84 -22.56
N LYS B 305 9.78 -14.53 -22.51
CA LYS B 305 8.83 -13.56 -23.04
C LYS B 305 9.44 -12.92 -24.29
N ALA B 306 8.65 -12.06 -24.94
CA ALA B 306 9.13 -11.48 -26.18
C ALA B 306 10.01 -10.26 -25.92
N ILE B 307 9.81 -9.60 -24.78
CA ILE B 307 10.66 -8.47 -24.40
C ILE B 307 12.03 -8.96 -23.98
N ASP B 308 12.14 -10.24 -23.59
CA ASP B 308 13.43 -10.82 -23.26
C ASP B 308 14.27 -11.05 -24.51
N ILE B 309 13.63 -11.50 -25.60
CA ILE B 309 14.38 -11.77 -26.83
C ILE B 309 14.91 -10.47 -27.41
N TRP B 310 14.18 -9.38 -27.22
CA TRP B 310 14.67 -8.06 -27.65
C TRP B 310 15.83 -7.61 -26.78
N MET B 311 15.66 -7.71 -25.46
CA MET B 311 16.69 -7.24 -24.53
C MET B 311 17.96 -8.07 -24.64
N ALA B 312 17.82 -9.39 -24.85
CA ALA B 312 18.99 -10.25 -24.98
C ALA B 312 19.82 -9.91 -26.20
N VAL B 313 19.16 -9.71 -27.35
CA VAL B 313 19.90 -9.39 -28.58
C VAL B 313 20.54 -8.02 -28.49
N CYS B 314 19.83 -7.05 -27.89
CA CYS B 314 20.40 -5.73 -27.71
C CYS B 314 21.67 -5.77 -26.84
N LEU B 315 21.66 -6.59 -25.78
CA LEU B 315 22.87 -6.78 -24.99
C LEU B 315 23.97 -7.42 -25.80
N LEU B 316 23.63 -8.36 -26.68
CA LEU B 316 24.64 -9.01 -27.51
C LEU B 316 25.36 -8.01 -28.42
N PHE B 317 24.62 -7.07 -29.00
CA PHE B 317 25.21 -6.11 -29.91
C PHE B 317 26.18 -5.16 -29.21
N VAL B 318 25.79 -4.63 -28.05
CA VAL B 318 26.70 -3.76 -27.30
C VAL B 318 27.87 -4.55 -26.74
N PHE B 319 27.60 -5.77 -26.24
CA PHE B 319 28.67 -6.59 -25.68
C PHE B 319 29.68 -6.99 -26.77
N SER B 320 29.20 -7.24 -28.00
CA SER B 320 30.10 -7.60 -29.08
C SER B 320 30.94 -6.41 -29.52
N ALA B 321 30.44 -5.19 -29.31
CA ALA B 321 31.23 -4.00 -29.60
C ALA B 321 32.44 -3.90 -28.67
N LEU B 322 32.27 -4.25 -27.39
CA LEU B 322 33.38 -4.22 -26.45
C LEU B 322 34.48 -5.20 -26.86
N LEU B 323 34.10 -6.41 -27.27
CA LEU B 323 35.08 -7.36 -27.78
C LEU B 323 35.67 -6.91 -29.11
N GLU B 324 34.94 -6.09 -29.87
CA GLU B 324 35.47 -5.59 -31.14
C GLU B 324 36.68 -4.70 -30.89
N TYR B 325 36.59 -3.79 -29.91
CA TYR B 325 37.75 -2.98 -29.58
C TYR B 325 38.83 -3.79 -28.89
N ALA B 326 38.43 -4.79 -28.10
CA ALA B 326 39.41 -5.63 -27.41
C ALA B 326 40.28 -6.40 -28.40
N ALA B 327 39.68 -6.87 -29.50
CA ALA B 327 40.47 -7.52 -30.54
C ALA B 327 41.38 -6.53 -31.25
N VAL B 328 40.86 -5.33 -31.54
CA VAL B 328 41.66 -4.32 -32.24
C VAL B 328 42.85 -3.91 -31.40
N ASN B 329 42.63 -3.70 -30.10
CA ASN B 329 43.73 -3.34 -29.20
C ASN B 329 44.77 -4.46 -29.14
N PHE B 330 44.32 -5.71 -29.02
CA PHE B 330 45.25 -6.82 -28.91
C PHE B 330 46.05 -7.02 -30.20
N ILE B 331 45.39 -6.88 -31.35
CA ILE B 331 46.07 -7.08 -32.63
C ILE B 331 47.12 -6.00 -32.86
N ALA B 332 46.82 -4.77 -32.44
CA ALA B 332 47.74 -3.65 -32.67
C ALA B 332 49.05 -3.87 -31.93
N ARG B 333 48.98 -4.27 -30.66
CA ARG B 333 50.19 -4.45 -29.86
C ARG B 333 50.97 -5.70 -30.25
N GLN B 334 50.37 -6.61 -31.02
CA GLN B 334 51.02 -7.87 -31.36
C GLN B 334 52.32 -7.67 -32.14
N HIS B 335 52.52 -6.49 -32.74
CA HIS B 335 53.71 -6.24 -33.54
C HIS B 335 54.99 -6.38 -32.71
N LYS B 336 54.96 -5.91 -31.47
CA LYS B 336 56.10 -6.06 -30.57
C LYS B 336 56.17 -7.47 -30.02
N VAL B 396 60.92 -7.30 -38.86
CA VAL B 396 61.39 -5.92 -38.98
C VAL B 396 60.20 -4.96 -39.07
N GLU B 397 60.41 -3.83 -39.77
CA GLU B 397 59.37 -2.82 -39.90
C GLU B 397 58.14 -3.31 -40.67
N GLU B 398 58.29 -4.34 -41.51
CA GLU B 398 57.16 -4.84 -42.29
C GLU B 398 56.07 -5.41 -41.41
N MET B 399 56.45 -5.99 -40.26
CA MET B 399 55.46 -6.61 -39.37
C MET B 399 54.47 -5.60 -38.83
N ARG B 400 54.94 -4.42 -38.41
CA ARG B 400 54.04 -3.43 -37.82
C ARG B 400 53.11 -2.83 -38.88
N LYS B 401 53.54 -2.81 -40.14
CA LYS B 401 52.64 -2.40 -41.22
C LYS B 401 51.47 -3.37 -41.36
N LEU B 402 51.76 -4.67 -41.34
CA LEU B 402 50.73 -5.68 -41.51
C LEU B 402 49.70 -5.62 -40.38
N PHE B 403 50.17 -5.65 -39.13
CA PHE B 403 49.26 -5.68 -37.98
C PHE B 403 48.42 -4.41 -37.89
N ILE B 404 49.03 -3.26 -38.15
CA ILE B 404 48.30 -1.99 -38.01
C ILE B 404 47.18 -1.90 -39.04
N SER B 405 47.39 -2.46 -40.25
CA SER B 405 46.35 -2.44 -41.28
C SER B 405 45.17 -3.31 -40.87
N ARG B 406 45.44 -4.46 -40.26
CA ARG B 406 44.37 -5.38 -39.87
C ARG B 406 43.46 -4.74 -38.83
N ALA B 407 44.04 -4.04 -37.85
CA ALA B 407 43.22 -3.38 -36.84
C ALA B 407 42.36 -2.28 -37.44
N LYS B 408 42.91 -1.53 -38.41
CA LYS B 408 42.13 -0.50 -39.08
C LYS B 408 41.04 -1.11 -39.95
N ARG B 409 41.33 -2.24 -40.59
CA ARG B 409 40.35 -2.89 -41.46
C ARG B 409 39.13 -3.36 -40.68
N ILE B 410 39.36 -3.87 -39.46
CA ILE B 410 38.24 -4.37 -38.65
C ILE B 410 37.27 -3.24 -38.33
N ASP B 411 37.79 -2.03 -38.08
CA ASP B 411 36.93 -0.91 -37.72
C ASP B 411 36.08 -0.48 -38.90
N THR B 412 36.66 -0.42 -40.11
CA THR B 412 35.90 -0.04 -41.29
C THR B 412 34.83 -1.08 -41.61
N VAL B 413 35.17 -2.37 -41.50
CA VAL B 413 34.19 -3.43 -41.71
C VAL B 413 33.09 -3.34 -40.67
N SER B 414 33.45 -3.08 -39.41
CA SER B 414 32.46 -2.98 -38.34
C SER B 414 31.49 -1.83 -38.58
N ARG B 415 31.95 -0.75 -39.21
CA ARG B 415 31.10 0.43 -39.40
C ARG B 415 29.89 0.13 -40.27
N VAL B 416 29.99 -0.85 -41.16
CA VAL B 416 28.87 -1.27 -41.99
C VAL B 416 28.25 -2.57 -41.50
N ALA B 417 29.07 -3.48 -40.96
CA ALA B 417 28.56 -4.80 -40.57
C ALA B 417 27.57 -4.69 -39.41
N PHE B 418 27.93 -3.91 -38.38
CA PHE B 418 27.07 -3.80 -37.20
C PHE B 418 25.70 -3.19 -37.51
N PRO B 419 25.59 -2.05 -38.21
CA PRO B 419 24.24 -1.60 -38.60
C PRO B 419 23.49 -2.59 -39.47
N LEU B 420 24.18 -3.27 -40.39
CA LEU B 420 23.50 -4.15 -41.34
C LEU B 420 22.89 -5.35 -40.63
N VAL B 421 23.64 -5.98 -39.71
CA VAL B 421 23.14 -7.18 -39.04
C VAL B 421 21.95 -6.83 -38.15
N PHE B 422 21.99 -5.65 -37.52
CA PHE B 422 20.85 -5.20 -36.72
C PHE B 422 19.61 -5.03 -37.58
N LEU B 423 19.78 -4.53 -38.81
CA LEU B 423 18.65 -4.40 -39.74
C LEU B 423 18.05 -5.75 -40.09
N ILE B 424 18.90 -6.74 -40.36
CA ILE B 424 18.44 -8.10 -40.63
C ILE B 424 17.65 -8.65 -39.45
N PHE B 425 18.19 -8.48 -38.24
CA PHE B 425 17.49 -8.97 -37.05
C PHE B 425 16.15 -8.27 -36.87
N ASN B 426 16.12 -6.94 -37.09
CA ASN B 426 14.89 -6.19 -36.90
C ASN B 426 13.80 -6.66 -37.86
N ILE B 427 14.15 -6.91 -39.11
CA ILE B 427 13.16 -7.36 -40.09
C ILE B 427 12.58 -8.72 -39.69
N PHE B 428 13.46 -9.65 -39.31
CA PHE B 428 13.03 -11.00 -38.94
C PHE B 428 12.20 -10.98 -37.66
N TYR B 429 12.58 -10.16 -36.69
CA TYR B 429 11.89 -10.12 -35.40
C TYR B 429 10.42 -9.74 -35.57
N TRP B 430 10.16 -8.60 -36.19
CA TRP B 430 8.78 -8.11 -36.29
C TRP B 430 7.91 -9.01 -37.17
N ILE B 431 8.42 -9.49 -38.31
CA ILE B 431 7.58 -10.30 -39.18
C ILE B 431 7.22 -11.63 -38.52
N THR B 432 8.17 -12.22 -37.79
CA THR B 432 7.89 -13.45 -37.05
C THR B 432 6.80 -13.22 -36.02
N TYR B 433 6.88 -12.10 -35.30
CA TYR B 433 5.93 -11.81 -34.24
C TYR B 433 4.61 -11.26 -34.79
N LYS B 434 4.61 -10.76 -36.02
CA LYS B 434 3.36 -10.34 -36.65
C LYS B 434 2.52 -11.54 -37.10
N ILE B 435 3.15 -12.55 -37.71
CA ILE B 435 2.39 -13.72 -38.13
C ILE B 435 1.85 -14.48 -36.91
N ILE B 436 2.59 -14.47 -35.80
CA ILE B 436 2.08 -15.10 -34.57
C ILE B 436 0.85 -14.34 -34.08
N ARG B 437 0.92 -13.01 -34.09
CA ARG B 437 -0.20 -12.19 -33.62
C ARG B 437 -1.43 -12.44 -34.49
N SER B 438 -1.23 -12.59 -35.80
CA SER B 438 -2.33 -12.92 -36.70
C SER B 438 -3.01 -14.23 -36.28
N GLU B 439 -2.21 -15.24 -35.95
CA GLU B 439 -2.77 -16.51 -35.50
C GLU B 439 -3.47 -16.35 -34.15
N ASP B 440 -3.04 -15.37 -33.35
CA ASP B 440 -3.69 -15.13 -32.06
C ASP B 440 -5.12 -14.66 -32.26
N ILE B 441 -5.35 -13.82 -33.26
CA ILE B 441 -6.70 -13.37 -33.59
C ILE B 441 -7.57 -14.55 -34.01
N HIS B 442 -6.98 -15.48 -34.77
CA HIS B 442 -7.71 -16.69 -35.14
C HIS B 442 -8.06 -17.51 -33.90
N LYS B 443 -7.11 -17.67 -32.98
CA LYS B 443 -7.37 -18.34 -31.72
C LYS B 443 -8.31 -17.54 -30.82
N GLN B 444 -8.44 -16.23 -31.08
CA GLN B 444 -9.27 -15.31 -30.30
C GLN B 444 -8.83 -15.27 -28.84
N PRO C 31 -47.42 -35.52 0.41
CA PRO C 31 -48.67 -35.43 1.17
C PRO C 31 -48.64 -34.32 2.21
N MET C 32 -47.47 -33.75 2.45
CA MET C 32 -47.29 -32.68 3.41
C MET C 32 -46.78 -31.43 2.71
N PRO C 33 -47.38 -30.27 2.95
CA PRO C 33 -46.84 -29.04 2.37
C PRO C 33 -45.43 -28.79 2.86
N PRO C 34 -44.57 -28.21 2.00
CA PRO C 34 -43.17 -27.97 2.42
C PRO C 34 -43.05 -27.08 3.65
N SER C 35 -43.90 -26.05 3.76
CA SER C 35 -43.83 -25.14 4.91
C SER C 35 -44.09 -25.89 6.21
N GLU C 36 -45.12 -26.74 6.23
CA GLU C 36 -45.49 -27.46 7.44
C GLU C 36 -44.37 -28.38 7.91
N PHE C 37 -43.73 -29.08 6.96
CA PHE C 37 -42.57 -29.90 7.31
C PHE C 37 -41.44 -29.06 7.91
N LEU C 38 -41.23 -27.85 7.37
CA LEU C 38 -40.18 -26.99 7.91
C LEU C 38 -40.47 -26.58 9.34
N ASP C 39 -41.74 -26.42 9.70
CA ASP C 39 -42.09 -26.07 11.08
C ASP C 39 -42.16 -27.29 11.98
N LYS C 40 -42.68 -28.42 11.47
CA LYS C 40 -42.83 -29.62 12.29
C LYS C 40 -41.49 -30.20 12.73
N LEU C 41 -40.45 -29.99 11.93
CA LEU C 41 -39.09 -30.41 12.25
C LEU C 41 -38.27 -29.17 12.56
N MET C 42 -37.47 -29.23 13.63
CA MET C 42 -36.53 -28.21 14.09
C MET C 42 -37.20 -26.86 14.36
N GLY C 43 -38.53 -26.82 14.37
CA GLY C 43 -39.26 -25.60 14.68
C GLY C 43 -39.48 -25.42 16.16
N LYS C 44 -40.14 -24.30 16.50
CA LYS C 44 -40.47 -24.02 17.90
C LYS C 44 -41.36 -25.09 18.48
N VAL C 45 -42.31 -25.61 17.70
CA VAL C 45 -43.15 -26.71 18.17
C VAL C 45 -42.30 -27.97 18.37
N SER C 46 -41.29 -28.16 17.52
CA SER C 46 -40.45 -29.36 17.59
C SER C 46 -39.70 -29.43 18.92
N GLY C 47 -39.17 -28.31 19.38
CA GLY C 47 -38.32 -28.29 20.55
C GLY C 47 -36.87 -28.63 20.28
N TYR C 48 -36.34 -28.16 19.14
CA TYR C 48 -34.93 -28.33 18.81
C TYR C 48 -34.19 -27.06 19.22
N ASP C 49 -33.25 -27.20 20.15
CA ASP C 49 -32.42 -26.10 20.62
C ASP C 49 -31.02 -26.27 20.05
N ALA C 50 -30.64 -25.40 19.11
CA ALA C 50 -29.31 -25.42 18.53
C ALA C 50 -28.21 -25.11 19.56
N ARG C 51 -28.59 -24.65 20.75
CA ARG C 51 -27.61 -24.25 21.76
C ARG C 51 -26.98 -25.46 22.43
N ILE C 52 -27.71 -26.56 22.53
CA ILE C 52 -27.21 -27.80 23.11
C ILE C 52 -26.74 -28.71 21.98
N ARG C 53 -25.54 -29.28 22.13
CA ARG C 53 -24.97 -30.13 21.11
C ARG C 53 -25.71 -31.48 21.07
N PRO C 54 -25.60 -32.19 19.94
CA PRO C 54 -26.19 -33.53 19.86
C PRO C 54 -25.54 -34.49 20.86
N ASN C 55 -26.34 -35.44 21.34
CA ASN C 55 -25.91 -36.46 22.29
C ASN C 55 -25.30 -35.83 23.54
N PHE C 56 -26.10 -34.98 24.19
CA PHE C 56 -25.66 -34.29 25.39
C PHE C 56 -25.40 -35.30 26.50
N LYS C 57 -24.33 -35.04 27.27
CA LYS C 57 -23.89 -35.95 28.34
C LYS C 57 -23.69 -37.37 27.82
N GLY C 58 -23.08 -37.47 26.64
CA GLY C 58 -22.87 -38.73 25.98
C GLY C 58 -21.58 -38.76 25.16
N PRO C 59 -21.51 -39.65 24.18
CA PRO C 59 -20.29 -39.78 23.40
C PRO C 59 -19.98 -38.49 22.65
N PRO C 60 -18.71 -38.23 22.37
CA PRO C 60 -18.35 -37.03 21.59
C PRO C 60 -18.90 -37.03 20.18
N VAL C 61 -19.31 -35.84 19.74
CA VAL C 61 -19.77 -35.64 18.36
C VAL C 61 -18.60 -35.78 17.40
N ASN C 62 -18.77 -36.59 16.36
CA ASN C 62 -17.71 -36.85 15.39
C ASN C 62 -18.01 -36.13 14.09
N VAL C 63 -17.10 -35.26 13.67
CA VAL C 63 -17.32 -34.41 12.50
C VAL C 63 -16.27 -34.77 11.46
N THR C 64 -16.73 -35.07 10.24
CA THR C 64 -15.84 -35.36 9.13
C THR C 64 -15.63 -34.10 8.32
N CYS C 65 -14.43 -33.94 7.76
CA CYS C 65 -14.10 -32.70 7.08
C CYS C 65 -13.57 -32.97 5.67
N ASN C 66 -13.82 -32.01 4.78
CA ASN C 66 -13.34 -32.05 3.40
C ASN C 66 -12.77 -30.69 3.04
N ILE C 67 -11.85 -30.66 2.07
CA ILE C 67 -11.28 -29.41 1.60
C ILE C 67 -11.21 -29.46 0.08
N PHE C 68 -11.87 -28.52 -0.58
CA PHE C 68 -11.73 -28.32 -2.02
C PHE C 68 -11.00 -27.00 -2.24
N ILE C 69 -9.84 -27.05 -2.90
CA ILE C 69 -9.01 -25.86 -3.05
C ILE C 69 -9.46 -25.16 -4.33
N ASN C 70 -10.31 -24.14 -4.16
CA ASN C 70 -10.78 -23.38 -5.33
C ASN C 70 -9.68 -22.51 -5.91
N SER C 71 -8.85 -21.91 -5.06
CA SER C 71 -7.81 -21.00 -5.54
C SER C 71 -6.64 -20.98 -4.57
N PHE C 72 -5.43 -21.18 -5.09
CA PHE C 72 -4.21 -21.17 -4.30
C PHE C 72 -3.25 -20.17 -4.94
N GLY C 73 -2.68 -19.28 -4.13
CA GLY C 73 -1.76 -18.30 -4.67
C GLY C 73 -1.44 -17.22 -3.67
N SER C 74 -0.82 -16.15 -4.18
CA SER C 74 -0.43 -14.97 -3.41
C SER C 74 0.52 -15.32 -2.28
N ILE C 75 1.43 -16.27 -2.54
CA ILE C 75 2.48 -16.60 -1.59
C ILE C 75 3.46 -15.45 -1.52
N ALA C 76 3.64 -14.89 -0.32
CA ALA C 76 4.46 -13.70 -0.13
C ALA C 76 5.58 -14.02 0.86
N GLU C 77 6.82 -13.93 0.39
CA GLU C 77 7.98 -14.21 1.25
C GLU C 77 8.14 -13.15 2.34
N THR C 78 7.90 -11.89 2.01
CA THR C 78 8.15 -10.79 2.94
C THR C 78 7.32 -10.93 4.21
N THR C 79 6.03 -11.22 4.05
CA THR C 79 5.13 -11.38 5.19
C THR C 79 4.94 -12.84 5.59
N MET C 80 5.57 -13.77 4.87
CA MET C 80 5.56 -15.20 5.21
C MET C 80 4.14 -15.74 5.33
N ASP C 81 3.31 -15.44 4.33
CA ASP C 81 1.93 -15.90 4.32
C ASP C 81 1.54 -16.30 2.91
N TYR C 82 0.36 -16.91 2.80
CA TYR C 82 -0.23 -17.23 1.51
C TYR C 82 -1.75 -17.10 1.64
N ARG C 83 -2.41 -16.90 0.51
CA ARG C 83 -3.86 -16.83 0.45
C ARG C 83 -4.43 -18.06 -0.23
N VAL C 84 -5.62 -18.45 0.19
CA VAL C 84 -6.28 -19.64 -0.35
C VAL C 84 -7.78 -19.42 -0.34
N ASN C 85 -8.46 -19.94 -1.36
CA ASN C 85 -9.91 -19.96 -1.42
C ASN C 85 -10.35 -21.42 -1.44
N ILE C 86 -11.19 -21.80 -0.48
CA ILE C 86 -11.54 -23.20 -0.26
C ILE C 86 -13.03 -23.33 0.00
N PHE C 87 -13.53 -24.55 -0.17
CA PHE C 87 -14.85 -24.94 0.30
C PHE C 87 -14.67 -25.93 1.44
N LEU C 88 -15.27 -25.62 2.58
CA LEU C 88 -15.13 -26.44 3.79
C LEU C 88 -16.43 -27.19 4.02
N ARG C 89 -16.38 -28.52 3.93
CA ARG C 89 -17.54 -29.37 4.16
C ARG C 89 -17.36 -30.12 5.46
N GLN C 90 -18.39 -30.07 6.30
CA GLN C 90 -18.41 -30.78 7.58
C GLN C 90 -19.60 -31.71 7.61
N GLN C 91 -19.40 -32.93 8.10
CA GLN C 91 -20.49 -33.88 8.27
C GLN C 91 -20.55 -34.40 9.69
N TRP C 92 -21.73 -34.32 10.30
CA TRP C 92 -21.94 -34.73 11.68
C TRP C 92 -23.35 -35.30 11.79
N ASN C 93 -23.52 -36.34 12.59
CA ASN C 93 -24.79 -37.04 12.70
C ASN C 93 -25.60 -36.43 13.84
N ASP C 94 -26.76 -35.86 13.52
CA ASP C 94 -27.67 -35.34 14.53
C ASP C 94 -28.88 -36.26 14.64
N PRO C 95 -29.05 -36.97 15.76
CA PRO C 95 -30.22 -37.87 15.88
C PRO C 95 -31.55 -37.13 15.85
N ARG C 96 -31.59 -35.91 16.41
CA ARG C 96 -32.85 -35.16 16.47
C ARG C 96 -33.36 -34.82 15.08
N LEU C 97 -32.46 -34.49 14.16
CA LEU C 97 -32.85 -34.04 12.82
C LEU C 97 -33.06 -35.26 11.91
N ALA C 98 -34.08 -36.04 12.25
CA ALA C 98 -34.47 -37.20 11.47
C ALA C 98 -35.92 -37.03 11.01
N TYR C 99 -36.21 -37.54 9.82
CA TYR C 99 -37.52 -37.37 9.22
C TYR C 99 -37.92 -38.63 8.47
N SER C 100 -39.22 -38.97 8.53
CA SER C 100 -39.79 -40.07 7.79
C SER C 100 -40.91 -39.64 6.84
N GLU C 101 -41.37 -38.39 6.92
CA GLU C 101 -42.50 -37.93 6.11
C GLU C 101 -42.16 -37.95 4.63
N TYR C 102 -40.93 -37.57 4.26
CA TYR C 102 -40.62 -37.46 2.84
C TYR C 102 -39.81 -38.66 2.38
N PRO C 103 -40.17 -39.27 1.25
CA PRO C 103 -39.45 -40.47 0.79
C PRO C 103 -38.05 -40.20 0.27
N ASP C 104 -37.72 -38.96 -0.09
CA ASP C 104 -36.41 -38.67 -0.68
C ASP C 104 -35.28 -38.91 0.33
N ASP C 105 -34.16 -39.40 -0.18
CA ASP C 105 -33.00 -39.67 0.67
C ASP C 105 -32.44 -38.38 1.29
N SER C 106 -32.45 -37.28 0.55
CA SER C 106 -31.85 -36.04 1.02
C SER C 106 -32.76 -34.87 0.69
N LEU C 107 -32.45 -33.72 1.29
CA LEU C 107 -33.19 -32.48 1.09
C LEU C 107 -32.21 -31.32 1.04
N ASP C 108 -32.27 -30.55 -0.04
CA ASP C 108 -31.47 -29.33 -0.17
C ASP C 108 -32.20 -28.19 0.52
N LEU C 109 -31.85 -27.92 1.78
CA LEU C 109 -32.50 -26.88 2.54
C LEU C 109 -31.95 -25.50 2.17
N ASP C 110 -32.70 -24.47 2.57
CA ASP C 110 -32.32 -23.10 2.25
C ASP C 110 -31.08 -22.70 3.03
N PRO C 111 -30.14 -21.98 2.41
CA PRO C 111 -28.96 -21.49 3.14
C PRO C 111 -29.29 -20.52 4.27
N SER C 112 -30.38 -19.75 4.16
CA SER C 112 -30.68 -18.73 5.15
C SER C 112 -31.08 -19.30 6.51
N MET C 113 -31.57 -20.53 6.58
CA MET C 113 -32.08 -21.10 7.82
C MET C 113 -31.00 -21.78 8.64
N LEU C 114 -29.73 -21.63 8.25
CA LEU C 114 -28.61 -22.16 9.02
C LEU C 114 -28.51 -21.58 10.42
N ASP C 115 -29.10 -20.40 10.67
CA ASP C 115 -28.92 -19.72 11.94
C ASP C 115 -29.53 -20.47 13.12
N SER C 116 -30.37 -21.48 12.85
CA SER C 116 -30.99 -22.31 13.88
C SER C 116 -30.44 -23.74 13.88
N ILE C 117 -29.31 -23.97 13.20
CA ILE C 117 -28.63 -25.25 13.17
C ILE C 117 -27.49 -25.22 14.15
N TRP C 118 -27.30 -26.32 14.89
CA TRP C 118 -26.08 -26.46 15.66
C TRP C 118 -24.92 -26.76 14.72
N LYS C 119 -23.92 -25.90 14.73
CA LYS C 119 -22.78 -26.03 13.85
C LYS C 119 -21.49 -26.06 14.67
N PRO C 120 -20.61 -27.02 14.44
CA PRO C 120 -19.38 -27.10 15.25
C PRO C 120 -18.51 -25.88 15.03
N ASP C 121 -17.81 -25.48 16.08
CA ASP C 121 -16.88 -24.36 15.96
C ASP C 121 -15.57 -24.85 15.34
N LEU C 122 -15.17 -24.22 14.24
CA LEU C 122 -13.92 -24.55 13.56
C LEU C 122 -13.19 -23.27 13.22
N PHE C 123 -11.97 -23.13 13.72
CA PHE C 123 -11.13 -21.98 13.44
C PHE C 123 -9.73 -22.47 13.09
N PHE C 124 -9.02 -21.65 12.33
CA PHE C 124 -7.71 -22.00 11.78
C PHE C 124 -6.62 -21.42 12.66
N ALA C 125 -5.74 -22.27 13.20
CA ALA C 125 -4.75 -21.77 14.17
C ALA C 125 -3.78 -20.77 13.54
N ASN C 126 -3.45 -20.93 12.27
CA ASN C 126 -2.44 -20.10 11.60
C ASN C 126 -3.05 -19.09 10.63
N GLU C 127 -4.30 -18.67 10.86
CA GLU C 127 -4.97 -17.69 10.02
C GLU C 127 -4.63 -16.25 10.42
N LYS C 128 -4.22 -15.45 9.45
CA LYS C 128 -3.94 -14.06 9.72
C LYS C 128 -5.06 -13.14 9.23
N GLY C 129 -6.10 -13.69 8.62
CA GLY C 129 -7.20 -12.90 8.06
C GLY C 129 -8.20 -13.73 7.27
N ALA C 130 -9.50 -13.55 7.53
CA ALA C 130 -10.50 -14.26 6.75
C ALA C 130 -11.80 -13.47 6.66
N ASN C 131 -12.60 -13.80 5.65
CA ASN C 131 -13.85 -13.13 5.37
C ASN C 131 -14.82 -14.13 4.76
N PHE C 132 -16.11 -13.83 4.84
CA PHE C 132 -17.13 -14.60 4.15
C PHE C 132 -17.35 -13.98 2.78
N HIS C 133 -18.17 -14.62 1.96
CA HIS C 133 -18.43 -14.12 0.63
C HIS C 133 -19.93 -13.87 0.51
N GLU C 134 -20.29 -12.64 0.16
CA GLU C 134 -21.65 -12.16 0.08
C GLU C 134 -21.86 -11.42 -1.23
N VAL C 135 -21.40 -12.01 -2.32
CA VAL C 135 -21.44 -11.33 -3.62
C VAL C 135 -22.88 -11.13 -4.07
N THR C 136 -23.70 -12.17 -4.02
CA THR C 136 -25.11 -11.98 -4.28
C THR C 136 -25.99 -12.53 -3.17
N THR C 137 -25.69 -13.72 -2.65
CA THR C 137 -26.39 -14.30 -1.52
C THR C 137 -25.37 -14.91 -0.57
N ASP C 138 -25.86 -15.61 0.44
CA ASP C 138 -24.98 -16.36 1.34
C ASP C 138 -24.46 -17.60 0.65
N ASN C 139 -23.13 -17.71 0.53
CA ASN C 139 -22.51 -18.83 -0.18
C ASN C 139 -22.31 -19.99 0.79
N LYS C 140 -23.42 -20.69 1.09
CA LYS C 140 -23.39 -21.85 1.96
C LYS C 140 -24.40 -22.89 1.47
N LEU C 141 -24.13 -24.15 1.77
CA LEU C 141 -24.96 -25.27 1.36
C LEU C 141 -25.31 -26.11 2.59
N LEU C 142 -26.58 -26.46 2.73
CA LEU C 142 -27.04 -27.32 3.81
C LEU C 142 -27.85 -28.48 3.23
N ARG C 143 -27.47 -29.70 3.58
CA ARG C 143 -28.17 -30.90 3.15
C ARG C 143 -28.35 -31.84 4.33
N ILE C 144 -29.57 -32.29 4.56
CA ILE C 144 -29.91 -33.14 5.69
C ILE C 144 -30.45 -34.47 5.15
N SER C 145 -29.80 -35.56 5.53
CA SER C 145 -30.18 -36.89 5.09
C SER C 145 -31.18 -37.52 6.06
N LYS C 146 -31.71 -38.68 5.66
CA LYS C 146 -32.75 -39.35 6.45
C LYS C 146 -32.21 -39.80 7.81
N ASN C 147 -30.99 -40.35 7.83
CA ASN C 147 -30.40 -40.86 9.06
C ASN C 147 -30.04 -39.77 10.05
N GLY C 148 -30.13 -38.51 9.65
CA GLY C 148 -29.73 -37.40 10.49
C GLY C 148 -28.39 -36.80 10.17
N ASN C 149 -27.68 -37.33 9.17
CA ASN C 149 -26.42 -36.73 8.74
C ASN C 149 -26.67 -35.34 8.19
N VAL C 150 -25.73 -34.43 8.44
CA VAL C 150 -25.81 -33.05 7.98
C VAL C 150 -24.58 -32.77 7.13
N LEU C 151 -24.78 -32.17 5.96
CA LEU C 151 -23.69 -31.75 5.10
C LEU C 151 -23.76 -30.23 4.99
N TYR C 152 -22.69 -29.56 5.39
CA TYR C 152 -22.69 -28.10 5.55
C TYR C 152 -21.39 -27.57 4.96
N SER C 153 -21.52 -26.79 3.88
CA SER C 153 -20.41 -26.36 3.04
C SER C 153 -20.35 -24.84 3.02
N ILE C 154 -19.14 -24.30 3.12
CA ILE C 154 -18.94 -22.85 3.24
C ILE C 154 -17.84 -22.45 2.27
N ARG C 155 -17.97 -21.26 1.69
CA ARG C 155 -16.91 -20.67 0.87
C ARG C 155 -16.14 -19.67 1.72
N ILE C 156 -14.83 -19.90 1.87
CA ILE C 156 -13.99 -19.09 2.75
C ILE C 156 -12.74 -18.69 1.98
N THR C 157 -12.21 -17.52 2.32
CA THR C 157 -10.91 -17.06 1.84
C THR C 157 -10.01 -16.87 3.05
N LEU C 158 -8.87 -17.53 3.04
CA LEU C 158 -7.99 -17.59 4.21
C LEU C 158 -6.62 -17.03 3.88
N VAL C 159 -6.14 -16.11 4.71
CA VAL C 159 -4.77 -15.62 4.65
C VAL C 159 -4.01 -16.36 5.75
N LEU C 160 -3.47 -17.52 5.40
CA LEU C 160 -2.79 -18.36 6.37
C LEU C 160 -1.31 -18.02 6.44
N ALA C 161 -0.71 -18.29 7.60
CA ALA C 161 0.70 -18.01 7.85
C ALA C 161 1.48 -19.31 7.87
N CYS C 162 2.53 -19.37 7.07
CA CYS C 162 3.39 -20.54 7.01
C CYS C 162 4.84 -20.13 7.29
N PRO C 163 5.52 -20.78 8.23
CA PRO C 163 6.96 -20.50 8.40
C PRO C 163 7.76 -21.11 7.26
N MET C 164 8.75 -20.35 6.79
CA MET C 164 9.52 -20.71 5.61
C MET C 164 11.01 -20.74 5.97
N ASP C 165 11.70 -21.77 5.51
CA ASP C 165 13.10 -21.95 5.91
C ASP C 165 14.01 -20.90 5.28
N LEU C 166 13.98 -20.78 3.95
CA LEU C 166 14.83 -19.88 3.17
C LEU C 166 16.32 -20.14 3.38
N LYS C 167 16.70 -21.32 3.88
CA LYS C 167 18.11 -21.64 4.02
C LYS C 167 18.79 -21.73 2.65
N ASN C 168 18.06 -22.24 1.66
CA ASN C 168 18.53 -22.32 0.27
C ASN C 168 17.48 -21.66 -0.63
N PHE C 169 17.57 -20.33 -0.77
CA PHE C 169 16.51 -19.56 -1.41
C PHE C 169 16.17 -20.08 -2.81
N PRO C 170 17.13 -20.36 -3.69
CA PRO C 170 16.80 -21.16 -4.87
C PRO C 170 16.89 -22.63 -4.55
N MET C 171 16.11 -23.42 -5.29
CA MET C 171 16.10 -24.89 -5.18
C MET C 171 15.57 -25.34 -3.82
N ASP C 172 14.50 -24.69 -3.34
CA ASP C 172 13.92 -25.06 -2.06
C ASP C 172 12.51 -25.62 -2.22
N VAL C 173 12.08 -26.34 -1.19
CA VAL C 173 10.73 -26.87 -1.08
C VAL C 173 10.14 -26.35 0.23
N GLN C 174 8.93 -25.79 0.15
CA GLN C 174 8.31 -25.17 1.31
C GLN C 174 7.05 -25.94 1.67
N THR C 175 6.82 -26.10 2.97
CA THR C 175 5.66 -26.80 3.50
C THR C 175 4.71 -25.81 4.16
N CYS C 176 3.49 -25.72 3.66
CA CYS C 176 2.47 -24.86 4.23
C CYS C 176 1.54 -25.69 5.11
N ILE C 177 0.90 -25.03 6.08
CA ILE C 177 0.15 -25.71 7.12
C ILE C 177 -1.26 -25.13 7.19
N MET C 178 -2.24 -26.02 7.30
CA MET C 178 -3.63 -25.65 7.54
C MET C 178 -4.13 -26.44 8.74
N GLN C 179 -4.46 -25.74 9.82
CA GLN C 179 -4.86 -26.36 11.07
C GLN C 179 -6.34 -26.09 11.32
N LEU C 180 -7.11 -27.15 11.54
CA LEU C 180 -8.55 -27.04 11.80
C LEU C 180 -8.80 -27.54 13.21
N GLU C 181 -9.15 -26.63 14.12
CA GLU C 181 -9.31 -26.96 15.52
C GLU C 181 -10.52 -26.23 16.12
N SER C 182 -10.93 -26.70 17.30
CA SER C 182 -12.09 -26.19 17.99
C SER C 182 -11.67 -25.26 19.12
N PHE C 183 -12.41 -24.15 19.28
CA PHE C 183 -12.09 -23.14 20.28
C PHE C 183 -12.82 -23.34 21.60
N GLY C 184 -14.08 -23.79 21.55
CA GLY C 184 -14.88 -23.85 22.76
C GLY C 184 -15.20 -25.25 23.28
N TYR C 185 -15.13 -26.25 22.42
CA TYR C 185 -15.50 -27.62 22.79
C TYR C 185 -14.26 -28.49 22.89
N THR C 186 -14.17 -29.24 23.99
CA THR C 186 -13.05 -30.14 24.24
C THR C 186 -13.29 -31.49 23.57
N MET C 187 -12.25 -32.33 23.57
CA MET C 187 -12.32 -33.59 22.85
C MET C 187 -13.30 -34.59 23.46
N ASN C 188 -13.69 -34.41 24.73
CA ASN C 188 -14.76 -35.23 25.28
C ASN C 188 -16.10 -34.94 24.61
N ASP C 189 -16.24 -33.78 23.97
CA ASP C 189 -17.48 -33.34 23.34
C ASP C 189 -17.40 -33.32 21.82
N LEU C 190 -16.34 -32.72 21.26
CA LEU C 190 -16.22 -32.55 19.81
C LEU C 190 -14.88 -33.11 19.35
N ILE C 191 -14.91 -34.08 18.44
CA ILE C 191 -13.72 -34.69 17.86
C ILE C 191 -13.74 -34.48 16.35
N PHE C 192 -12.63 -33.98 15.81
CA PHE C 192 -12.51 -33.68 14.39
C PHE C 192 -11.66 -34.75 13.72
N GLU C 193 -12.13 -35.27 12.59
CA GLU C 193 -11.41 -36.28 11.83
C GLU C 193 -11.27 -35.83 10.37
N TRP C 194 -10.50 -36.61 9.61
CA TRP C 194 -10.30 -36.41 8.19
C TRP C 194 -11.06 -37.46 7.41
N ASP C 195 -11.75 -37.02 6.35
CA ASP C 195 -12.53 -37.93 5.52
C ASP C 195 -11.66 -39.02 4.91
N GLU C 196 -12.20 -40.25 4.87
CA GLU C 196 -11.41 -41.40 4.44
C GLU C 196 -10.99 -41.26 2.98
N LYS C 197 -11.89 -40.81 2.11
CA LYS C 197 -11.63 -40.68 0.68
C LYS C 197 -11.74 -39.21 0.26
N GLY C 198 -10.70 -38.72 -0.42
CA GLY C 198 -10.67 -37.36 -0.90
C GLY C 198 -10.71 -36.28 0.16
N ALA C 199 -9.73 -36.25 1.05
CA ALA C 199 -9.66 -35.18 2.05
C ALA C 199 -9.49 -33.82 1.39
N VAL C 200 -8.38 -33.65 0.67
CA VAL C 200 -8.08 -32.42 -0.06
C VAL C 200 -8.25 -32.67 -1.54
N GLN C 201 -9.03 -31.84 -2.21
CA GLN C 201 -9.34 -32.00 -3.63
C GLN C 201 -8.99 -30.72 -4.36
N VAL C 202 -7.98 -30.78 -5.22
CA VAL C 202 -7.53 -29.60 -5.96
C VAL C 202 -8.41 -29.42 -7.20
N ALA C 203 -8.47 -28.19 -7.70
CA ALA C 203 -9.25 -27.87 -8.88
C ALA C 203 -8.60 -28.46 -10.13
N ASP C 204 -9.23 -28.23 -11.29
CA ASP C 204 -8.76 -28.83 -12.53
C ASP C 204 -7.40 -28.26 -12.95
N GLY C 205 -7.27 -26.94 -12.93
CA GLY C 205 -6.02 -26.30 -13.29
C GLY C 205 -5.23 -25.87 -12.07
N LEU C 206 -5.35 -24.59 -11.71
CA LEU C 206 -4.70 -24.01 -10.53
C LEU C 206 -3.18 -24.16 -10.61
N THR C 207 -2.61 -23.79 -11.76
CA THR C 207 -1.16 -23.78 -11.92
C THR C 207 -0.60 -22.51 -11.31
N LEU C 208 0.19 -22.65 -10.26
CA LEU C 208 0.80 -21.49 -9.63
C LEU C 208 1.91 -20.92 -10.50
N PRO C 209 2.03 -19.58 -10.57
CA PRO C 209 3.08 -19.00 -11.43
C PRO C 209 4.48 -19.28 -10.94
N GLN C 210 4.72 -19.22 -9.62
CA GLN C 210 6.06 -19.33 -9.09
C GLN C 210 6.33 -20.65 -8.39
N PHE C 211 5.33 -21.51 -8.21
CA PHE C 211 5.50 -22.73 -7.43
C PHE C 211 4.83 -23.90 -8.14
N ILE C 212 5.27 -25.10 -7.78
CA ILE C 212 4.68 -26.35 -8.26
C ILE C 212 4.12 -27.09 -7.06
N LEU C 213 2.83 -27.38 -7.09
CA LEU C 213 2.14 -28.05 -5.99
C LEU C 213 2.21 -29.56 -6.17
N LYS C 214 2.82 -30.25 -5.22
CA LYS C 214 2.96 -31.70 -5.31
C LYS C 214 1.62 -32.38 -5.08
N GLU C 215 1.44 -33.53 -5.72
CA GLU C 215 0.18 -34.26 -5.60
C GLU C 215 -0.02 -34.81 -4.19
N GLU C 216 1.05 -35.36 -3.59
CA GLU C 216 0.93 -35.98 -2.28
C GLU C 216 0.78 -34.91 -1.20
N LYS C 217 -0.25 -35.06 -0.37
CA LYS C 217 -0.52 -34.15 0.73
C LYS C 217 -0.57 -34.93 2.05
N ASP C 218 0.19 -34.46 3.03
CA ASP C 218 0.28 -35.14 4.32
C ASP C 218 -0.89 -34.74 5.22
N LEU C 219 -1.54 -35.74 5.81
CA LEU C 219 -2.62 -35.51 6.76
C LEU C 219 -2.20 -36.08 8.11
N ARG C 220 -2.18 -35.22 9.13
CA ARG C 220 -1.66 -35.59 10.44
C ARG C 220 -2.60 -35.10 11.53
N TYR C 221 -2.43 -35.68 12.71
CA TYR C 221 -3.12 -35.22 13.92
C TYR C 221 -2.14 -34.47 14.80
N CYS C 222 -2.53 -33.27 15.22
CA CYS C 222 -1.73 -32.46 16.15
C CYS C 222 -2.64 -31.93 17.24
N THR C 223 -2.87 -32.73 18.27
CA THR C 223 -3.79 -32.35 19.34
C THR C 223 -3.17 -31.25 20.18
N LYS C 224 -3.98 -30.25 20.54
CA LYS C 224 -3.53 -29.09 21.29
C LYS C 224 -3.92 -29.22 22.76
N HIS C 225 -2.99 -28.85 23.64
CA HIS C 225 -3.21 -28.87 25.08
C HIS C 225 -3.02 -27.47 25.64
N TYR C 226 -4.03 -26.98 26.36
CA TYR C 226 -3.99 -25.67 27.00
C TYR C 226 -4.44 -25.81 28.45
N ASN C 227 -4.24 -24.74 29.22
CA ASN C 227 -4.73 -24.72 30.59
C ASN C 227 -6.24 -24.88 30.65
N THR C 228 -6.95 -24.34 29.65
CA THR C 228 -8.40 -24.50 29.60
C THR C 228 -8.80 -25.97 29.41
N GLY C 229 -8.05 -26.69 28.59
CA GLY C 229 -8.31 -28.10 28.41
C GLY C 229 -7.64 -28.61 27.13
N LYS C 230 -8.04 -29.82 26.75
CA LYS C 230 -7.54 -30.49 25.55
C LYS C 230 -8.54 -30.29 24.41
N PHE C 231 -8.03 -29.87 23.26
CA PHE C 231 -8.86 -29.56 22.11
C PHE C 231 -8.39 -30.31 20.87
N THR C 232 -9.33 -30.77 20.07
CA THR C 232 -9.03 -31.55 18.87
C THR C 232 -8.49 -30.64 17.77
N CYS C 233 -7.70 -31.24 16.87
CA CYS C 233 -7.13 -30.49 15.76
C CYS C 233 -6.67 -31.48 14.68
N ILE C 234 -6.84 -31.07 13.43
CA ILE C 234 -6.40 -31.84 12.27
C ILE C 234 -5.61 -30.93 11.36
N GLU C 235 -4.58 -31.49 10.72
CA GLU C 235 -3.63 -30.71 9.94
C GLU C 235 -3.44 -31.30 8.55
N ALA C 236 -3.32 -30.42 7.56
CA ALA C 236 -3.05 -30.81 6.18
C ALA C 236 -1.85 -30.02 5.68
N ARG C 237 -0.83 -30.73 5.20
CA ARG C 237 0.42 -30.10 4.77
C ARG C 237 0.55 -30.17 3.26
N PHE C 238 0.94 -29.04 2.66
CA PHE C 238 1.13 -28.92 1.22
C PHE C 238 2.60 -28.65 0.92
N HIS C 239 3.13 -29.32 -0.09
CA HIS C 239 4.52 -29.16 -0.49
C HIS C 239 4.58 -28.36 -1.77
N LEU C 240 5.34 -27.27 -1.76
CA LEU C 240 5.48 -26.37 -2.89
C LEU C 240 6.94 -26.28 -3.30
N GLU C 241 7.21 -26.54 -4.58
CA GLU C 241 8.56 -26.50 -5.14
C GLU C 241 8.69 -25.26 -6.00
N ARG C 242 9.73 -24.47 -5.72
CA ARG C 242 9.90 -23.20 -6.42
C ARG C 242 10.41 -23.43 -7.84
N GLN C 243 9.83 -22.69 -8.79
CA GLN C 243 10.26 -22.78 -10.18
C GLN C 243 11.55 -21.99 -10.39
N MET C 244 12.52 -22.64 -11.03
CA MET C 244 13.86 -22.08 -11.18
C MET C 244 14.04 -21.25 -12.45
N GLY C 245 13.05 -21.22 -13.34
CA GLY C 245 13.21 -20.55 -14.62
C GLY C 245 13.43 -19.05 -14.48
N TYR C 246 12.64 -18.39 -13.62
CA TYR C 246 12.73 -16.95 -13.49
C TYR C 246 14.07 -16.52 -12.92
N TYR C 247 14.57 -17.24 -11.91
CA TYR C 247 15.81 -16.84 -11.24
C TYR C 247 17.02 -17.03 -12.16
N LEU C 248 17.01 -18.08 -12.99
CA LEU C 248 18.11 -18.29 -13.93
C LEU C 248 18.20 -17.13 -14.92
N ILE C 249 17.06 -16.74 -15.50
CA ILE C 249 17.08 -15.72 -16.53
C ILE C 249 17.42 -14.35 -15.95
N GLN C 250 16.86 -14.01 -14.79
CA GLN C 250 16.95 -12.64 -14.30
C GLN C 250 17.97 -12.42 -13.20
N MET C 251 18.53 -13.47 -12.61
CA MET C 251 19.53 -13.30 -11.56
C MET C 251 20.88 -13.91 -11.89
N TYR C 252 20.92 -15.20 -12.22
CA TYR C 252 22.20 -15.86 -12.45
C TYR C 252 22.86 -15.38 -13.73
N ILE C 253 22.10 -15.29 -14.82
CA ILE C 253 22.68 -14.86 -16.09
C ILE C 253 23.18 -13.42 -16.04
N PRO C 254 22.46 -12.45 -15.44
CA PRO C 254 23.06 -11.11 -15.29
C PRO C 254 24.36 -11.11 -14.51
N SER C 255 24.43 -11.92 -13.45
CA SER C 255 25.67 -12.01 -12.67
C SER C 255 26.79 -12.60 -13.50
N LEU C 256 26.48 -13.60 -14.33
CA LEU C 256 27.49 -14.23 -15.18
C LEU C 256 28.07 -13.24 -16.19
N LEU C 257 27.22 -12.33 -16.69
CA LEU C 257 27.68 -11.37 -17.69
C LEU C 257 28.76 -10.44 -17.14
N ILE C 258 28.58 -9.96 -15.91
CA ILE C 258 29.56 -9.04 -15.31
C ILE C 258 30.88 -9.75 -15.07
N VAL C 259 30.84 -11.01 -14.64
CA VAL C 259 32.08 -11.76 -14.41
C VAL C 259 32.85 -11.91 -15.73
N ILE C 260 32.16 -12.24 -16.81
CA ILE C 260 32.80 -12.34 -18.13
C ILE C 260 33.31 -10.96 -18.55
N LEU C 261 32.51 -9.92 -18.31
CA LEU C 261 32.91 -8.56 -18.65
C LEU C 261 34.22 -8.17 -17.97
N SER C 262 34.42 -8.65 -16.74
CA SER C 262 35.65 -8.35 -16.01
C SER C 262 36.87 -8.93 -16.72
N TRP C 263 36.73 -10.15 -17.26
CA TRP C 263 37.86 -10.82 -17.91
C TRP C 263 38.36 -10.09 -19.15
N VAL C 264 37.55 -9.17 -19.69
CA VAL C 264 37.98 -8.37 -20.84
C VAL C 264 39.21 -7.53 -20.51
N SER C 265 39.42 -7.24 -19.22
CA SER C 265 40.55 -6.41 -18.80
C SER C 265 41.89 -7.08 -19.04
N PHE C 266 41.91 -8.40 -19.25
CA PHE C 266 43.16 -9.13 -19.43
C PHE C 266 43.65 -9.11 -20.87
N TRP C 267 42.97 -8.37 -21.74
CA TRP C 267 43.43 -8.17 -23.11
C TRP C 267 43.70 -6.72 -23.44
N ILE C 268 43.30 -5.78 -22.57
CA ILE C 268 43.60 -4.37 -22.77
C ILE C 268 45.08 -4.10 -22.47
N ASN C 269 45.56 -2.94 -22.92
CA ASN C 269 46.97 -2.61 -22.81
C ASN C 269 47.39 -2.55 -21.34
N MET C 270 48.62 -3.00 -21.06
CA MET C 270 49.12 -3.03 -19.69
C MET C 270 49.27 -1.64 -19.10
N ASP C 271 49.63 -0.65 -19.91
CA ASP C 271 49.88 0.70 -19.42
C ASP C 271 48.65 1.60 -19.52
N ALA C 272 47.49 1.04 -19.88
CA ALA C 272 46.26 1.82 -20.03
C ALA C 272 45.53 1.88 -18.69
N ALA C 273 46.08 2.68 -17.79
CA ALA C 273 45.55 2.76 -16.42
C ALA C 273 44.11 3.25 -16.35
N PRO C 274 43.70 4.36 -17.00
CA PRO C 274 42.29 4.77 -16.88
C PRO C 274 41.30 3.74 -17.38
N ALA C 275 41.61 3.06 -18.49
CA ALA C 275 40.68 2.10 -19.07
C ALA C 275 40.50 0.87 -18.18
N ARG C 276 41.61 0.25 -17.76
CA ARG C 276 41.51 -0.99 -17.01
C ARG C 276 40.96 -0.76 -15.59
N VAL C 277 41.42 0.28 -14.91
CA VAL C 277 40.88 0.60 -13.59
C VAL C 277 39.41 1.00 -13.72
N GLY C 278 39.07 1.77 -14.75
CA GLY C 278 37.67 2.12 -14.98
C GLY C 278 36.80 0.90 -15.23
N LEU C 279 37.32 -0.05 -16.02
CA LEU C 279 36.61 -1.31 -16.23
C LEU C 279 36.44 -2.09 -14.93
N GLY C 280 37.49 -2.15 -14.12
CA GLY C 280 37.43 -2.94 -12.90
C GLY C 280 36.41 -2.40 -11.91
N ILE C 281 36.40 -1.08 -11.71
CA ILE C 281 35.53 -0.47 -10.71
C ILE C 281 34.07 -0.61 -11.12
N THR C 282 33.75 -0.36 -12.39
CA THR C 282 32.36 -0.39 -12.84
C THR C 282 31.76 -1.79 -12.72
N THR C 283 32.58 -2.83 -12.90
CA THR C 283 32.09 -4.19 -12.77
C THR C 283 31.83 -4.55 -11.31
N VAL C 284 32.75 -4.19 -10.41
CA VAL C 284 32.59 -4.53 -9.00
C VAL C 284 31.38 -3.80 -8.41
N LEU C 285 31.23 -2.51 -8.71
CA LEU C 285 30.11 -1.73 -8.17
C LEU C 285 28.78 -2.25 -8.69
N THR C 286 28.74 -2.70 -9.95
CA THR C 286 27.51 -3.24 -10.51
C THR C 286 27.06 -4.49 -9.77
N MET C 287 28.01 -5.34 -9.38
CA MET C 287 27.67 -6.55 -8.63
C MET C 287 27.04 -6.20 -7.29
N THR C 288 27.53 -5.14 -6.63
CA THR C 288 26.95 -4.75 -5.35
C THR C 288 25.49 -4.32 -5.51
N THR C 289 25.19 -3.59 -6.59
CA THR C 289 23.81 -3.18 -6.82
C THR C 289 22.93 -4.35 -7.23
N GLN C 290 23.52 -5.35 -7.90
CA GLN C 290 22.75 -6.54 -8.25
C GLN C 290 22.41 -7.37 -7.02
N SER C 291 23.38 -7.51 -6.11
CA SER C 291 23.12 -8.22 -4.85
C SER C 291 22.09 -7.48 -4.01
N SER C 292 22.19 -6.14 -3.96
CA SER C 292 21.24 -5.34 -3.19
C SER C 292 19.83 -5.48 -3.75
N GLY C 293 19.70 -5.60 -5.07
CA GLY C 293 18.39 -5.75 -5.67
C GLY C 293 17.70 -7.04 -5.22
N SER C 294 18.47 -8.13 -5.11
CA SER C 294 17.89 -9.43 -4.77
C SER C 294 17.28 -9.44 -3.38
N ARG C 295 17.94 -8.83 -2.39
CA ARG C 295 17.47 -8.89 -1.02
C ARG C 295 16.16 -8.16 -0.81
N ALA C 296 15.78 -7.26 -1.72
CA ALA C 296 14.60 -6.43 -1.52
C ALA C 296 13.34 -7.27 -1.37
N SER C 297 13.16 -8.27 -2.25
CA SER C 297 11.95 -9.08 -2.23
C SER C 297 11.94 -10.08 -1.08
N LEU C 298 13.05 -10.22 -0.34
CA LEU C 298 13.19 -11.24 0.68
C LEU C 298 13.01 -10.64 2.08
N PRO C 299 12.58 -11.45 3.05
CA PRO C 299 12.52 -10.96 4.43
C PRO C 299 13.91 -10.82 5.03
N LYS C 300 13.98 -10.09 6.15
CA LYS C 300 15.25 -9.75 6.79
C LYS C 300 15.72 -10.88 7.71
N VAL C 301 15.95 -12.04 7.10
CA VAL C 301 16.43 -13.20 7.86
C VAL C 301 17.91 -13.01 8.21
N SER C 302 18.35 -13.76 9.21
CA SER C 302 19.69 -13.63 9.75
C SER C 302 20.51 -14.91 9.55
N TYR C 303 20.33 -15.56 8.41
CA TYR C 303 21.14 -16.69 8.03
C TYR C 303 21.53 -16.55 6.56
N VAL C 304 22.55 -17.30 6.16
CA VAL C 304 23.13 -17.18 4.82
C VAL C 304 22.34 -18.07 3.85
N LYS C 305 21.76 -17.46 2.83
CA LYS C 305 20.99 -18.16 1.83
C LYS C 305 21.89 -18.67 0.70
N ALA C 306 21.33 -19.53 -0.14
CA ALA C 306 22.08 -20.08 -1.26
C ALA C 306 22.50 -18.99 -2.24
N ILE C 307 21.63 -18.00 -2.47
CA ILE C 307 21.94 -16.92 -3.40
C ILE C 307 23.11 -16.09 -2.88
N ASP C 308 23.26 -15.98 -1.55
CA ASP C 308 24.35 -15.21 -0.98
C ASP C 308 25.71 -15.82 -1.35
N ILE C 309 25.80 -17.15 -1.32
CA ILE C 309 27.07 -17.82 -1.64
C ILE C 309 27.46 -17.56 -3.09
N TRP C 310 26.47 -17.59 -4.00
CA TRP C 310 26.75 -17.30 -5.40
C TRP C 310 27.25 -15.87 -5.58
N MET C 311 26.51 -14.90 -5.05
CA MET C 311 26.88 -13.50 -5.23
C MET C 311 28.22 -13.18 -4.59
N ALA C 312 28.51 -13.77 -3.43
CA ALA C 312 29.79 -13.54 -2.75
C ALA C 312 30.95 -14.07 -3.59
N VAL C 313 30.83 -15.27 -4.12
CA VAL C 313 31.92 -15.85 -4.91
C VAL C 313 32.10 -15.07 -6.21
N CYS C 314 31.00 -14.69 -6.86
CA CYS C 314 31.09 -13.86 -8.05
C CYS C 314 31.72 -12.51 -7.72
N LEU C 315 31.35 -11.92 -6.59
CA LEU C 315 31.96 -10.67 -6.16
C LEU C 315 33.44 -10.87 -5.84
N LEU C 316 33.81 -12.04 -5.30
CA LEU C 316 35.22 -12.33 -5.06
C LEU C 316 36.00 -12.40 -6.35
N PHE C 317 35.43 -13.01 -7.39
CA PHE C 317 36.12 -13.14 -8.67
C PHE C 317 36.38 -11.78 -9.31
N VAL C 318 35.34 -10.95 -9.40
CA VAL C 318 35.48 -9.64 -10.03
C VAL C 318 36.43 -8.76 -9.22
N PHE C 319 36.38 -8.86 -7.89
CA PHE C 319 37.30 -8.09 -7.05
C PHE C 319 38.74 -8.53 -7.25
N SER C 320 38.97 -9.84 -7.42
CA SER C 320 40.32 -10.34 -7.65
C SER C 320 40.89 -9.83 -8.96
N ALA C 321 40.04 -9.56 -9.94
CA ALA C 321 40.50 -8.97 -11.20
C ALA C 321 41.14 -7.60 -10.97
N LEU C 322 40.51 -6.78 -10.12
CA LEU C 322 41.07 -5.47 -9.81
C LEU C 322 42.43 -5.59 -9.13
N LEU C 323 42.57 -6.57 -8.23
CA LEU C 323 43.86 -6.83 -7.59
C LEU C 323 44.91 -7.27 -8.59
N GLU C 324 44.50 -7.96 -9.66
CA GLU C 324 45.45 -8.40 -10.68
C GLU C 324 46.10 -7.22 -11.38
N TYR C 325 45.31 -6.20 -11.72
CA TYR C 325 45.90 -5.00 -12.32
C TYR C 325 46.79 -4.26 -11.33
N ALA C 326 46.41 -4.24 -10.05
CA ALA C 326 47.23 -3.55 -9.05
C ALA C 326 48.62 -4.17 -8.98
N ALA C 327 48.70 -5.50 -9.00
CA ALA C 327 49.99 -6.18 -8.93
C ALA C 327 50.84 -5.87 -10.16
N VAL C 328 50.26 -5.96 -11.36
CA VAL C 328 51.05 -5.76 -12.58
C VAL C 328 51.48 -4.30 -12.71
N ASN C 329 50.65 -3.36 -12.26
CA ASN C 329 51.04 -1.95 -12.28
C ASN C 329 52.24 -1.70 -11.39
N PHE C 330 52.22 -2.28 -10.18
CA PHE C 330 53.35 -2.11 -9.25
C PHE C 330 54.62 -2.76 -9.80
N ILE C 331 54.50 -3.98 -10.33
CA ILE C 331 55.67 -4.70 -10.84
C ILE C 331 56.27 -3.97 -12.04
N ALA C 332 55.42 -3.40 -12.90
CA ALA C 332 55.91 -2.76 -14.12
C ALA C 332 56.83 -1.57 -13.80
N ARG C 333 56.41 -0.72 -12.86
CA ARG C 333 57.21 0.46 -12.53
C ARG C 333 58.27 0.17 -11.49
N GLN C 334 58.34 -1.07 -10.98
CA GLN C 334 59.31 -1.41 -9.93
C GLN C 334 60.74 -1.22 -10.40
N HIS C 335 60.98 -1.34 -11.71
CA HIS C 335 62.34 -1.21 -12.25
C HIS C 335 62.93 0.16 -11.95
N LYS C 336 62.13 1.21 -12.07
CA LYS C 336 62.64 2.57 -11.83
C LYS C 336 63.07 2.74 -10.38
N GLU C 337 62.31 2.19 -9.44
CA GLU C 337 62.65 2.25 -8.02
C GLU C 337 63.96 1.55 -7.72
N VAL C 396 71.39 -2.70 -15.10
CA VAL C 396 70.39 -1.65 -15.17
C VAL C 396 69.23 -2.08 -16.06
N GLU C 397 69.51 -2.20 -17.37
CA GLU C 397 68.49 -2.64 -18.32
C GLU C 397 68.01 -4.06 -18.04
N GLU C 398 68.89 -4.92 -17.51
CA GLU C 398 68.52 -6.31 -17.27
C GLU C 398 67.36 -6.44 -16.29
N MET C 399 67.39 -5.65 -15.21
CA MET C 399 66.28 -5.67 -14.26
C MET C 399 64.98 -5.18 -14.91
N ARG C 400 65.07 -4.15 -15.76
CA ARG C 400 63.89 -3.61 -16.41
C ARG C 400 63.20 -4.66 -17.28
N LYS C 401 63.97 -5.42 -18.06
CA LYS C 401 63.38 -6.44 -18.91
C LYS C 401 62.73 -7.55 -18.08
N LEU C 402 63.39 -7.95 -17.00
CA LEU C 402 62.85 -9.03 -16.16
C LEU C 402 61.51 -8.65 -15.55
N PHE C 403 61.40 -7.42 -15.04
CA PHE C 403 60.16 -6.97 -14.41
C PHE C 403 59.01 -6.93 -15.42
N ILE C 404 59.27 -6.39 -16.62
CA ILE C 404 58.24 -6.33 -17.65
C ILE C 404 57.83 -7.73 -18.08
N SER C 405 58.79 -8.63 -18.23
CA SER C 405 58.48 -10.03 -18.53
C SER C 405 57.69 -10.67 -17.39
N ARG C 406 58.07 -10.35 -16.14
CA ARG C 406 57.30 -10.81 -14.99
C ARG C 406 55.88 -10.26 -15.03
N ALA C 407 55.73 -8.99 -15.40
CA ALA C 407 54.40 -8.38 -15.48
C ALA C 407 53.54 -9.05 -16.55
N LYS C 408 54.15 -9.39 -17.70
CA LYS C 408 53.38 -9.94 -18.81
C LYS C 408 52.91 -11.36 -18.52
N ARG C 409 53.72 -12.14 -17.80
CA ARG C 409 53.33 -13.51 -17.48
C ARG C 409 52.11 -13.55 -16.56
N ILE C 410 51.90 -12.50 -15.76
CA ILE C 410 50.69 -12.43 -14.95
C ILE C 410 49.45 -12.36 -15.84
N ASP C 411 49.52 -11.56 -16.90
CA ASP C 411 48.38 -11.42 -17.81
C ASP C 411 48.08 -12.71 -18.54
N THR C 412 49.12 -13.42 -19.01
CA THR C 412 48.91 -14.65 -19.77
C THR C 412 48.19 -15.71 -18.93
N VAL C 413 48.71 -15.96 -17.73
CA VAL C 413 48.11 -16.98 -16.87
C VAL C 413 46.71 -16.55 -16.43
N SER C 414 46.51 -15.25 -16.16
CA SER C 414 45.22 -14.78 -15.66
C SER C 414 44.09 -15.01 -16.66
N ARG C 415 44.35 -14.75 -17.94
CA ARG C 415 43.27 -14.87 -18.93
C ARG C 415 42.87 -16.32 -19.16
N VAL C 416 43.67 -17.28 -18.72
CA VAL C 416 43.32 -18.69 -18.79
C VAL C 416 42.78 -19.18 -17.45
N ALA C 417 43.44 -18.81 -16.35
CA ALA C 417 43.06 -19.34 -15.05
C ALA C 417 41.69 -18.83 -14.62
N PHE C 418 41.42 -17.54 -14.81
CA PHE C 418 40.17 -16.95 -14.32
C PHE C 418 38.94 -17.61 -14.94
N PRO C 419 38.84 -17.81 -16.26
CA PRO C 419 37.71 -18.63 -16.76
C PRO C 419 37.69 -20.02 -16.16
N LEU C 420 38.84 -20.70 -16.15
CA LEU C 420 38.88 -22.10 -15.73
C LEU C 420 38.50 -22.26 -14.26
N VAL C 421 39.00 -21.40 -13.39
CA VAL C 421 38.65 -21.49 -11.97
C VAL C 421 37.16 -21.23 -11.76
N PHE C 422 36.59 -20.27 -12.52
CA PHE C 422 35.15 -20.05 -12.42
C PHE C 422 34.39 -21.28 -12.89
N LEU C 423 34.89 -21.95 -13.94
CA LEU C 423 34.25 -23.16 -14.44
C LEU C 423 34.23 -24.23 -13.37
N ILE C 424 35.37 -24.40 -12.68
CA ILE C 424 35.50 -25.39 -11.62
C ILE C 424 34.55 -25.08 -10.47
N PHE C 425 34.42 -23.80 -10.13
CA PHE C 425 33.47 -23.38 -9.09
C PHE C 425 32.04 -23.73 -9.45
N ASN C 426 31.65 -23.50 -10.70
CA ASN C 426 30.29 -23.77 -11.15
C ASN C 426 29.93 -25.25 -11.03
N ILE C 427 30.84 -26.15 -11.40
CA ILE C 427 30.58 -27.58 -11.24
C ILE C 427 30.32 -27.93 -9.77
N PHE C 428 31.17 -27.45 -8.85
CA PHE C 428 30.97 -27.77 -7.44
C PHE C 428 29.67 -27.18 -6.90
N TYR C 429 29.37 -25.93 -7.27
CA TYR C 429 28.19 -25.26 -6.72
C TYR C 429 26.90 -25.97 -7.11
N TRP C 430 26.73 -26.28 -8.39
CA TRP C 430 25.48 -26.89 -8.84
C TRP C 430 25.33 -28.32 -8.36
N ILE C 431 26.42 -29.11 -8.40
CA ILE C 431 26.32 -30.53 -8.07
C ILE C 431 25.93 -30.73 -6.60
N THR C 432 26.55 -29.96 -5.70
CA THR C 432 26.23 -30.11 -4.27
C THR C 432 24.78 -29.74 -3.99
N TYR C 433 24.28 -28.67 -4.60
CA TYR C 433 22.92 -28.23 -4.30
C TYR C 433 21.89 -29.19 -4.88
N LYS C 434 22.22 -29.92 -5.94
CA LYS C 434 21.31 -30.92 -6.48
C LYS C 434 21.20 -32.13 -5.58
N ILE C 435 22.33 -32.64 -5.09
CA ILE C 435 22.28 -33.78 -4.17
C ILE C 435 21.62 -33.38 -2.85
N ILE C 436 21.84 -32.14 -2.40
CA ILE C 436 21.17 -31.63 -1.21
C ILE C 436 19.66 -31.57 -1.45
N ARG C 437 19.26 -31.06 -2.61
CA ARG C 437 17.84 -30.97 -2.95
C ARG C 437 17.21 -32.35 -3.07
N SER C 438 17.93 -33.31 -3.66
CA SER C 438 17.39 -34.65 -3.85
C SER C 438 17.12 -35.33 -2.52
N GLU C 439 18.05 -35.19 -1.57
CA GLU C 439 17.80 -35.73 -0.23
C GLU C 439 16.64 -35.02 0.45
N ASP C 440 16.55 -33.70 0.27
CA ASP C 440 15.41 -32.95 0.79
C ASP C 440 14.12 -33.36 0.11
N ILE C 441 14.18 -33.73 -1.18
CA ILE C 441 13.00 -34.18 -1.89
C ILE C 441 12.44 -35.45 -1.25
N HIS C 442 13.32 -36.35 -0.80
CA HIS C 442 12.87 -37.52 -0.06
C HIS C 442 12.20 -37.12 1.24
N LYS C 443 12.78 -36.14 1.95
CA LYS C 443 12.15 -35.63 3.16
C LYS C 443 10.82 -34.95 2.85
N GLN C 444 10.75 -34.22 1.75
CA GLN C 444 9.53 -33.53 1.36
C GLN C 444 8.69 -34.40 0.42
N PRO D 31 -31.16 -35.52 36.12
CA PRO D 31 -32.17 -35.83 35.11
C PRO D 31 -32.85 -34.57 34.58
N MET D 32 -32.35 -33.41 34.98
CA MET D 32 -32.91 -32.15 34.51
C MET D 32 -32.67 -32.00 33.02
N PRO D 33 -33.69 -31.66 32.24
CA PRO D 33 -33.50 -31.40 30.80
C PRO D 33 -32.50 -30.30 30.56
N PRO D 34 -31.69 -30.40 29.50
CA PRO D 34 -30.67 -29.36 29.28
C PRO D 34 -31.28 -28.04 28.85
N SER D 35 -32.28 -28.07 27.97
CA SER D 35 -32.88 -26.83 27.47
C SER D 35 -33.61 -26.08 28.57
N GLU D 36 -34.35 -26.81 29.41
CA GLU D 36 -35.11 -26.21 30.51
C GLU D 36 -34.19 -25.59 31.55
N PHE D 37 -33.09 -26.29 31.86
CA PHE D 37 -32.14 -25.78 32.85
C PHE D 37 -31.51 -24.47 32.38
N LEU D 38 -31.22 -24.35 31.08
CA LEU D 38 -30.56 -23.16 30.57
C LEU D 38 -31.44 -21.91 30.68
N ASP D 39 -32.76 -22.06 30.87
CA ASP D 39 -33.62 -20.91 31.13
C ASP D 39 -33.78 -20.60 32.62
N LYS D 40 -33.50 -21.56 33.50
CA LYS D 40 -33.57 -21.30 34.94
C LYS D 40 -32.51 -20.32 35.39
N LEU D 41 -31.35 -20.34 34.76
CA LEU D 41 -30.38 -19.27 34.81
C LEU D 41 -30.39 -18.53 33.48
N MET D 42 -29.89 -17.28 33.51
CA MET D 42 -29.79 -16.40 32.30
C MET D 42 -31.09 -16.33 31.51
N GLY D 43 -32.21 -16.16 32.19
CA GLY D 43 -33.51 -16.11 31.55
C GLY D 43 -34.41 -15.03 32.12
N LYS D 44 -35.57 -14.87 31.46
CA LYS D 44 -36.58 -13.93 31.96
C LYS D 44 -37.11 -14.36 33.31
N VAL D 45 -37.35 -15.66 33.50
CA VAL D 45 -37.77 -16.18 34.81
C VAL D 45 -36.70 -15.93 35.85
N SER D 46 -35.44 -16.04 35.45
CA SER D 46 -34.31 -15.90 36.38
C SER D 46 -34.33 -14.54 37.08
N GLY D 47 -34.49 -13.46 36.31
CA GLY D 47 -34.32 -12.13 36.85
C GLY D 47 -32.89 -11.65 36.86
N TYR D 48 -32.01 -12.28 36.08
CA TYR D 48 -30.63 -11.83 35.95
C TYR D 48 -30.56 -10.65 35.00
N ASP D 49 -30.05 -9.53 35.49
CA ASP D 49 -29.86 -8.33 34.68
C ASP D 49 -28.38 -8.20 34.36
N ALA D 50 -28.03 -8.42 33.09
CA ALA D 50 -26.64 -8.25 32.65
C ALA D 50 -26.16 -6.81 32.78
N ARG D 51 -27.08 -5.84 32.84
CA ARG D 51 -26.69 -4.44 32.96
C ARG D 51 -26.05 -4.15 34.31
N ILE D 52 -26.53 -4.79 35.36
CA ILE D 52 -26.05 -4.52 36.72
C ILE D 52 -24.89 -5.46 37.03
N ARG D 53 -23.79 -4.89 37.50
CA ARG D 53 -22.60 -5.67 37.80
C ARG D 53 -22.82 -6.57 39.01
N PRO D 54 -22.06 -7.67 39.12
CA PRO D 54 -22.17 -8.53 40.29
C PRO D 54 -21.77 -7.80 41.56
N ASN D 55 -22.45 -8.15 42.66
CA ASN D 55 -22.20 -7.57 43.98
C ASN D 55 -22.37 -6.04 43.93
N PHE D 56 -23.55 -5.62 43.50
CA PHE D 56 -23.85 -4.20 43.37
C PHE D 56 -23.85 -3.53 44.74
N LYS D 57 -23.40 -2.27 44.77
CA LYS D 57 -23.22 -1.49 45.99
C LYS D 57 -22.44 -2.29 47.04
N GLY D 58 -21.21 -2.65 46.67
CA GLY D 58 -20.39 -3.51 47.50
C GLY D 58 -18.94 -3.56 47.06
N PRO D 59 -18.23 -4.59 47.52
CA PRO D 59 -16.80 -4.68 47.21
C PRO D 59 -16.56 -4.76 45.72
N PRO D 60 -15.39 -4.32 45.26
CA PRO D 60 -15.07 -4.40 43.82
C PRO D 60 -14.99 -5.84 43.34
N VAL D 61 -15.33 -6.04 42.07
CA VAL D 61 -15.21 -7.34 41.42
C VAL D 61 -13.74 -7.60 41.11
N ASN D 62 -13.28 -8.81 41.44
CA ASN D 62 -11.89 -9.20 41.24
C ASN D 62 -11.80 -10.02 39.95
N VAL D 63 -11.08 -9.50 38.96
CA VAL D 63 -10.94 -10.15 37.66
C VAL D 63 -9.49 -10.53 37.45
N THR D 64 -9.24 -11.83 37.26
CA THR D 64 -7.91 -12.34 36.94
C THR D 64 -7.84 -12.59 35.44
N CYS D 65 -6.76 -12.14 34.82
CA CYS D 65 -6.62 -12.22 33.37
C CYS D 65 -5.38 -12.98 32.95
N ASN D 66 -5.49 -13.73 31.86
CA ASN D 66 -4.38 -14.43 31.24
C ASN D 66 -4.39 -14.14 29.74
N ILE D 67 -3.20 -14.18 29.13
CA ILE D 67 -3.08 -14.08 27.69
C ILE D 67 -2.22 -15.23 27.18
N PHE D 68 -2.56 -15.74 26.00
CA PHE D 68 -1.79 -16.78 25.33
C PHE D 68 -1.24 -16.18 24.04
N ILE D 69 0.08 -16.22 23.88
CA ILE D 69 0.72 -15.57 22.73
C ILE D 69 0.72 -16.58 21.59
N ASN D 70 -0.24 -16.44 20.67
CA ASN D 70 -0.37 -17.41 19.59
C ASN D 70 0.51 -17.11 18.39
N SER D 71 0.84 -15.83 18.17
CA SER D 71 1.67 -15.44 17.04
C SER D 71 2.22 -14.04 17.30
N PHE D 72 3.51 -13.86 17.07
CA PHE D 72 4.16 -12.57 17.27
C PHE D 72 4.96 -12.24 16.02
N GLY D 73 4.88 -10.98 15.58
CA GLY D 73 5.55 -10.59 14.36
C GLY D 73 5.04 -9.25 13.88
N SER D 74 5.38 -8.95 12.61
CA SER D 74 4.96 -7.73 11.92
C SER D 74 5.44 -6.46 12.63
N ILE D 75 6.60 -6.57 13.29
CA ILE D 75 7.23 -5.40 13.89
C ILE D 75 7.68 -4.44 12.80
N ALA D 76 7.29 -3.18 12.91
CA ALA D 76 7.55 -2.19 11.87
C ALA D 76 8.14 -0.95 12.52
N GLU D 77 9.41 -0.67 12.21
CA GLU D 77 10.09 0.50 12.77
C GLU D 77 9.47 1.80 12.28
N THR D 78 9.09 1.85 11.00
CA THR D 78 8.62 3.09 10.38
C THR D 78 7.37 3.63 11.08
N THR D 79 6.44 2.74 11.42
CA THR D 79 5.20 3.13 12.08
C THR D 79 5.24 2.91 13.59
N MET D 80 6.31 2.28 14.08
CA MET D 80 6.51 2.04 15.51
C MET D 80 5.36 1.25 16.14
N ASP D 81 5.03 0.12 15.52
CA ASP D 81 3.98 -0.75 16.06
C ASP D 81 4.33 -2.20 15.75
N TYR D 82 3.57 -3.10 16.38
CA TYR D 82 3.69 -4.53 16.14
C TYR D 82 2.30 -5.14 16.24
N ARG D 83 2.16 -6.34 15.67
CA ARG D 83 0.89 -7.04 15.64
C ARG D 83 1.02 -8.37 16.37
N VAL D 84 0.02 -8.69 17.19
CA VAL D 84 0.01 -9.90 17.98
C VAL D 84 -1.39 -10.52 17.93
N ASN D 85 -1.46 -11.84 17.91
CA ASN D 85 -2.70 -12.58 18.03
C ASN D 85 -2.67 -13.32 19.36
N ILE D 86 -3.68 -13.09 20.20
CA ILE D 86 -3.69 -13.59 21.56
C ILE D 86 -5.05 -14.19 21.88
N PHE D 87 -5.07 -15.01 22.93
CA PHE D 87 -6.30 -15.47 23.57
C PHE D 87 -6.38 -14.79 24.93
N LEU D 88 -7.46 -14.04 25.15
CA LEU D 88 -7.63 -13.30 26.39
C LEU D 88 -8.65 -14.02 27.26
N ARG D 89 -8.19 -14.52 28.41
CA ARG D 89 -9.05 -15.18 29.38
C ARG D 89 -9.26 -14.29 30.60
N GLN D 90 -10.47 -14.32 31.13
CA GLN D 90 -10.85 -13.55 32.31
C GLN D 90 -11.61 -14.44 33.27
N GLN D 91 -11.39 -14.26 34.56
CA GLN D 91 -12.13 -14.99 35.58
C GLN D 91 -12.62 -14.04 36.67
N TRP D 92 -13.93 -14.09 36.94
CA TRP D 92 -14.55 -13.33 38.00
C TRP D 92 -15.67 -14.18 38.60
N ASN D 93 -15.97 -13.93 39.88
CA ASN D 93 -16.95 -14.72 40.61
C ASN D 93 -18.30 -14.02 40.58
N ASP D 94 -19.28 -14.65 39.93
CA ASP D 94 -20.63 -14.13 39.89
C ASP D 94 -21.52 -14.94 40.82
N PRO D 95 -21.95 -14.40 41.96
CA PRO D 95 -22.78 -15.19 42.88
C PRO D 95 -24.09 -15.66 42.26
N ARG D 96 -24.70 -14.83 41.41
CA ARG D 96 -25.99 -15.18 40.80
C ARG D 96 -25.90 -16.45 39.96
N LEU D 97 -24.78 -16.65 39.28
CA LEU D 97 -24.63 -17.81 38.40
C LEU D 97 -24.21 -19.05 39.19
N ALA D 98 -24.98 -19.40 40.21
CA ALA D 98 -24.72 -20.56 41.05
C ALA D 98 -25.78 -21.62 40.79
N TYR D 99 -25.34 -22.84 40.48
CA TYR D 99 -26.23 -23.93 40.13
C TYR D 99 -25.95 -25.14 41.02
N SER D 100 -27.00 -25.91 41.29
CA SER D 100 -26.90 -27.09 42.12
C SER D 100 -27.58 -28.32 41.54
N GLU D 101 -28.42 -28.17 40.51
CA GLU D 101 -29.12 -29.32 39.95
C GLU D 101 -28.15 -30.26 39.25
N TYR D 102 -27.22 -29.73 38.45
CA TYR D 102 -26.30 -30.58 37.71
C TYR D 102 -25.08 -30.89 38.57
N PRO D 103 -24.64 -32.15 38.64
CA PRO D 103 -23.52 -32.51 39.51
C PRO D 103 -22.14 -32.26 38.91
N ASP D 104 -22.12 -31.71 37.70
CA ASP D 104 -20.84 -31.47 37.00
C ASP D 104 -20.09 -30.34 37.70
N ASP D 105 -18.77 -30.46 37.84
CA ASP D 105 -17.96 -29.40 38.47
C ASP D 105 -18.04 -28.13 37.64
N SER D 106 -17.99 -28.25 36.31
CA SER D 106 -18.08 -27.08 35.41
C SER D 106 -19.06 -27.42 34.29
N LEU D 107 -19.66 -26.41 33.68
CA LEU D 107 -20.58 -26.67 32.55
C LEU D 107 -20.13 -25.83 31.36
N ASP D 108 -19.44 -26.44 30.39
CA ASP D 108 -19.13 -25.62 29.19
C ASP D 108 -20.45 -25.24 28.55
N LEU D 109 -20.60 -23.99 28.12
CA LEU D 109 -21.89 -23.51 27.56
C LEU D 109 -21.64 -23.00 26.15
N ASP D 110 -22.70 -22.85 25.36
CA ASP D 110 -22.56 -22.36 23.97
C ASP D 110 -22.00 -20.94 24.00
N PRO D 111 -21.10 -20.57 23.07
CA PRO D 111 -20.57 -19.22 23.02
C PRO D 111 -21.64 -18.13 22.83
N SER D 112 -22.76 -18.45 22.20
CA SER D 112 -23.81 -17.44 21.93
C SER D 112 -24.36 -16.90 23.24
N MET D 113 -24.31 -17.68 24.31
CA MET D 113 -24.91 -17.27 25.60
C MET D 113 -24.18 -16.04 26.16
N LEU D 114 -22.99 -15.73 25.68
CA LEU D 114 -22.18 -14.64 26.28
C LEU D 114 -22.91 -13.30 26.23
N ASP D 115 -23.88 -13.17 25.34
CA ASP D 115 -24.64 -11.91 25.23
C ASP D 115 -25.47 -11.66 26.49
N SER D 116 -25.80 -12.68 27.27
CA SER D 116 -26.71 -12.47 28.41
C SER D 116 -25.98 -12.36 29.74
N ILE D 117 -24.66 -12.20 29.74
CA ILE D 117 -23.89 -12.18 31.01
C ILE D 117 -23.12 -10.88 31.12
N TRP D 118 -23.03 -10.26 32.29
CA TRP D 118 -22.20 -9.09 32.56
C TRP D 118 -20.73 -9.40 32.28
N LYS D 119 -20.11 -8.57 31.45
CA LYS D 119 -18.72 -8.76 31.09
C LYS D 119 -17.98 -7.46 31.33
N PRO D 120 -16.80 -7.49 31.93
CA PRO D 120 -16.08 -6.24 32.20
C PRO D 120 -15.63 -5.56 30.92
N ASP D 121 -15.60 -4.23 30.95
CA ASP D 121 -15.27 -3.44 29.77
C ASP D 121 -13.75 -3.23 29.71
N LEU D 122 -13.04 -4.32 29.41
CA LEU D 122 -11.60 -4.23 29.22
C LEU D 122 -11.27 -3.65 27.86
N PHE D 123 -10.22 -2.84 27.80
CA PHE D 123 -9.74 -2.33 26.52
C PHE D 123 -8.25 -2.04 26.64
N PHE D 124 -7.60 -1.87 25.50
CA PHE D 124 -6.15 -1.70 25.42
C PHE D 124 -5.82 -0.23 25.14
N ALA D 125 -4.97 0.37 25.97
CA ALA D 125 -4.68 1.80 25.82
C ALA D 125 -3.71 2.12 24.68
N ASN D 126 -2.81 1.19 24.34
CA ASN D 126 -1.80 1.39 23.30
C ASN D 126 -2.24 0.81 21.96
N GLU D 127 -3.45 0.28 21.90
CA GLU D 127 -4.01 -0.39 20.73
C GLU D 127 -4.28 0.58 19.58
N LYS D 128 -3.84 0.25 18.38
CA LYS D 128 -4.13 1.11 17.19
C LYS D 128 -5.30 0.50 16.43
N GLY D 129 -5.31 -0.82 16.25
CA GLY D 129 -6.43 -1.52 15.59
C GLY D 129 -6.57 -2.94 16.11
N ALA D 130 -7.79 -3.39 16.37
CA ALA D 130 -8.04 -4.76 16.87
C ALA D 130 -9.34 -5.26 16.25
N ASN D 131 -9.51 -6.57 16.20
CA ASN D 131 -10.72 -7.08 15.52
C ASN D 131 -11.09 -8.44 16.06
N PHE D 132 -12.33 -8.86 15.82
CA PHE D 132 -12.63 -10.21 16.25
C PHE D 132 -12.52 -11.16 15.06
N HIS D 133 -12.58 -12.46 15.34
CA HIS D 133 -12.44 -13.46 14.29
C HIS D 133 -13.74 -14.25 14.19
N GLU D 134 -14.33 -14.23 13.00
CA GLU D 134 -15.58 -14.91 12.68
C GLU D 134 -15.40 -15.80 11.45
N VAL D 135 -14.36 -16.64 11.48
CA VAL D 135 -14.02 -17.44 10.29
C VAL D 135 -15.13 -18.45 9.99
N THR D 136 -15.59 -19.17 11.01
CA THR D 136 -16.78 -20.00 10.85
C THR D 136 -17.80 -19.74 11.94
N THR D 137 -17.34 -19.53 13.18
CA THR D 137 -18.20 -19.20 14.31
C THR D 137 -17.45 -18.19 15.15
N ASP D 138 -18.12 -17.57 16.12
CA ASP D 138 -17.45 -16.67 17.04
C ASP D 138 -16.46 -17.45 17.88
N ASN D 139 -15.20 -16.98 17.91
CA ASN D 139 -14.13 -17.67 18.62
C ASN D 139 -14.15 -17.24 20.09
N LYS D 140 -15.09 -17.82 20.84
CA LYS D 140 -15.26 -17.49 22.25
C LYS D 140 -15.54 -18.77 23.02
N LEU D 141 -15.23 -18.73 24.32
CA LEU D 141 -15.37 -19.89 25.19
C LEU D 141 -15.86 -19.43 26.56
N LEU D 142 -16.96 -20.03 27.03
CA LEU D 142 -17.50 -19.74 28.35
C LEU D 142 -17.61 -21.02 29.17
N ARG D 143 -17.07 -20.99 30.38
CA ARG D 143 -17.14 -22.11 31.30
C ARG D 143 -17.55 -21.58 32.67
N ILE D 144 -18.55 -22.21 33.26
CA ILE D 144 -19.12 -21.77 34.54
C ILE D 144 -18.99 -22.91 35.55
N SER D 145 -18.45 -22.58 36.71
CA SER D 145 -18.28 -23.55 37.79
C SER D 145 -19.44 -23.44 38.79
N LYS D 146 -19.48 -24.40 39.71
CA LYS D 146 -20.59 -24.49 40.66
C LYS D 146 -20.63 -23.27 41.59
N ASN D 147 -19.46 -22.82 42.06
CA ASN D 147 -19.42 -21.67 42.95
C ASN D 147 -19.93 -20.41 42.26
N GLY D 148 -19.82 -20.33 40.95
CA GLY D 148 -20.22 -19.15 40.21
C GLY D 148 -19.10 -18.49 39.44
N ASN D 149 -17.93 -19.11 39.43
CA ASN D 149 -16.82 -18.59 38.64
C ASN D 149 -17.16 -18.64 37.16
N VAL D 150 -16.59 -17.71 36.40
CA VAL D 150 -16.82 -17.58 34.98
C VAL D 150 -15.48 -17.52 34.27
N LEU D 151 -15.35 -18.27 33.18
CA LEU D 151 -14.16 -18.22 32.33
C LEU D 151 -14.60 -17.75 30.94
N TYR D 152 -13.93 -16.70 30.44
CA TYR D 152 -14.38 -16.04 29.22
C TYR D 152 -13.15 -15.77 28.35
N SER D 153 -12.93 -16.62 27.36
CA SER D 153 -11.75 -16.58 26.51
C SER D 153 -12.12 -16.05 25.13
N ILE D 154 -11.37 -15.07 24.64
CA ILE D 154 -11.69 -14.42 23.38
C ILE D 154 -10.44 -14.48 22.51
N ARG D 155 -10.61 -14.69 21.21
CA ARG D 155 -9.49 -14.61 20.28
C ARG D 155 -9.46 -13.23 19.63
N ILE D 156 -8.36 -12.50 19.84
CA ILE D 156 -8.23 -11.13 19.36
C ILE D 156 -6.89 -10.98 18.64
N THR D 157 -6.84 -10.09 17.65
CA THR D 157 -5.59 -9.74 16.99
C THR D 157 -5.45 -8.22 17.09
N LEU D 158 -4.34 -7.77 17.68
CA LEU D 158 -4.18 -6.35 17.95
C LEU D 158 -2.87 -5.80 17.39
N VAL D 159 -2.95 -4.64 16.75
CA VAL D 159 -1.75 -3.94 16.31
C VAL D 159 -1.45 -2.93 17.42
N LEU D 160 -0.38 -3.17 18.17
CA LEU D 160 -0.10 -2.36 19.36
C LEU D 160 1.01 -1.35 19.08
N ALA D 161 0.85 -0.15 19.64
CA ALA D 161 1.85 0.89 19.45
C ALA D 161 2.98 0.69 20.45
N CYS D 162 4.21 0.77 19.96
CA CYS D 162 5.39 0.67 20.81
C CYS D 162 6.35 1.80 20.50
N PRO D 163 6.55 2.76 21.41
CA PRO D 163 7.61 3.75 21.20
C PRO D 163 8.95 3.06 21.24
N MET D 164 9.87 3.51 20.37
CA MET D 164 11.16 2.85 20.23
C MET D 164 12.28 3.85 20.41
N ASP D 165 13.36 3.40 21.04
CA ASP D 165 14.59 4.18 21.18
C ASP D 165 15.62 3.57 20.24
N LEU D 166 16.07 4.35 19.27
CA LEU D 166 16.97 3.86 18.22
C LEU D 166 18.35 4.49 18.30
N LYS D 167 18.84 4.71 19.52
CA LYS D 167 20.21 5.23 19.68
C LYS D 167 21.22 4.26 19.09
N ASN D 168 20.98 2.96 19.24
CA ASN D 168 21.73 1.90 18.58
C ASN D 168 20.76 1.17 17.66
N PHE D 169 20.84 1.44 16.36
CA PHE D 169 19.85 0.87 15.44
C PHE D 169 19.93 -0.66 15.39
N PRO D 170 21.08 -1.30 15.16
CA PRO D 170 21.20 -2.72 15.47
C PRO D 170 21.46 -2.88 16.96
N MET D 171 21.63 -4.14 17.39
CA MET D 171 22.13 -4.51 18.72
C MET D 171 21.49 -3.71 19.86
N ASP D 172 20.18 -3.56 19.81
CA ASP D 172 19.41 -2.88 20.84
C ASP D 172 18.39 -3.83 21.42
N VAL D 173 17.85 -3.43 22.56
CA VAL D 173 16.78 -4.17 23.23
C VAL D 173 15.56 -3.25 23.29
N GLN D 174 14.46 -3.70 22.74
CA GLN D 174 13.23 -2.92 22.66
C GLN D 174 12.20 -3.53 23.59
N THR D 175 11.54 -2.69 24.37
CA THR D 175 10.49 -3.12 25.29
C THR D 175 9.14 -2.80 24.70
N CYS D 176 8.31 -3.82 24.50
CA CYS D 176 6.96 -3.68 23.98
C CYS D 176 5.99 -3.94 25.11
N ILE D 177 5.02 -3.05 25.28
CA ILE D 177 4.11 -3.11 26.42
C ILE D 177 2.71 -3.44 25.95
N MET D 178 1.93 -4.03 26.85
CA MET D 178 0.51 -4.30 26.64
C MET D 178 -0.23 -3.79 27.86
N GLN D 179 -1.17 -2.88 27.64
CA GLN D 179 -1.90 -2.21 28.72
C GLN D 179 -3.37 -2.59 28.66
N LEU D 180 -3.88 -3.16 29.75
CA LEU D 180 -5.26 -3.61 29.83
C LEU D 180 -5.97 -2.81 30.92
N GLU D 181 -6.92 -1.96 30.53
CA GLU D 181 -7.59 -1.07 31.46
C GLU D 181 -9.08 -1.03 31.16
N SER D 182 -9.83 -0.47 32.11
CA SER D 182 -11.28 -0.36 32.03
C SER D 182 -11.68 1.07 31.65
N PHE D 183 -12.59 1.19 30.68
CA PHE D 183 -13.06 2.50 30.23
C PHE D 183 -14.12 3.09 31.15
N GLY D 184 -15.13 2.31 31.50
CA GLY D 184 -16.28 2.88 32.18
C GLY D 184 -16.44 2.56 33.66
N TYR D 185 -15.69 1.59 34.17
CA TYR D 185 -15.81 1.18 35.56
C TYR D 185 -14.60 1.65 36.35
N THR D 186 -14.85 2.34 37.45
CA THR D 186 -13.80 2.91 38.29
C THR D 186 -13.25 1.85 39.25
N MET D 187 -12.25 2.26 40.03
CA MET D 187 -11.60 1.35 40.96
C MET D 187 -12.50 0.90 42.10
N ASN D 188 -13.61 1.60 42.33
CA ASN D 188 -14.57 1.17 43.35
C ASN D 188 -15.37 -0.04 42.89
N ASP D 189 -15.57 -0.20 41.58
CA ASP D 189 -16.41 -1.26 41.04
C ASP D 189 -15.61 -2.40 40.43
N LEU D 190 -14.62 -2.09 39.58
CA LEU D 190 -13.87 -3.10 38.85
C LEU D 190 -12.38 -2.90 39.06
N ILE D 191 -11.70 -3.93 39.55
CA ILE D 191 -10.26 -3.93 39.72
C ILE D 191 -9.69 -5.12 38.96
N PHE D 192 -8.63 -4.88 38.19
CA PHE D 192 -8.00 -5.92 37.40
C PHE D 192 -6.74 -6.43 38.09
N GLU D 193 -6.54 -7.74 38.05
CA GLU D 193 -5.38 -8.38 38.66
C GLU D 193 -4.81 -9.39 37.69
N TRP D 194 -3.50 -9.62 37.79
CA TRP D 194 -2.87 -10.70 37.04
C TRP D 194 -2.98 -12.02 37.80
N ASP D 195 -2.96 -13.12 37.06
CA ASP D 195 -3.06 -14.44 37.66
C ASP D 195 -1.73 -14.82 38.29
N GLU D 196 -1.81 -15.55 39.41
CA GLU D 196 -0.58 -15.87 40.15
C GLU D 196 0.35 -16.75 39.33
N LYS D 197 -0.18 -17.73 38.63
CA LYS D 197 0.61 -18.70 37.87
C LYS D 197 0.32 -18.54 36.39
N GLY D 198 1.37 -18.51 35.57
CA GLY D 198 1.23 -18.46 34.12
C GLY D 198 0.36 -17.33 33.61
N ALA D 199 0.68 -16.09 34.00
CA ALA D 199 -0.07 -14.95 33.48
C ALA D 199 0.08 -14.81 31.97
N VAL D 200 1.29 -14.96 31.45
CA VAL D 200 1.53 -14.95 30.00
C VAL D 200 2.16 -16.25 29.56
N GLN D 201 1.51 -16.94 28.62
CA GLN D 201 1.97 -18.22 28.09
C GLN D 201 2.21 -18.05 26.59
N VAL D 202 3.35 -18.53 26.11
CA VAL D 202 3.71 -18.34 24.71
C VAL D 202 3.49 -19.65 23.97
N ALA D 203 3.16 -19.58 22.69
CA ALA D 203 2.93 -20.77 21.89
C ALA D 203 4.22 -21.55 21.70
N ASP D 204 4.08 -22.86 21.55
CA ASP D 204 5.26 -23.72 21.41
C ASP D 204 5.93 -23.46 20.05
N GLY D 205 7.24 -23.23 20.08
CA GLY D 205 7.98 -23.05 18.85
C GLY D 205 7.82 -21.73 18.16
N LEU D 206 7.32 -20.71 18.86
CA LEU D 206 7.22 -19.38 18.28
C LEU D 206 8.62 -18.79 18.09
N THR D 207 8.90 -18.34 16.87
CA THR D 207 10.21 -17.81 16.50
C THR D 207 10.02 -16.56 15.66
N LEU D 208 10.42 -15.41 16.21
CA LEU D 208 10.41 -14.18 15.43
C LEU D 208 11.56 -14.20 14.42
N PRO D 209 11.33 -13.68 13.20
CA PRO D 209 12.40 -13.78 12.19
C PRO D 209 13.59 -12.88 12.45
N GLN D 210 13.37 -11.67 12.95
CA GLN D 210 14.46 -10.72 13.15
C GLN D 210 14.65 -10.32 14.60
N PHE D 211 13.91 -10.92 15.53
CA PHE D 211 14.02 -10.58 16.95
C PHE D 211 14.06 -11.85 17.77
N ILE D 212 14.55 -11.73 19.01
CA ILE D 212 14.56 -12.82 19.97
C ILE D 212 13.76 -12.37 21.19
N LEU D 213 12.74 -13.14 21.55
CA LEU D 213 11.88 -12.82 22.68
C LEU D 213 12.43 -13.46 23.95
N LYS D 214 12.65 -12.64 24.97
CA LYS D 214 13.18 -13.14 26.23
C LYS D 214 12.09 -13.88 27.01
N GLU D 215 12.52 -14.83 27.83
CA GLU D 215 11.60 -15.67 28.58
C GLU D 215 11.17 -15.06 29.90
N GLU D 216 11.67 -13.89 30.26
CA GLU D 216 11.27 -13.18 31.47
C GLU D 216 10.41 -11.98 31.09
N LYS D 217 9.19 -11.94 31.61
CA LYS D 217 8.23 -10.88 31.31
C LYS D 217 7.82 -10.18 32.60
N ASP D 218 7.96 -8.86 32.63
CA ASP D 218 7.69 -8.07 33.83
C ASP D 218 6.21 -7.74 33.90
N LEU D 219 5.56 -8.12 35.00
CA LEU D 219 4.15 -7.86 35.23
C LEU D 219 4.03 -6.82 36.34
N ARG D 220 3.59 -5.62 35.99
CA ARG D 220 3.53 -4.51 36.92
C ARG D 220 2.15 -3.87 36.89
N TYR D 221 1.95 -2.87 37.74
CA TYR D 221 0.69 -2.15 37.87
C TYR D 221 0.93 -0.70 37.49
N CYS D 222 0.03 -0.14 36.65
CA CYS D 222 0.08 1.28 36.29
C CYS D 222 -1.34 1.85 36.32
N THR D 223 -1.79 2.24 37.51
CA THR D 223 -3.16 2.74 37.64
C THR D 223 -3.26 4.14 37.03
N LYS D 224 -4.38 4.39 36.36
CA LYS D 224 -4.56 5.62 35.59
C LYS D 224 -5.49 6.56 36.33
N HIS D 225 -5.18 7.86 36.27
CA HIS D 225 -6.00 8.90 36.84
C HIS D 225 -6.40 9.88 35.73
N TYR D 226 -7.70 10.05 35.53
CA TYR D 226 -8.23 10.98 34.55
C TYR D 226 -9.17 11.96 35.25
N ASN D 227 -9.71 12.90 34.46
CA ASN D 227 -10.67 13.85 34.99
C ASN D 227 -11.93 13.13 35.49
N THR D 228 -12.29 12.02 34.86
CA THR D 228 -13.51 11.31 35.19
C THR D 228 -13.34 10.34 36.36
N GLY D 229 -12.13 10.15 36.86
CA GLY D 229 -11.91 9.31 38.01
C GLY D 229 -10.67 8.47 37.83
N LYS D 230 -10.59 7.41 38.64
CA LYS D 230 -9.48 6.47 38.65
C LYS D 230 -9.93 5.15 38.07
N PHE D 231 -9.06 4.52 37.26
CA PHE D 231 -9.40 3.30 36.55
C PHE D 231 -8.27 2.29 36.68
N THR D 232 -8.65 1.02 36.82
CA THR D 232 -7.67 -0.06 36.97
C THR D 232 -6.95 -0.31 35.65
N CYS D 233 -5.65 -0.62 35.75
CA CYS D 233 -4.86 -0.98 34.58
C CYS D 233 -3.73 -1.89 35.00
N ILE D 234 -3.47 -2.91 34.18
CA ILE D 234 -2.38 -3.84 34.37
C ILE D 234 -1.55 -3.90 33.10
N GLU D 235 -0.23 -3.99 33.25
CA GLU D 235 0.69 -3.89 32.13
C GLU D 235 1.65 -5.07 32.12
N ALA D 236 1.91 -5.60 30.93
CA ALA D 236 2.90 -6.66 30.72
C ALA D 236 3.83 -6.22 29.61
N ARG D 237 5.13 -6.22 29.89
CA ARG D 237 6.14 -5.76 28.95
C ARG D 237 7.00 -6.92 28.47
N PHE D 238 7.36 -6.88 27.19
CA PHE D 238 8.17 -7.92 26.56
C PHE D 238 9.50 -7.32 26.12
N HIS D 239 10.59 -8.03 26.37
CA HIS D 239 11.93 -7.58 26.01
C HIS D 239 12.36 -8.29 24.73
N LEU D 240 12.58 -7.53 23.68
CA LEU D 240 12.94 -8.05 22.37
C LEU D 240 14.36 -7.61 22.00
N GLU D 241 15.19 -8.56 21.58
CA GLU D 241 16.59 -8.30 21.24
C GLU D 241 16.81 -8.53 19.76
N ARG D 242 17.33 -7.51 19.08
CA ARG D 242 17.55 -7.57 17.64
C ARG D 242 18.67 -8.55 17.30
N GLN D 243 18.46 -9.32 16.22
CA GLN D 243 19.47 -10.25 15.73
C GLN D 243 20.43 -9.53 14.79
N MET D 244 21.73 -9.78 14.99
CA MET D 244 22.79 -9.14 14.23
C MET D 244 23.14 -9.86 12.93
N GLY D 245 22.61 -11.06 12.72
CA GLY D 245 22.99 -11.84 11.55
C GLY D 245 22.71 -11.15 10.23
N TYR D 246 21.53 -10.50 10.12
CA TYR D 246 21.17 -9.84 8.87
C TYR D 246 22.02 -8.60 8.64
N TYR D 247 22.19 -7.77 9.67
CA TYR D 247 22.85 -6.48 9.50
C TYR D 247 24.34 -6.62 9.20
N LEU D 248 24.98 -7.69 9.67
CA LEU D 248 26.41 -7.86 9.44
C LEU D 248 26.71 -8.12 7.98
N ILE D 249 25.96 -9.04 7.35
CA ILE D 249 26.26 -9.45 5.98
C ILE D 249 25.67 -8.52 4.94
N GLN D 250 24.90 -7.51 5.33
CA GLN D 250 24.22 -6.67 4.36
C GLN D 250 24.59 -5.19 4.43
N MET D 251 25.12 -4.72 5.55
CA MET D 251 25.59 -3.32 5.59
C MET D 251 27.04 -3.19 6.03
N TYR D 252 27.47 -3.95 7.04
CA TYR D 252 28.82 -3.80 7.56
C TYR D 252 29.85 -4.37 6.60
N ILE D 253 29.62 -5.58 6.10
CA ILE D 253 30.53 -6.16 5.10
C ILE D 253 30.52 -5.35 3.81
N PRO D 254 29.38 -4.92 3.25
CA PRO D 254 29.45 -4.05 2.06
C PRO D 254 30.22 -2.76 2.31
N SER D 255 30.05 -2.15 3.48
CA SER D 255 30.79 -0.93 3.80
C SER D 255 32.29 -1.21 3.86
N LEU D 256 32.67 -2.36 4.42
CA LEU D 256 34.08 -2.73 4.52
C LEU D 256 34.68 -2.92 3.13
N LEU D 257 33.89 -3.43 2.18
CA LEU D 257 34.37 -3.61 0.82
C LEU D 257 34.72 -2.26 0.18
N ILE D 258 33.89 -1.23 0.40
CA ILE D 258 34.14 0.06 -0.23
C ILE D 258 35.42 0.68 0.34
N VAL D 259 35.67 0.52 1.64
CA VAL D 259 36.88 1.05 2.25
C VAL D 259 38.13 0.37 1.67
N ILE D 260 38.11 -0.97 1.60
CA ILE D 260 39.28 -1.69 1.12
C ILE D 260 39.48 -1.45 -0.37
N LEU D 261 38.40 -1.21 -1.12
CA LEU D 261 38.55 -0.84 -2.54
C LEU D 261 39.31 0.46 -2.69
N SER D 262 39.05 1.43 -1.81
CA SER D 262 39.73 2.72 -1.91
C SER D 262 41.24 2.59 -1.72
N TRP D 263 41.66 1.63 -0.89
CA TRP D 263 43.08 1.49 -0.55
C TRP D 263 43.96 1.14 -1.75
N VAL D 264 43.40 0.47 -2.76
CA VAL D 264 44.23 0.02 -3.89
C VAL D 264 44.85 1.20 -4.64
N SER D 265 44.29 2.41 -4.48
CA SER D 265 44.86 3.59 -5.14
C SER D 265 46.30 3.82 -4.74
N PHE D 266 46.69 3.43 -3.53
CA PHE D 266 48.06 3.64 -3.07
C PHE D 266 49.05 2.83 -3.91
N TRP D 267 48.60 1.73 -4.50
CA TRP D 267 49.44 0.93 -5.39
C TRP D 267 49.33 1.34 -6.85
N ILE D 268 48.33 2.13 -7.22
CA ILE D 268 48.22 2.61 -8.59
C ILE D 268 49.32 3.66 -8.83
N ASN D 269 49.72 3.82 -10.08
CA ASN D 269 50.83 4.69 -10.44
C ASN D 269 50.55 6.13 -10.02
N MET D 270 51.59 6.82 -9.57
CA MET D 270 51.43 8.18 -9.05
C MET D 270 50.95 9.15 -10.13
N ASP D 271 51.45 9.01 -11.36
CA ASP D 271 51.14 9.96 -12.41
C ASP D 271 49.84 9.64 -13.15
N ALA D 272 49.18 8.53 -12.81
CA ALA D 272 47.95 8.13 -13.50
C ALA D 272 46.76 8.86 -12.88
N ALA D 273 46.68 10.16 -13.22
CA ALA D 273 45.64 11.01 -12.64
C ALA D 273 44.22 10.57 -12.99
N PRO D 274 43.87 10.24 -14.25
CA PRO D 274 42.49 9.79 -14.51
C PRO D 274 42.07 8.55 -13.73
N ALA D 275 42.98 7.59 -13.57
CA ALA D 275 42.62 6.34 -12.91
C ALA D 275 42.36 6.55 -11.41
N ARG D 276 43.28 7.21 -10.72
CA ARG D 276 43.15 7.36 -9.27
C ARG D 276 42.04 8.33 -8.90
N VAL D 277 41.92 9.45 -9.61
CA VAL D 277 40.86 10.42 -9.31
C VAL D 277 39.49 9.80 -9.56
N GLY D 278 39.35 9.06 -10.67
CA GLY D 278 38.12 8.33 -10.92
C GLY D 278 37.85 7.27 -9.86
N LEU D 279 38.91 6.57 -9.43
CA LEU D 279 38.77 5.60 -8.34
C LEU D 279 38.34 6.25 -7.04
N GLY D 280 38.93 7.39 -6.70
CA GLY D 280 38.59 8.04 -5.45
C GLY D 280 37.15 8.52 -5.39
N ILE D 281 36.69 9.19 -6.44
CA ILE D 281 35.35 9.77 -6.44
C ILE D 281 34.27 8.68 -6.47
N THR D 282 34.50 7.60 -7.24
CA THR D 282 33.47 6.57 -7.37
C THR D 282 33.21 5.88 -6.03
N THR D 283 34.27 5.60 -5.27
CA THR D 283 34.09 4.94 -3.97
C THR D 283 33.33 5.84 -3.00
N VAL D 284 33.65 7.14 -2.99
CA VAL D 284 33.00 8.06 -2.07
C VAL D 284 31.52 8.20 -2.39
N LEU D 285 31.17 8.31 -3.68
CA LEU D 285 29.77 8.47 -4.06
C LEU D 285 28.97 7.21 -3.77
N THR D 286 29.54 6.03 -4.02
CA THR D 286 28.84 4.78 -3.72
C THR D 286 28.62 4.61 -2.22
N MET D 287 29.60 5.04 -1.42
CA MET D 287 29.44 4.99 0.04
C MET D 287 28.28 5.87 0.47
N THR D 288 28.11 7.02 -0.20
CA THR D 288 27.00 7.91 0.11
C THR D 288 25.66 7.24 -0.16
N THR D 289 25.55 6.53 -1.28
CA THR D 289 24.31 5.82 -1.60
C THR D 289 24.01 4.73 -0.58
N GLN D 290 25.05 4.03 -0.11
CA GLN D 290 24.85 2.97 0.86
C GLN D 290 24.27 3.51 2.16
N SER D 291 24.74 4.67 2.59
CA SER D 291 24.17 5.32 3.77
C SER D 291 22.70 5.67 3.53
N SER D 292 22.37 6.16 2.34
CA SER D 292 21.00 6.51 2.00
C SER D 292 20.10 5.27 2.01
N GLY D 293 20.64 4.12 1.59
CA GLY D 293 19.86 2.89 1.62
C GLY D 293 19.46 2.48 3.02
N SER D 294 20.33 2.74 4.01
CA SER D 294 20.09 2.31 5.38
C SER D 294 18.84 2.96 5.97
N ARG D 295 18.57 4.22 5.61
CA ARG D 295 17.51 4.98 6.26
C ARG D 295 16.13 4.68 5.68
N ALA D 296 16.03 3.77 4.70
CA ALA D 296 14.75 3.54 4.04
C ALA D 296 13.71 2.99 5.01
N SER D 297 14.11 2.07 5.88
CA SER D 297 13.21 1.38 6.79
C SER D 297 13.17 2.02 8.18
N LEU D 298 13.83 3.16 8.36
CA LEU D 298 13.92 3.76 9.68
C LEU D 298 13.08 5.04 9.76
N PRO D 299 12.58 5.39 10.95
CA PRO D 299 11.85 6.64 11.10
C PRO D 299 12.77 7.85 11.01
N LYS D 300 12.16 9.01 10.77
CA LYS D 300 12.90 10.26 10.66
C LYS D 300 13.15 10.82 12.06
N VAL D 301 14.09 10.16 12.75
CA VAL D 301 14.46 10.53 14.11
C VAL D 301 15.55 11.60 14.05
N SER D 302 15.58 12.45 15.06
CA SER D 302 16.51 13.58 15.11
C SER D 302 17.76 13.30 15.95
N TYR D 303 17.88 12.12 16.56
CA TYR D 303 19.08 11.81 17.30
C TYR D 303 20.08 11.06 16.42
N VAL D 304 21.24 10.75 17.00
CA VAL D 304 22.33 10.08 16.29
C VAL D 304 22.27 8.59 16.61
N LYS D 305 22.23 7.77 15.57
CA LYS D 305 22.15 6.32 15.71
C LYS D 305 23.54 5.70 15.60
N ALA D 306 23.64 4.44 16.03
CA ALA D 306 24.91 3.73 15.99
C ALA D 306 25.39 3.55 14.55
N ILE D 307 24.47 3.25 13.64
CA ILE D 307 24.83 3.03 12.23
C ILE D 307 25.41 4.30 11.62
N ASP D 308 24.93 5.47 12.06
CA ASP D 308 25.44 6.74 11.54
C ASP D 308 26.91 6.91 11.83
N ILE D 309 27.36 6.47 13.02
CA ILE D 309 28.77 6.57 13.36
C ILE D 309 29.62 5.72 12.41
N TRP D 310 29.15 4.52 12.08
CA TRP D 310 29.89 3.66 11.16
C TRP D 310 29.95 4.27 9.77
N MET D 311 28.79 4.74 9.26
CA MET D 311 28.75 5.31 7.92
C MET D 311 29.53 6.61 7.82
N ALA D 312 29.57 7.40 8.89
CA ALA D 312 30.37 8.63 8.88
C ALA D 312 31.86 8.32 8.84
N VAL D 313 32.31 7.37 9.67
CA VAL D 313 33.74 7.06 9.73
C VAL D 313 34.19 6.43 8.42
N CYS D 314 33.37 5.54 7.84
CA CYS D 314 33.70 4.94 6.55
C CYS D 314 33.78 6.01 5.47
N LEU D 315 32.87 6.97 5.48
CA LEU D 315 32.94 8.09 4.54
C LEU D 315 34.17 8.94 4.80
N LEU D 316 34.55 9.10 6.07
CA LEU D 316 35.74 9.87 6.40
C LEU D 316 37.01 9.22 5.85
N PHE D 317 37.11 7.89 5.93
CA PHE D 317 38.28 7.21 5.39
C PHE D 317 38.35 7.33 3.87
N VAL D 318 37.24 7.08 3.18
CA VAL D 318 37.27 7.11 1.71
C VAL D 318 37.49 8.54 1.21
N PHE D 319 36.92 9.52 1.89
CA PHE D 319 37.15 10.92 1.52
C PHE D 319 38.62 11.30 1.72
N SER D 320 39.23 10.80 2.79
CA SER D 320 40.63 11.11 3.07
C SER D 320 41.55 10.53 2.00
N ALA D 321 41.22 9.35 1.48
CA ALA D 321 42.03 8.75 0.42
C ALA D 321 42.03 9.63 -0.83
N LEU D 322 40.86 10.14 -1.23
CA LEU D 322 40.81 11.13 -2.30
C LEU D 322 41.56 12.40 -1.89
N LEU D 323 41.39 12.81 -0.63
CA LEU D 323 42.03 14.03 -0.14
C LEU D 323 43.55 13.87 -0.16
N GLU D 324 44.03 12.67 0.11
CA GLU D 324 45.47 12.39 0.08
C GLU D 324 46.05 12.58 -1.31
N TYR D 325 45.35 12.09 -2.35
CA TYR D 325 45.87 12.17 -3.71
C TYR D 325 46.05 13.62 -4.16
N ALA D 326 45.14 14.50 -3.75
CA ALA D 326 45.28 15.93 -4.03
C ALA D 326 46.55 16.51 -3.42
N ALA D 327 46.90 16.08 -2.20
CA ALA D 327 48.17 16.53 -1.63
C ALA D 327 49.36 15.98 -2.41
N VAL D 328 49.29 14.71 -2.83
CA VAL D 328 50.39 14.12 -3.59
C VAL D 328 50.52 14.80 -4.95
N ASN D 329 49.38 15.06 -5.62
CA ASN D 329 49.44 15.78 -6.89
C ASN D 329 50.01 17.18 -6.71
N PHE D 330 49.57 17.90 -5.67
CA PHE D 330 50.05 19.26 -5.47
C PHE D 330 51.55 19.27 -5.19
N ILE D 331 52.01 18.32 -4.37
CA ILE D 331 53.42 18.23 -4.02
C ILE D 331 54.24 17.85 -5.25
N ALA D 332 53.72 16.92 -6.06
CA ALA D 332 54.48 16.39 -7.18
C ALA D 332 54.73 17.46 -8.25
N ARG D 333 53.72 18.26 -8.58
CA ARG D 333 53.89 19.22 -9.68
C ARG D 333 54.76 20.41 -9.31
N GLN D 334 55.09 20.58 -8.03
CA GLN D 334 55.87 21.72 -7.57
C GLN D 334 57.24 21.80 -8.23
N HIS D 335 57.87 20.67 -8.56
CA HIS D 335 59.22 20.70 -9.11
C HIS D 335 59.28 21.47 -10.43
N LYS D 336 58.33 21.23 -11.32
CA LYS D 336 58.32 21.91 -12.62
C LYS D 336 58.03 23.40 -12.46
N GLU D 337 57.03 23.74 -11.65
CA GLU D 337 56.66 25.13 -11.49
C GLU D 337 57.79 25.93 -10.83
N LEU D 338 58.44 25.36 -9.83
CA LEU D 338 59.50 26.06 -9.11
C LEU D 338 60.72 26.28 -10.00
N GLU D 398 69.40 18.63 -5.88
CA GLU D 398 68.41 19.20 -6.79
C GLU D 398 67.02 19.21 -6.18
N MET D 399 66.30 20.32 -6.37
CA MET D 399 64.95 20.45 -5.82
C MET D 399 64.01 19.41 -6.45
N ARG D 400 64.31 18.99 -7.67
CA ARG D 400 63.49 18.00 -8.37
C ARG D 400 63.38 16.71 -7.56
N LYS D 401 64.51 16.18 -7.11
CA LYS D 401 64.55 14.90 -6.44
C LYS D 401 63.79 14.92 -5.11
N LEU D 402 63.97 15.97 -4.31
CA LEU D 402 63.33 16.04 -3.00
C LEU D 402 61.80 16.08 -3.10
N PHE D 403 61.26 16.86 -4.04
CA PHE D 403 59.81 16.91 -4.19
C PHE D 403 59.26 15.57 -4.62
N ILE D 404 59.94 14.89 -5.55
CA ILE D 404 59.52 13.56 -5.99
C ILE D 404 59.66 12.56 -4.84
N SER D 405 60.74 12.66 -4.06
CA SER D 405 60.94 11.76 -2.94
C SER D 405 59.86 11.92 -1.87
N ARG D 406 59.45 13.16 -1.60
CA ARG D 406 58.42 13.39 -0.59
C ARG D 406 57.10 12.73 -0.98
N ALA D 407 56.74 12.82 -2.26
CA ALA D 407 55.48 12.24 -2.72
C ALA D 407 55.44 10.74 -2.53
N LYS D 408 56.55 10.05 -2.86
CA LYS D 408 56.58 8.59 -2.72
C LYS D 408 56.47 8.17 -1.26
N ARG D 409 57.12 8.89 -0.34
CA ARG D 409 57.05 8.51 1.07
C ARG D 409 55.64 8.63 1.61
N ILE D 410 54.89 9.63 1.14
CA ILE D 410 53.50 9.79 1.56
C ILE D 410 52.68 8.57 1.20
N ASP D 411 52.90 8.03 -0.01
CA ASP D 411 52.20 6.82 -0.43
C ASP D 411 52.63 5.61 0.39
N THR D 412 53.93 5.50 0.68
CA THR D 412 54.46 4.33 1.37
C THR D 412 53.92 4.22 2.79
N VAL D 413 53.90 5.34 3.53
CA VAL D 413 53.34 5.31 4.88
C VAL D 413 51.84 5.03 4.84
N SER D 414 51.15 5.56 3.81
CA SER D 414 49.70 5.40 3.71
C SER D 414 49.31 3.93 3.58
N ARG D 415 50.12 3.12 2.90
CA ARG D 415 49.79 1.73 2.67
C ARG D 415 49.66 0.96 3.98
N VAL D 416 50.35 1.40 5.03
CA VAL D 416 50.23 0.78 6.34
C VAL D 416 49.42 1.63 7.31
N ALA D 417 49.42 2.96 7.16
CA ALA D 417 48.71 3.82 8.09
C ALA D 417 47.20 3.63 8.00
N PHE D 418 46.65 3.66 6.78
CA PHE D 418 45.21 3.54 6.61
C PHE D 418 44.66 2.20 7.09
N PRO D 419 45.25 1.04 6.78
CA PRO D 419 44.74 -0.20 7.38
C PRO D 419 44.83 -0.21 8.90
N LEU D 420 45.97 0.23 9.46
CA LEU D 420 46.17 0.17 10.90
C LEU D 420 45.19 1.07 11.64
N VAL D 421 44.99 2.30 11.16
CA VAL D 421 44.10 3.24 11.85
C VAL D 421 42.66 2.74 11.80
N PHE D 422 42.26 2.13 10.69
CA PHE D 422 40.94 1.51 10.61
C PHE D 422 40.80 0.39 11.62
N LEU D 423 41.86 -0.41 11.79
CA LEU D 423 41.82 -1.52 12.73
C LEU D 423 41.62 -1.03 14.16
N ILE D 424 42.28 0.07 14.53
CA ILE D 424 42.10 0.64 15.87
C ILE D 424 40.65 1.11 16.05
N PHE D 425 40.08 1.74 15.02
CA PHE D 425 38.69 2.16 15.08
C PHE D 425 37.76 0.96 15.25
N ASN D 426 38.01 -0.11 14.50
CA ASN D 426 37.14 -1.29 14.57
C ASN D 426 37.17 -1.91 15.96
N ILE D 427 38.35 -1.98 16.58
CA ILE D 427 38.46 -2.50 17.94
C ILE D 427 37.69 -1.59 18.90
N PHE D 428 37.87 -0.28 18.77
CA PHE D 428 37.21 0.66 19.67
C PHE D 428 35.70 0.65 19.49
N TYR D 429 35.23 0.59 18.24
CA TYR D 429 33.79 0.66 17.98
C TYR D 429 33.05 -0.52 18.60
N TRP D 430 33.56 -1.73 18.40
CA TRP D 430 32.82 -2.91 18.85
C TRP D 430 32.87 -3.09 20.36
N ILE D 431 34.05 -2.92 20.98
CA ILE D 431 34.16 -3.16 22.42
C ILE D 431 33.37 -2.14 23.23
N THR D 432 33.39 -0.87 22.81
CA THR D 432 32.65 0.16 23.55
C THR D 432 31.16 -0.12 23.54
N TYR D 433 30.62 -0.52 22.39
CA TYR D 433 29.19 -0.78 22.29
C TYR D 433 28.79 -2.10 22.95
N LYS D 434 29.73 -3.05 23.07
CA LYS D 434 29.45 -4.29 23.77
C LYS D 434 29.19 -4.05 25.26
N ILE D 435 30.00 -3.21 25.90
CA ILE D 435 29.72 -2.86 27.30
C ILE D 435 28.46 -2.03 27.39
N ILE D 436 28.15 -1.24 26.36
CA ILE D 436 26.86 -0.56 26.28
C ILE D 436 25.74 -1.59 26.16
N ARG D 437 25.96 -2.63 25.34
CA ARG D 437 24.98 -3.69 25.21
C ARG D 437 24.76 -4.40 26.54
N SER D 438 25.84 -4.66 27.28
CA SER D 438 25.70 -5.27 28.60
C SER D 438 24.93 -4.36 29.55
N GLU D 439 25.20 -3.06 29.49
CA GLU D 439 24.48 -2.11 30.34
C GLU D 439 22.99 -2.10 30.00
N ASP D 440 22.68 -2.17 28.70
CA ASP D 440 21.25 -2.18 28.26
C ASP D 440 20.63 -3.54 28.63
N ILE D 441 21.43 -4.59 28.64
CA ILE D 441 20.93 -5.94 29.04
C ILE D 441 20.62 -5.91 30.53
N HIS D 442 21.47 -5.25 31.33
CA HIS D 442 21.16 -5.10 32.75
C HIS D 442 19.85 -4.34 32.96
N LYS D 443 19.64 -3.28 32.17
CA LYS D 443 18.40 -2.52 32.24
C LYS D 443 17.22 -3.25 31.59
N GLN D 444 17.48 -4.36 30.91
CA GLN D 444 16.44 -5.16 30.24
C GLN D 444 15.71 -4.35 29.17
N PRO E 121 -38.64 1.68 15.91
CA PRO E 121 -39.62 2.62 16.47
C PRO E 121 -40.51 3.24 15.41
N SER E 122 -41.76 3.53 15.79
CA SER E 122 -42.80 4.15 14.98
C SER E 122 -43.34 3.24 13.87
N GLN E 123 -42.79 2.04 13.72
CA GLN E 123 -43.30 1.10 12.72
C GLN E 123 -44.69 0.61 13.12
N LEU E 124 -45.57 0.48 12.13
CA LEU E 124 -46.97 0.10 12.32
C LEU E 124 -47.65 0.99 13.37
N SER E 125 -47.46 2.30 13.22
CA SER E 125 -48.04 3.31 14.10
C SER E 125 -47.60 3.12 15.56
N SER E 126 -46.33 2.73 15.73
CA SER E 126 -45.71 2.58 17.05
C SER E 126 -46.50 1.64 17.96
N GLU E 127 -47.03 0.57 17.37
CA GLU E 127 -47.74 -0.50 18.08
C GLU E 127 -48.91 0.10 18.85
N ASP E 128 -49.07 -0.19 20.15
CA ASP E 128 -50.25 0.25 20.89
C ASP E 128 -50.31 1.76 21.04
N LEU E 129 -49.15 2.41 21.25
CA LEU E 129 -49.08 3.85 21.56
C LEU E 129 -49.90 4.18 22.81
N ALA E 130 -49.74 3.33 23.84
CA ALA E 130 -50.44 3.58 25.10
C ALA E 130 -49.99 4.88 25.76
N ARG E 131 -48.72 5.25 25.58
CA ARG E 131 -48.18 6.46 26.16
C ARG E 131 -49.00 7.68 25.72
N VAL E 132 -49.13 8.65 26.62
CA VAL E 132 -49.90 9.85 26.32
C VAL E 132 -49.13 11.12 26.70
N PRO E 133 -48.11 11.49 25.91
CA PRO E 133 -47.46 12.79 26.13
C PRO E 133 -48.28 13.93 25.54
N ALA E 134 -47.75 15.15 25.56
CA ALA E 134 -48.52 16.34 25.17
C ALA E 134 -47.79 17.12 24.07
N ASN E 135 -48.32 17.04 22.85
CA ASN E 135 -47.91 17.88 21.72
C ASN E 135 -46.41 17.84 21.45
N SER E 136 -45.88 16.63 21.31
CA SER E 136 -44.50 16.43 20.87
C SER E 136 -44.50 15.50 19.67
N THR E 137 -43.30 15.12 19.20
CA THR E 137 -43.20 14.16 18.11
C THR E 137 -43.73 12.80 18.50
N SER E 138 -43.84 12.52 19.81
CA SER E 138 -44.61 11.38 20.27
C SER E 138 -46.05 11.43 19.78
N ASN E 139 -46.63 12.64 19.69
CA ASN E 139 -47.97 12.79 19.14
C ASN E 139 -48.00 13.25 17.69
N ILE E 140 -47.33 14.35 17.36
CA ILE E 140 -47.41 14.89 15.99
C ILE E 140 -46.85 13.91 14.97
N LEU E 141 -45.58 13.51 15.14
CA LEU E 141 -44.92 12.65 14.15
C LEU E 141 -45.61 11.30 14.04
N ASN E 142 -46.01 10.72 15.17
CA ASN E 142 -46.75 9.45 15.14
C ASN E 142 -48.10 9.63 14.45
N LYS E 143 -48.77 10.76 14.67
CA LYS E 143 -50.01 11.02 13.95
C LYS E 143 -49.75 11.28 12.47
N LEU E 144 -48.61 11.90 12.17
CA LEU E 144 -48.26 12.13 10.77
C LEU E 144 -47.97 10.81 10.06
N LEU E 145 -47.25 9.90 10.73
CA LEU E 145 -46.85 8.63 10.17
C LEU E 145 -47.69 7.46 10.68
N ILE E 146 -48.97 7.71 10.97
CA ILE E 146 -49.86 6.61 11.36
C ILE E 146 -50.25 5.79 10.13
N THR E 147 -50.46 6.44 8.99
CA THR E 147 -50.87 5.79 7.76
C THR E 147 -49.85 5.96 6.66
N TYR E 148 -48.58 6.18 7.02
CA TYR E 148 -47.51 6.46 6.08
C TYR E 148 -46.82 5.15 5.72
N ASP E 149 -46.79 4.84 4.43
CA ASP E 149 -46.08 3.66 3.93
C ASP E 149 -44.86 4.11 3.14
N PRO E 150 -43.64 3.98 3.70
CA PRO E 150 -42.44 4.40 2.97
C PRO E 150 -42.21 3.62 1.69
N ARG E 151 -42.87 2.47 1.51
CA ARG E 151 -42.70 1.65 0.32
C ARG E 151 -43.42 2.21 -0.89
N ILE E 152 -44.44 3.05 -0.67
CA ILE E 152 -45.22 3.64 -1.76
C ILE E 152 -44.79 5.09 -1.92
N ARG E 153 -44.42 5.46 -3.14
CA ARG E 153 -43.93 6.81 -3.41
C ARG E 153 -45.06 7.82 -3.30
N PRO E 154 -44.72 9.10 -3.05
CA PRO E 154 -45.75 10.15 -3.06
C PRO E 154 -46.37 10.29 -4.45
N ASN E 155 -47.65 10.67 -4.46
CA ASN E 155 -48.41 10.86 -5.70
C ASN E 155 -48.40 9.60 -6.56
N PHE E 156 -48.61 8.46 -5.91
CA PHE E 156 -48.63 7.17 -6.58
C PHE E 156 -49.62 7.15 -7.73
N LYS E 157 -49.18 6.60 -8.87
CA LYS E 157 -49.96 6.56 -10.10
C LYS E 157 -50.41 7.97 -10.53
N GLY E 158 -49.42 8.80 -10.83
CA GLY E 158 -49.68 10.18 -11.16
C GLY E 158 -48.47 10.94 -11.68
N ILE E 159 -48.39 12.22 -11.33
CA ILE E 159 -47.28 13.07 -11.77
C ILE E 159 -45.96 12.55 -11.21
N PRO E 160 -44.91 12.42 -12.02
CA PRO E 160 -43.60 12.05 -11.47
C PRO E 160 -43.10 13.10 -10.49
N VAL E 161 -42.42 12.64 -9.44
CA VAL E 161 -41.83 13.52 -8.43
C VAL E 161 -40.66 14.32 -9.00
N GLU E 162 -40.49 15.56 -8.50
CA GLU E 162 -39.48 16.51 -8.97
C GLU E 162 -38.54 16.74 -7.78
N ASP E 163 -37.31 16.26 -7.89
CA ASP E 163 -36.36 16.30 -6.78
C ASP E 163 -35.26 17.33 -7.05
N ARG E 164 -35.34 18.45 -6.35
CA ARG E 164 -34.30 19.47 -6.45
C ARG E 164 -33.06 18.96 -5.71
N VAL E 165 -31.89 19.16 -6.32
CA VAL E 165 -30.64 18.63 -5.77
C VAL E 165 -29.61 19.75 -5.64
N ASN E 166 -28.89 19.77 -4.52
CA ASN E 166 -27.82 20.72 -4.28
C ASN E 166 -26.61 19.97 -3.76
N ILE E 167 -25.43 20.58 -3.94
CA ILE E 167 -24.18 20.03 -3.47
C ILE E 167 -23.38 21.13 -2.79
N PHE E 168 -22.73 20.80 -1.68
CA PHE E 168 -21.81 21.71 -1.01
C PHE E 168 -20.47 20.98 -0.95
N ILE E 169 -19.41 21.64 -1.42
CA ILE E 169 -18.10 21.00 -1.53
C ILE E 169 -17.32 21.23 -0.23
N ASN E 170 -17.29 20.22 0.64
CA ASN E 170 -16.50 20.34 1.86
C ASN E 170 -15.01 20.35 1.55
N SER E 171 -14.55 19.37 0.77
CA SER E 171 -13.13 19.24 0.46
C SER E 171 -12.98 18.61 -0.92
N PHE E 172 -12.20 19.26 -1.78
CA PHE E 172 -11.89 18.75 -3.11
C PHE E 172 -10.39 18.48 -3.18
N GLY E 173 -10.01 17.30 -3.64
CA GLY E 173 -8.61 16.96 -3.67
C GLY E 173 -8.38 15.55 -4.17
N SER E 174 -7.12 15.11 -4.04
CA SER E 174 -6.69 13.75 -4.35
C SER E 174 -7.01 13.36 -5.79
N ILE E 175 -6.61 14.21 -6.73
CA ILE E 175 -6.76 13.92 -8.15
C ILE E 175 -5.60 13.02 -8.57
N GLN E 176 -5.81 11.71 -8.51
CA GLN E 176 -4.77 10.74 -8.81
C GLN E 176 -4.75 10.40 -10.29
N GLU E 177 -3.57 10.49 -10.90
CA GLU E 177 -3.42 10.24 -12.33
C GLU E 177 -3.20 8.76 -12.64
N THR E 178 -2.62 8.01 -11.70
CA THR E 178 -2.36 6.59 -11.93
C THR E 178 -3.67 5.82 -12.08
N THR E 179 -4.67 6.18 -11.28
CA THR E 179 -5.96 5.50 -11.29
C THR E 179 -7.06 6.35 -11.91
N MET E 180 -6.72 7.57 -12.34
CA MET E 180 -7.64 8.48 -13.04
C MET E 180 -8.94 8.69 -12.28
N ASP E 181 -8.80 9.06 -11.00
CA ASP E 181 -9.95 9.34 -10.16
C ASP E 181 -9.64 10.52 -9.24
N TYR E 182 -10.69 11.01 -8.56
CA TYR E 182 -10.55 12.05 -7.56
C TYR E 182 -11.55 11.80 -6.44
N ARG E 183 -11.21 12.23 -5.24
CA ARG E 183 -12.04 12.02 -4.07
C ARG E 183 -12.55 13.36 -3.54
N VAL E 184 -13.86 13.45 -3.31
CA VAL E 184 -14.49 14.68 -2.86
C VAL E 184 -15.38 14.35 -1.65
N ASN E 185 -15.51 15.32 -0.75
CA ASN E 185 -16.45 15.24 0.36
C ASN E 185 -17.51 16.31 0.14
N ILE E 186 -18.78 15.89 0.09
CA ILE E 186 -19.89 16.78 -0.26
C ILE E 186 -21.07 16.54 0.66
N PHE E 187 -21.96 17.53 0.71
CA PHE E 187 -23.25 17.41 1.37
C PHE E 187 -24.33 17.39 0.30
N LEU E 188 -25.19 16.36 0.32
CA LEU E 188 -26.20 16.19 -0.71
C LEU E 188 -27.54 16.66 -0.16
N ARG E 189 -28.15 17.63 -0.82
CA ARG E 189 -29.47 18.13 -0.43
C ARG E 189 -30.51 17.68 -1.44
N GLN E 190 -31.71 17.35 -0.95
CA GLN E 190 -32.80 16.94 -1.82
C GLN E 190 -34.09 17.61 -1.34
N ARG E 191 -34.99 17.87 -2.28
CA ARG E 191 -36.29 18.45 -1.93
C ARG E 191 -37.38 17.79 -2.75
N TRP E 192 -38.47 17.39 -2.10
CA TRP E 192 -39.61 16.81 -2.79
C TRP E 192 -40.88 17.05 -2.00
N ASN E 193 -41.95 17.44 -2.68
CA ASN E 193 -43.20 17.73 -2.00
C ASN E 193 -43.87 16.39 -1.68
N ASP E 194 -44.16 16.15 -0.40
CA ASP E 194 -44.86 14.94 0.00
C ASP E 194 -46.28 15.28 0.41
N PRO E 195 -47.29 14.95 -0.40
CA PRO E 195 -48.68 15.31 -0.03
C PRO E 195 -49.12 14.73 1.30
N ARG E 196 -48.71 13.50 1.63
CA ARG E 196 -49.14 12.89 2.88
C ARG E 196 -48.59 13.64 4.09
N LEU E 197 -47.35 14.13 3.99
CA LEU E 197 -46.66 14.76 5.12
C LEU E 197 -46.99 16.24 5.24
N ARG E 198 -48.26 16.55 5.50
CA ARG E 198 -48.67 17.94 5.66
C ARG E 198 -48.91 18.25 7.13
N LEU E 199 -48.25 19.27 7.63
CA LEU E 199 -48.45 19.71 9.01
C LEU E 199 -49.89 20.20 9.20
N PRO E 200 -50.63 19.67 10.18
CA PRO E 200 -52.04 20.03 10.34
C PRO E 200 -52.23 21.28 11.21
N GLN E 201 -51.46 22.33 10.89
CA GLN E 201 -51.45 23.65 11.55
C GLN E 201 -51.31 23.55 13.08
N ASP E 202 -50.89 22.40 13.61
CA ASP E 202 -50.69 22.27 15.05
C ASP E 202 -49.56 23.16 15.53
N PHE E 203 -48.48 23.27 14.75
CA PHE E 203 -47.32 24.07 15.13
C PHE E 203 -47.21 25.27 14.20
N LYS E 204 -47.10 26.46 14.79
CA LYS E 204 -46.98 27.69 14.01
C LYS E 204 -45.60 27.86 13.40
N SER E 205 -44.65 26.99 13.74
CA SER E 205 -43.33 27.02 13.14
C SER E 205 -43.33 26.29 11.80
N ASP E 206 -42.56 26.84 10.85
CA ASP E 206 -42.52 26.31 9.49
C ASP E 206 -41.64 25.08 9.36
N SER E 207 -40.99 24.65 10.44
CA SER E 207 -40.07 23.53 10.41
C SER E 207 -40.29 22.66 11.64
N LEU E 208 -39.75 21.44 11.58
CA LEU E 208 -39.83 20.49 12.68
C LEU E 208 -38.48 20.08 13.24
N THR E 209 -37.44 20.05 12.42
CA THR E 209 -36.09 19.58 12.74
C THR E 209 -36.14 18.35 13.67
N VAL E 210 -36.82 17.32 13.18
CA VAL E 210 -37.02 16.05 13.88
C VAL E 210 -35.67 15.39 14.10
N ASP E 211 -35.66 14.30 14.88
CA ASP E 211 -34.41 13.60 15.14
C ASP E 211 -33.86 13.06 13.82
N PRO E 212 -32.54 13.13 13.61
CA PRO E 212 -31.96 12.54 12.39
C PRO E 212 -32.18 11.05 12.22
N LYS E 213 -32.42 10.30 13.29
CA LYS E 213 -32.60 8.85 13.19
C LYS E 213 -33.83 8.48 12.36
N MET E 214 -34.77 9.40 12.18
CA MET E 214 -36.05 9.12 11.53
C MET E 214 -35.96 8.91 10.02
N PHE E 215 -34.80 9.09 9.39
CA PHE E 215 -34.72 8.98 7.93
C PHE E 215 -35.18 7.60 7.44
N LYS E 216 -35.02 6.57 8.26
CA LYS E 216 -35.35 5.20 7.87
C LYS E 216 -36.85 5.00 7.62
N CYS E 217 -37.71 5.83 8.22
CA CYS E 217 -39.15 5.58 8.15
C CYS E 217 -39.86 6.42 7.10
N LEU E 218 -39.13 7.10 6.24
CA LEU E 218 -39.73 8.02 5.26
C LEU E 218 -39.21 7.67 3.88
N TRP E 219 -39.97 8.04 2.86
CA TRP E 219 -39.59 7.69 1.49
C TRP E 219 -38.38 8.52 1.08
N LYS E 220 -37.41 7.87 0.44
CA LYS E 220 -36.27 8.61 -0.08
C LYS E 220 -35.97 8.18 -1.51
N PRO E 221 -35.61 9.13 -2.38
CA PRO E 221 -35.21 8.75 -3.75
C PRO E 221 -33.93 7.93 -3.75
N ASP E 222 -33.81 7.05 -4.74
CA ASP E 222 -32.66 6.16 -4.84
C ASP E 222 -31.55 6.75 -5.73
N LEU E 223 -31.09 7.93 -5.33
CA LEU E 223 -29.99 8.57 -6.05
C LEU E 223 -28.69 7.78 -5.88
N PHE E 224 -27.97 7.61 -6.99
CA PHE E 224 -26.67 6.95 -6.98
C PHE E 224 -25.77 7.59 -8.04
N PHE E 225 -24.48 7.63 -7.75
CA PHE E 225 -23.49 8.30 -8.60
C PHE E 225 -23.02 7.27 -9.62
N ALA E 226 -23.36 7.46 -10.90
CA ALA E 226 -23.03 6.43 -11.89
C ALA E 226 -21.53 6.24 -12.07
N ASN E 227 -20.75 7.31 -12.00
CA ASN E 227 -19.31 7.23 -12.29
C ASN E 227 -18.47 6.96 -11.05
N GLU E 228 -19.12 6.66 -9.92
CA GLU E 228 -18.45 6.49 -8.63
C GLU E 228 -17.67 5.19 -8.50
N LYS E 229 -16.51 5.27 -7.82
CA LYS E 229 -15.69 4.07 -7.58
C LYS E 229 -15.87 3.47 -6.19
N SER E 230 -15.93 4.28 -5.13
CA SER E 230 -16.20 3.82 -3.78
C SER E 230 -16.95 4.90 -3.02
N ALA E 231 -17.96 4.51 -2.23
CA ALA E 231 -18.67 5.47 -1.40
C ALA E 231 -18.81 4.96 0.03
N ASN E 232 -18.82 5.90 0.98
CA ASN E 232 -19.02 5.61 2.38
C ASN E 232 -19.82 6.72 3.08
N PHE E 233 -20.66 6.33 4.03
CA PHE E 233 -21.36 7.31 4.85
C PHE E 233 -20.41 7.67 6.00
N HIS E 234 -20.86 8.43 6.97
CA HIS E 234 -19.92 8.84 8.02
C HIS E 234 -20.66 8.73 9.34
N ASP E 235 -20.00 8.14 10.34
CA ASP E 235 -20.60 7.95 11.66
C ASP E 235 -19.61 8.46 12.70
N VAL E 236 -19.59 9.75 12.97
CA VAL E 236 -18.61 10.25 13.93
C VAL E 236 -19.04 9.90 15.34
N THR E 237 -20.21 10.42 15.75
CA THR E 237 -20.84 10.06 17.01
C THR E 237 -22.25 9.59 16.72
N GLN E 238 -22.83 10.10 15.63
CA GLN E 238 -24.16 9.73 15.17
C GLN E 238 -24.20 9.80 13.65
N GLU E 239 -25.32 9.34 13.10
CA GLU E 239 -25.53 9.44 11.65
C GLU E 239 -25.56 10.90 11.22
N ASN E 240 -24.73 11.25 10.25
CA ASN E 240 -24.62 12.62 9.74
C ASN E 240 -25.70 12.93 8.70
N ILE E 241 -26.93 13.12 9.19
CA ILE E 241 -28.07 13.37 8.31
C ILE E 241 -28.94 14.45 8.94
N LEU E 242 -29.57 15.25 8.09
CA LEU E 242 -30.48 16.33 8.50
C LEU E 242 -31.79 16.08 7.77
N LEU E 243 -32.89 16.13 8.50
CA LEU E 243 -34.23 16.00 7.92
C LEU E 243 -35.09 17.20 8.30
N PHE E 244 -35.67 17.86 7.31
CA PHE E 244 -36.55 19.00 7.51
C PHE E 244 -37.89 18.76 6.81
N ILE E 245 -38.97 19.22 7.43
CA ILE E 245 -40.33 19.03 6.89
C ILE E 245 -41.06 20.36 7.00
N PHE E 246 -41.27 21.02 5.86
CA PHE E 246 -41.97 22.29 5.84
C PHE E 246 -43.48 22.06 5.94
N ARG E 247 -44.22 23.17 6.09
CA ARG E 247 -45.66 23.06 6.31
C ARG E 247 -46.39 22.54 5.07
N ASN E 248 -45.97 22.99 3.88
CA ASN E 248 -46.64 22.59 2.65
C ASN E 248 -46.48 21.10 2.36
N GLY E 249 -45.49 20.46 2.96
CA GLY E 249 -45.18 19.06 2.71
C GLY E 249 -43.80 18.81 2.13
N ASP E 250 -43.06 19.87 1.78
CA ASP E 250 -41.72 19.69 1.24
C ASP E 250 -40.78 19.10 2.28
N VAL E 251 -39.90 18.22 1.84
CA VAL E 251 -38.92 17.58 2.70
C VAL E 251 -37.54 18.01 2.23
N LEU E 252 -36.65 18.29 3.18
CA LEU E 252 -35.25 18.59 2.87
C LEU E 252 -34.36 17.64 3.65
N ILE E 253 -33.79 16.66 2.96
CA ILE E 253 -32.85 15.72 3.56
C ILE E 253 -31.42 16.10 3.17
N SER E 254 -30.56 16.27 4.17
CA SER E 254 -29.16 16.53 3.93
C SER E 254 -28.36 15.32 4.40
N MET E 255 -27.25 15.04 3.73
CA MET E 255 -26.48 13.85 4.03
C MET E 255 -25.00 14.10 3.75
N ARG E 256 -24.15 13.63 4.66
CA ARG E 256 -22.71 13.80 4.51
C ARG E 256 -22.14 12.56 3.83
N LEU E 257 -21.54 12.75 2.66
CA LEU E 257 -21.05 11.64 1.87
C LEU E 257 -19.62 11.90 1.42
N SER E 258 -18.83 10.83 1.33
CA SER E 258 -17.48 10.90 0.77
C SER E 258 -17.48 9.95 -0.41
N VAL E 259 -17.35 10.50 -1.61
CA VAL E 259 -17.43 9.74 -2.85
C VAL E 259 -16.12 9.88 -3.63
N THR E 260 -15.64 8.74 -4.15
CA THR E 260 -14.49 8.70 -5.05
C THR E 260 -14.96 8.59 -6.50
N LEU E 261 -14.98 9.69 -7.23
CA LEU E 261 -15.52 9.67 -8.57
C LEU E 261 -14.42 9.33 -9.57
N SER E 262 -14.83 8.89 -10.75
CA SER E 262 -13.89 8.50 -11.80
C SER E 262 -13.87 9.59 -12.86
N CYS E 263 -12.68 10.04 -13.24
CA CYS E 263 -12.52 11.11 -14.22
C CYS E 263 -11.61 10.64 -15.33
N PRO E 264 -12.10 10.48 -16.55
CA PRO E 264 -11.18 10.21 -17.67
C PRO E 264 -10.37 11.45 -17.99
N LEU E 265 -9.08 11.24 -18.23
CA LEU E 265 -8.14 12.33 -18.43
C LEU E 265 -7.52 12.25 -19.81
N ASP E 266 -7.35 13.39 -20.45
CA ASP E 266 -6.67 13.49 -21.74
C ASP E 266 -5.34 14.16 -21.45
N LEU E 267 -4.25 13.39 -21.54
CA LEU E 267 -2.94 13.86 -21.11
C LEU E 267 -2.08 14.40 -22.26
N THR E 268 -2.65 14.61 -23.44
CA THR E 268 -1.96 15.46 -24.39
C THR E 268 -1.89 16.86 -23.80
N LEU E 269 -0.83 17.59 -24.14
CA LEU E 269 -0.57 18.92 -23.56
C LEU E 269 -0.33 18.80 -22.06
N PHE E 270 0.40 17.75 -21.64
CA PHE E 270 0.34 17.29 -20.25
C PHE E 270 0.79 18.33 -19.22
N PRO E 271 1.98 18.92 -19.30
CA PRO E 271 2.36 19.85 -18.22
C PRO E 271 1.41 21.04 -18.11
N MET E 272 0.73 21.40 -19.20
CA MET E 272 -0.09 22.61 -19.24
C MET E 272 -1.47 22.21 -19.78
N ASP E 273 -2.25 21.45 -18.99
CA ASP E 273 -3.49 20.92 -19.50
C ASP E 273 -4.68 21.36 -18.64
N THR E 274 -5.87 21.29 -19.24
CA THR E 274 -7.11 21.56 -18.53
C THR E 274 -7.92 20.27 -18.53
N GLN E 275 -8.60 19.98 -17.42
CA GLN E 275 -9.30 18.70 -17.30
C GLN E 275 -10.72 18.93 -16.81
N ARG E 276 -11.70 18.33 -17.49
CA ARG E 276 -13.08 18.40 -17.07
C ARG E 276 -13.45 17.12 -16.36
N CYS E 277 -13.91 17.21 -15.11
CA CYS E 277 -14.32 16.05 -14.34
C CYS E 277 -15.79 16.18 -14.01
N LYS E 278 -16.56 15.11 -14.23
CA LYS E 278 -18.00 15.18 -14.09
C LYS E 278 -18.47 14.42 -12.85
N MET E 279 -19.73 14.64 -12.51
CA MET E 279 -20.40 13.93 -11.41
C MET E 279 -21.84 13.69 -11.83
N GLN E 280 -22.21 12.43 -12.04
CA GLN E 280 -23.54 12.11 -12.57
C GLN E 280 -24.40 11.52 -11.47
N LEU E 281 -25.57 12.12 -11.25
CA LEU E 281 -26.50 11.71 -10.21
C LEU E 281 -27.74 11.13 -10.87
N GLU E 282 -27.95 9.83 -10.73
CA GLU E 282 -29.05 9.18 -11.44
C GLU E 282 -29.76 8.20 -10.51
N SER E 283 -30.98 7.82 -10.91
CA SER E 283 -31.79 6.88 -10.17
C SER E 283 -31.58 5.46 -10.68
N PHE E 284 -31.68 4.50 -9.76
CA PHE E 284 -31.47 3.09 -10.08
C PHE E 284 -32.76 2.31 -10.30
N GLY E 285 -33.82 2.60 -9.54
CA GLY E 285 -35.01 1.77 -9.62
C GLY E 285 -36.23 2.39 -10.25
N TYR E 286 -36.37 3.71 -10.17
CA TYR E 286 -37.54 4.40 -10.71
C TYR E 286 -37.20 5.03 -12.05
N THR E 287 -38.13 4.88 -13.00
CA THR E 287 -37.94 5.40 -14.34
C THR E 287 -38.33 6.88 -14.40
N THR E 288 -38.26 7.45 -15.60
CA THR E 288 -38.53 8.87 -15.77
C THR E 288 -40.03 9.18 -15.70
N ASP E 289 -40.87 8.16 -15.56
CA ASP E 289 -42.30 8.35 -15.37
C ASP E 289 -42.69 8.52 -13.92
N ASP E 290 -41.87 8.00 -12.99
CA ASP E 290 -42.13 8.09 -11.56
C ASP E 290 -41.24 9.10 -10.86
N LEU E 291 -39.94 9.11 -11.16
CA LEU E 291 -38.98 9.97 -10.47
C LEU E 291 -38.16 10.77 -11.48
N GLN E 292 -38.09 12.08 -11.27
CA GLN E 292 -37.32 12.98 -12.11
C GLN E 292 -36.41 13.88 -11.28
N PHE E 293 -35.16 14.02 -11.70
CA PHE E 293 -34.15 14.81 -10.98
C PHE E 293 -33.86 16.08 -11.76
N MET E 294 -33.78 17.20 -11.04
CA MET E 294 -33.42 18.48 -11.64
C MET E 294 -32.54 19.25 -10.67
N TRP E 295 -31.77 20.20 -11.22
CA TRP E 295 -30.91 21.03 -10.40
C TRP E 295 -31.69 22.23 -9.86
N GLN E 296 -31.30 22.68 -8.66
CA GLN E 296 -31.97 23.80 -8.03
C GLN E 296 -31.76 25.06 -8.87
N SER E 297 -32.78 25.94 -8.86
CA SER E 297 -32.75 27.09 -9.75
C SER E 297 -31.58 28.01 -9.42
N GLY E 298 -31.39 28.35 -8.14
CA GLY E 298 -30.32 29.32 -7.79
C GLY E 298 -29.19 28.71 -6.98
N ASP E 299 -27.95 28.88 -7.42
CA ASP E 299 -26.77 28.33 -6.71
C ASP E 299 -26.90 26.82 -6.44
N PRO E 300 -26.91 25.96 -7.48
CA PRO E 300 -26.95 24.54 -7.27
C PRO E 300 -25.73 23.96 -6.56
N VAL E 301 -24.52 24.41 -6.89
CA VAL E 301 -23.28 23.88 -6.25
C VAL E 301 -22.62 24.97 -5.41
N GLN E 302 -22.75 24.92 -4.09
CA GLN E 302 -22.22 25.98 -3.23
C GLN E 302 -20.83 25.51 -2.80
N MET E 303 -19.79 26.00 -3.47
CA MET E 303 -18.45 25.56 -3.13
C MET E 303 -18.01 26.22 -1.81
N ASP E 304 -16.87 25.81 -1.29
CA ASP E 304 -16.28 26.34 -0.07
C ASP E 304 -15.01 27.09 -0.46
N GLU E 305 -14.50 27.92 0.45
CA GLU E 305 -13.22 28.56 0.16
C GLU E 305 -12.12 27.50 0.31
N ILE E 306 -11.74 26.89 -0.81
CA ILE E 306 -10.79 25.79 -0.83
C ILE E 306 -9.67 26.09 -1.83
N ALA E 307 -8.52 25.50 -1.58
CA ALA E 307 -7.35 25.66 -2.43
C ALA E 307 -6.76 24.29 -2.74
N LEU E 308 -6.40 24.08 -4.00
CA LEU E 308 -5.80 22.83 -4.45
C LEU E 308 -4.29 22.97 -4.61
N PRO E 309 -3.53 21.92 -4.30
CA PRO E 309 -2.07 22.02 -4.38
C PRO E 309 -1.56 22.20 -5.80
N GLN E 310 -1.94 21.29 -6.70
CA GLN E 310 -1.42 21.27 -8.06
C GLN E 310 -2.41 21.74 -9.11
N PHE E 311 -3.67 21.98 -8.75
CA PHE E 311 -4.69 22.38 -9.71
C PHE E 311 -5.34 23.69 -9.25
N ASP E 312 -6.04 24.32 -10.19
CA ASP E 312 -6.82 25.53 -9.92
C ASP E 312 -8.26 25.28 -10.36
N ILE E 313 -9.21 25.46 -9.46
CA ILE E 313 -10.61 25.19 -9.73
C ILE E 313 -11.35 26.51 -9.87
N LYS E 314 -12.00 26.70 -11.02
CA LYS E 314 -12.73 27.93 -11.31
C LYS E 314 -14.08 27.93 -10.61
N GLN E 315 -14.70 29.10 -10.54
CA GLN E 315 -16.03 29.27 -9.97
C GLN E 315 -17.13 29.13 -11.02
N GLU E 316 -16.75 28.98 -12.28
CA GLU E 316 -17.70 28.76 -13.37
C GLU E 316 -17.89 27.27 -13.60
N ASP E 317 -19.08 26.76 -13.28
CA ASP E 317 -19.38 25.34 -13.38
C ASP E 317 -20.47 25.16 -14.42
N ILE E 318 -20.31 24.15 -15.27
CA ILE E 318 -21.24 23.88 -16.36
C ILE E 318 -22.30 22.90 -15.85
N GLU E 319 -23.48 23.43 -15.51
CA GLU E 319 -24.60 22.60 -15.08
C GLU E 319 -25.26 22.05 -16.34
N TYR E 320 -24.66 20.99 -16.88
CA TYR E 320 -25.08 20.44 -18.15
C TYR E 320 -26.51 19.93 -18.10
N GLY E 321 -26.82 19.09 -17.11
CA GLY E 321 -28.16 18.54 -16.96
C GLY E 321 -28.41 17.44 -17.96
N ASN E 322 -29.71 17.15 -18.19
CA ASN E 322 -30.12 16.02 -19.02
C ASN E 322 -29.36 14.76 -18.61
N CYS E 323 -28.55 14.17 -19.50
CA CYS E 323 -27.84 12.91 -19.23
C CYS E 323 -28.77 11.71 -19.14
N THR E 324 -30.06 11.89 -19.46
CA THR E 324 -31.05 10.83 -19.33
C THR E 324 -30.55 9.55 -19.99
N LYS E 325 -30.59 8.46 -19.24
CA LYS E 325 -30.01 7.19 -19.68
C LYS E 325 -31.11 6.27 -20.18
N TYR E 326 -30.80 5.51 -21.24
CA TYR E 326 -31.69 4.48 -21.73
C TYR E 326 -30.98 3.14 -21.66
N TYR E 327 -31.56 2.21 -20.93
CA TYR E 327 -31.02 0.86 -20.77
C TYR E 327 -32.00 -0.12 -21.41
N ALA E 328 -31.48 -1.03 -22.21
CA ALA E 328 -32.34 -1.94 -22.96
C ALA E 328 -33.08 -2.87 -22.01
N GLY E 329 -34.41 -2.92 -22.17
CA GLY E 329 -35.26 -3.80 -21.40
C GLY E 329 -35.69 -3.28 -20.04
N THR E 330 -35.16 -2.14 -19.59
CA THR E 330 -35.60 -1.55 -18.33
C THR E 330 -36.25 -0.18 -18.47
N GLY E 331 -35.89 0.60 -19.49
CA GLY E 331 -36.51 1.89 -19.72
C GLY E 331 -35.57 3.05 -19.45
N TYR E 332 -36.14 4.25 -19.56
CA TYR E 332 -35.40 5.49 -19.36
C TYR E 332 -35.24 5.81 -17.87
N TYR E 333 -34.11 6.44 -17.55
CA TYR E 333 -33.83 6.85 -16.17
C TYR E 333 -33.26 8.26 -16.14
N THR E 334 -33.63 9.01 -15.11
CA THR E 334 -33.23 10.40 -14.96
C THR E 334 -31.79 10.50 -14.43
N CYS E 335 -31.10 11.57 -14.85
CA CYS E 335 -29.72 11.82 -14.46
C CYS E 335 -29.50 13.32 -14.46
N VAL E 336 -28.53 13.78 -13.65
CA VAL E 336 -28.10 15.17 -13.65
C VAL E 336 -26.59 15.18 -13.48
N GLU E 337 -25.92 16.06 -14.21
CA GLU E 337 -24.46 16.07 -14.22
C GLU E 337 -23.92 17.46 -13.91
N VAL E 338 -22.82 17.51 -13.16
CA VAL E 338 -22.12 18.76 -12.84
C VAL E 338 -20.66 18.60 -13.30
N ILE E 339 -20.22 19.47 -14.19
CA ILE E 339 -18.87 19.37 -14.75
C ILE E 339 -17.98 20.42 -14.09
N PHE E 340 -16.81 19.99 -13.62
CA PHE E 340 -15.86 20.86 -12.96
C PHE E 340 -14.66 21.10 -13.86
N THR E 341 -14.30 22.37 -14.06
CA THR E 341 -13.18 22.73 -14.90
C THR E 341 -11.96 22.93 -14.01
N LEU E 342 -10.92 22.13 -14.23
CA LEU E 342 -9.69 22.21 -13.44
C LEU E 342 -8.52 22.56 -14.36
N ARG E 343 -7.76 23.57 -13.97
CA ARG E 343 -6.58 23.99 -14.71
C ARG E 343 -5.33 23.67 -13.90
N ARG E 344 -4.34 23.05 -14.54
CA ARG E 344 -3.15 22.62 -13.84
C ARG E 344 -2.19 23.78 -13.64
N GLN E 345 -1.57 23.83 -12.46
CA GLN E 345 -0.53 24.82 -12.20
C GLN E 345 0.80 24.32 -12.75
N VAL E 346 1.46 25.17 -13.55
CA VAL E 346 2.68 24.77 -14.24
C VAL E 346 3.92 25.04 -13.41
N GLY E 347 3.77 25.65 -12.24
CA GLY E 347 4.93 26.02 -11.44
C GLY E 347 5.79 24.85 -11.00
N PHE E 348 5.16 23.74 -10.59
CA PHE E 348 5.91 22.60 -10.09
C PHE E 348 6.83 22.00 -11.17
N TYR E 349 6.34 21.92 -12.39
CA TYR E 349 7.09 21.28 -13.48
C TYR E 349 8.21 22.16 -14.01
N MET E 350 8.11 23.48 -13.83
CA MET E 350 9.24 24.37 -14.13
C MET E 350 10.48 23.92 -13.37
N MET E 351 10.40 23.91 -12.04
CA MET E 351 11.53 23.49 -11.21
C MET E 351 11.79 22.00 -11.38
N GLY E 352 10.74 21.20 -11.53
CA GLY E 352 10.87 19.75 -11.51
C GLY E 352 11.39 19.07 -12.76
N VAL E 353 10.96 19.51 -13.95
CA VAL E 353 11.29 18.84 -15.20
C VAL E 353 12.03 19.76 -16.17
N TYR E 354 11.48 20.94 -16.43
CA TYR E 354 12.07 21.82 -17.45
C TYR E 354 13.44 22.33 -17.02
N ALA E 355 13.57 22.85 -15.80
CA ALA E 355 14.86 23.34 -15.35
C ALA E 355 15.94 22.27 -15.27
N PRO E 356 15.70 21.05 -14.75
CA PRO E 356 16.78 20.04 -14.78
C PRO E 356 17.22 19.68 -16.18
N THR E 357 16.28 19.47 -17.11
CA THR E 357 16.63 19.12 -18.47
C THR E 357 17.39 20.24 -19.17
N LEU E 358 16.98 21.49 -18.93
CA LEU E 358 17.67 22.63 -19.52
C LEU E 358 19.12 22.71 -19.02
N LEU E 359 19.35 22.34 -17.77
CA LEU E 359 20.70 22.35 -17.22
C LEU E 359 21.60 21.34 -17.95
N ILE E 360 21.09 20.13 -18.17
CA ILE E 360 21.91 19.07 -18.78
C ILE E 360 22.30 19.44 -20.20
N VAL E 361 21.44 20.17 -20.92
CA VAL E 361 21.80 20.63 -22.26
C VAL E 361 22.98 21.58 -22.19
N VAL E 362 23.01 22.44 -21.18
CA VAL E 362 24.08 23.42 -21.05
C VAL E 362 25.42 22.75 -20.81
N LEU E 363 25.43 21.73 -19.94
CA LEU E 363 26.64 20.93 -19.74
C LEU E 363 27.13 20.29 -21.03
N SER E 364 26.19 19.86 -21.89
CA SER E 364 26.57 19.23 -23.15
C SER E 364 27.40 20.17 -24.01
N TRP E 365 27.08 21.46 -23.99
CA TRP E 365 27.80 22.44 -24.79
C TRP E 365 29.22 22.69 -24.28
N LEU E 366 29.53 22.28 -23.04
CA LEU E 366 30.85 22.52 -22.48
C LEU E 366 31.94 21.81 -23.26
N SER E 367 31.60 20.70 -23.94
CA SER E 367 32.60 19.95 -24.69
C SER E 367 33.23 20.79 -25.79
N PHE E 368 32.47 21.74 -26.35
CA PHE E 368 32.96 22.54 -27.47
C PHE E 368 34.15 23.42 -27.10
N TRP E 369 34.35 23.70 -25.81
CA TRP E 369 35.51 24.47 -25.37
C TRP E 369 36.65 23.56 -24.92
N ILE E 370 36.34 22.36 -24.43
CA ILE E 370 37.38 21.39 -24.09
C ILE E 370 38.18 21.04 -25.34
N ASN E 371 39.49 20.80 -25.14
CA ASN E 371 40.49 20.50 -26.16
C ASN E 371 39.97 19.49 -27.18
N PRO E 372 40.17 19.74 -28.48
CA PRO E 372 39.76 18.74 -29.49
C PRO E 372 40.43 17.38 -29.32
N ASP E 373 41.67 17.35 -28.84
CA ASP E 373 42.42 16.10 -28.74
C ASP E 373 42.18 15.37 -27.43
N ALA E 374 41.31 15.90 -26.55
CA ALA E 374 41.04 15.29 -25.26
C ALA E 374 39.92 14.25 -25.41
N SER E 375 40.29 13.12 -26.01
CA SER E 375 39.31 12.07 -26.29
C SER E 375 38.73 11.50 -25.00
N ALA E 376 39.58 11.28 -24.00
CA ALA E 376 39.14 10.69 -22.74
C ALA E 376 38.32 11.65 -21.89
N ALA E 377 38.21 12.92 -22.29
CA ALA E 377 37.48 13.93 -21.55
C ALA E 377 36.15 14.30 -22.20
N ARG E 378 36.18 14.68 -23.48
CA ARG E 378 34.95 15.08 -24.17
C ARG E 378 33.97 13.92 -24.30
N VAL E 379 34.46 12.72 -24.60
CA VAL E 379 33.58 11.58 -24.80
C VAL E 379 32.78 11.23 -23.55
N PRO E 380 33.37 11.11 -22.35
CA PRO E 380 32.54 10.94 -21.15
C PRO E 380 31.53 12.07 -20.95
N LEU E 381 31.92 13.31 -21.26
CA LEU E 381 30.99 14.43 -21.13
C LEU E 381 29.78 14.26 -22.03
N GLY E 382 30.01 13.81 -23.27
CA GLY E 382 28.89 13.60 -24.18
C GLY E 382 27.98 12.44 -23.76
N ILE E 383 28.58 11.29 -23.45
CA ILE E 383 27.76 10.11 -23.16
C ILE E 383 27.02 10.24 -21.84
N LEU E 384 27.67 10.76 -20.80
CA LEU E 384 27.01 10.89 -19.50
C LEU E 384 25.90 11.93 -19.54
N SER E 385 26.00 12.91 -20.43
CA SER E 385 24.92 13.89 -20.58
C SER E 385 23.70 13.26 -21.23
N VAL E 386 23.91 12.46 -22.28
CA VAL E 386 22.79 11.82 -22.97
C VAL E 386 22.10 10.83 -22.04
N LEU E 387 22.89 10.01 -21.33
CA LEU E 387 22.30 8.98 -20.47
C LEU E 387 21.62 9.59 -19.25
N SER E 388 22.07 10.76 -18.81
CA SER E 388 21.40 11.42 -17.68
C SER E 388 20.01 11.90 -18.07
N LEU E 389 19.87 12.43 -19.28
CA LEU E 389 18.56 12.90 -19.75
C LEU E 389 17.60 11.72 -19.91
N SER E 390 18.11 10.58 -20.41
CA SER E 390 17.26 9.41 -20.61
C SER E 390 16.69 8.90 -19.30
N SER E 391 17.51 8.88 -18.24
CA SER E 391 17.02 8.46 -16.93
C SER E 391 15.96 9.42 -16.41
N GLU E 392 16.11 10.72 -16.68
CA GLU E 392 15.13 11.70 -16.26
C GLU E 392 13.78 11.46 -16.93
N CYS E 393 13.81 11.07 -18.21
CA CYS E 393 12.56 10.74 -18.91
C CYS E 393 11.87 9.54 -18.27
N THR E 394 12.63 8.53 -17.87
CA THR E 394 12.03 7.34 -17.27
C THR E 394 11.32 7.69 -15.96
N SER E 395 11.91 8.59 -15.17
CA SER E 395 11.35 8.94 -13.86
C SER E 395 10.01 9.64 -14.02
N LEU E 396 9.86 10.44 -15.08
CA LEU E 396 8.60 11.13 -15.35
C LEU E 396 7.48 10.14 -15.67
N ALA E 397 7.81 9.06 -16.38
CA ALA E 397 6.80 8.09 -16.78
C ALA E 397 6.16 7.39 -15.58
N SER E 398 6.87 7.31 -14.46
CA SER E 398 6.41 6.56 -13.30
C SER E 398 5.08 7.10 -12.76
N GLU E 399 4.95 8.43 -12.63
CA GLU E 399 3.70 8.98 -12.13
C GLU E 399 2.58 8.90 -13.17
N LEU E 400 2.91 9.08 -14.43
CA LEU E 400 1.89 9.11 -15.46
C LEU E 400 1.37 7.71 -15.78
N PRO E 401 0.09 7.58 -16.15
CA PRO E 401 -0.44 6.28 -16.56
C PRO E 401 0.16 5.86 -17.90
N LYS E 402 -0.05 4.60 -18.24
CA LYS E 402 0.55 4.01 -19.44
C LYS E 402 -0.31 4.33 -20.66
N VAL E 403 -0.35 5.63 -20.99
CA VAL E 403 -1.06 6.08 -22.17
C VAL E 403 -0.22 5.79 -23.42
N SER E 404 -0.90 5.67 -24.55
CA SER E 404 -0.26 5.32 -25.81
C SER E 404 -0.09 6.51 -26.77
N TYR E 405 -0.44 7.71 -26.34
CA TYR E 405 -0.26 8.90 -27.16
C TYR E 405 0.87 9.76 -26.62
N VAL E 406 1.38 10.64 -27.48
CA VAL E 406 2.45 11.55 -27.14
C VAL E 406 1.90 12.71 -26.33
N LYS E 407 2.72 13.21 -25.40
CA LYS E 407 2.38 14.31 -24.52
C LYS E 407 3.28 15.49 -24.84
N ALA E 408 2.89 16.68 -24.38
CA ALA E 408 3.67 17.87 -24.68
C ALA E 408 5.07 17.78 -24.10
N ILE E 409 5.19 17.20 -22.90
CA ILE E 409 6.48 17.11 -22.23
C ILE E 409 7.45 16.29 -23.07
N ASP E 410 6.92 15.39 -23.89
CA ASP E 410 7.75 14.48 -24.68
C ASP E 410 8.51 15.23 -25.77
N ILE E 411 7.86 16.19 -26.43
CA ILE E 411 8.52 16.94 -27.50
C ILE E 411 9.67 17.76 -26.91
N TRP E 412 9.54 18.16 -25.66
CA TRP E 412 10.66 18.82 -24.98
C TRP E 412 11.79 17.83 -24.74
N LEU E 413 11.47 16.65 -24.20
CA LEU E 413 12.50 15.66 -23.90
C LEU E 413 13.16 15.11 -25.16
N ILE E 414 12.41 14.98 -26.26
CA ILE E 414 13.01 14.52 -27.52
C ILE E 414 14.02 15.54 -28.02
N ALA E 415 13.66 16.83 -28.01
CA ALA E 415 14.58 17.85 -28.48
C ALA E 415 15.82 17.95 -27.61
N CYS E 416 15.65 17.84 -26.28
CA CYS E 416 16.80 17.86 -25.39
C CYS E 416 17.71 16.68 -25.65
N LEU E 417 17.13 15.49 -25.85
CA LEU E 417 17.92 14.33 -26.20
C LEU E 417 18.57 14.49 -27.57
N LEU E 418 17.86 15.12 -28.52
CA LEU E 418 18.41 15.35 -29.84
C LEU E 418 19.62 16.28 -29.78
N PHE E 419 19.54 17.34 -28.97
CA PHE E 419 20.69 18.23 -28.79
C PHE E 419 21.83 17.51 -28.07
N GLY E 420 21.51 16.70 -27.06
CA GLY E 420 22.54 15.91 -26.42
C GLY E 420 23.17 14.91 -27.36
N PHE E 421 22.36 14.23 -28.17
CA PHE E 421 22.88 13.28 -29.14
C PHE E 421 23.73 13.97 -30.19
N ALA E 422 23.32 15.17 -30.63
CA ALA E 422 24.05 15.88 -31.66
C ALA E 422 25.38 16.42 -31.17
N SER E 423 25.56 16.57 -29.85
CA SER E 423 26.85 16.96 -29.32
C SER E 423 27.87 15.84 -29.49
N LEU E 424 27.49 14.60 -29.20
CA LEU E 424 28.42 13.48 -29.33
C LEU E 424 28.73 13.19 -30.79
N VAL E 425 27.72 13.26 -31.66
CA VAL E 425 27.94 13.08 -33.09
C VAL E 425 28.83 14.20 -33.65
N GLU E 426 28.78 15.38 -33.04
CA GLU E 426 29.65 16.48 -33.47
C GLU E 426 31.11 16.15 -33.19
N TYR E 427 31.41 15.57 -32.02
CA TYR E 427 32.79 15.23 -31.72
C TYR E 427 33.29 14.11 -32.62
N ALA E 428 32.44 13.12 -32.91
CA ALA E 428 32.83 12.03 -33.79
C ALA E 428 33.28 12.55 -35.15
N VAL E 429 32.63 13.59 -35.65
CA VAL E 429 33.06 14.20 -36.90
C VAL E 429 34.42 14.86 -36.74
N VAL E 430 34.65 15.50 -35.60
CA VAL E 430 35.94 16.14 -35.33
C VAL E 430 37.04 15.09 -35.26
N GLN E 431 36.76 13.95 -34.63
CA GLN E 431 37.77 12.91 -34.48
C GLN E 431 38.12 12.28 -35.82
N VAL E 432 37.15 12.20 -36.74
CA VAL E 432 37.44 11.68 -38.07
C VAL E 432 38.30 12.68 -38.85
N MET E 433 37.98 13.96 -38.71
CA MET E 433 38.69 14.98 -39.50
C MET E 433 40.15 15.10 -39.03
N LEU E 434 40.40 15.02 -37.73
CA LEU E 434 41.79 15.10 -37.20
C LEU E 434 42.59 13.89 -37.67
N ASN E 435 42.00 12.70 -37.65
CA ASN E 435 42.74 11.47 -38.00
C ASN E 435 42.68 11.20 -39.50
N SER E 436 41.90 11.99 -40.25
CA SER E 436 41.73 11.71 -41.69
C SER E 436 43.07 11.79 -42.43
N PRO E 437 43.96 12.78 -42.18
CA PRO E 437 45.28 12.77 -42.80
C PRO E 437 45.93 11.39 -42.67
N ALA E 547 41.23 23.77 -40.26
CA ALA E 547 41.06 22.33 -40.17
C ALA E 547 39.75 21.98 -39.47
N ALA E 548 39.84 21.21 -38.38
CA ALA E 548 38.68 20.84 -37.60
C ALA E 548 38.26 21.90 -36.60
N LYS E 549 39.01 23.00 -36.50
CA LYS E 549 38.63 24.07 -35.57
C LYS E 549 37.38 24.81 -36.04
N ARG E 550 37.13 24.84 -37.34
CA ARG E 550 35.91 25.47 -37.86
C ARG E 550 34.66 24.76 -37.35
N ILE E 551 34.71 23.42 -37.29
CA ILE E 551 33.55 22.65 -36.82
C ILE E 551 33.25 22.99 -35.37
N ASP E 552 34.28 23.07 -34.53
CA ASP E 552 34.07 23.42 -33.13
C ASP E 552 33.61 24.87 -32.99
N LEU E 553 34.23 25.78 -33.75
CA LEU E 553 33.89 27.20 -33.62
C LEU E 553 32.45 27.47 -34.03
N TYR E 554 32.01 26.85 -35.13
CA TYR E 554 30.62 27.00 -35.56
C TYR E 554 29.66 26.40 -34.53
N ALA E 555 30.01 25.24 -33.98
CA ALA E 555 29.13 24.58 -33.01
C ALA E 555 28.89 25.45 -31.80
N ARG E 556 29.90 26.21 -31.36
CA ARG E 556 29.75 27.06 -30.18
C ARG E 556 28.69 28.13 -30.39
N ALA E 557 28.59 28.68 -31.61
CA ALA E 557 27.59 29.69 -31.90
C ALA E 557 26.22 29.09 -32.19
N LEU E 558 26.15 28.12 -33.10
CA LEU E 558 24.86 27.64 -33.60
C LEU E 558 24.09 26.83 -32.56
N PHE E 559 24.78 25.94 -31.84
CA PHE E 559 24.07 25.06 -30.89
C PHE E 559 23.25 25.82 -29.86
N PRO E 560 23.78 26.83 -29.15
CA PRO E 560 22.86 27.69 -28.37
C PRO E 560 21.82 28.39 -29.22
N PHE E 561 22.23 28.86 -30.40
CA PHE E 561 21.34 29.64 -31.27
C PHE E 561 20.16 28.80 -31.74
N SER E 562 20.41 27.55 -32.14
CA SER E 562 19.32 26.70 -32.61
C SER E 562 18.36 26.34 -31.48
N PHE E 563 18.89 26.13 -30.27
CA PHE E 563 18.05 25.86 -29.12
C PHE E 563 17.13 27.04 -28.79
N LEU E 564 17.63 28.26 -28.99
CA LEU E 564 16.82 29.46 -28.75
C LEU E 564 15.58 29.48 -29.63
N PHE E 565 15.73 29.14 -30.91
CA PHE E 565 14.58 29.11 -31.83
C PHE E 565 13.57 28.06 -31.40
N PHE E 566 14.03 26.90 -30.95
CA PHE E 566 13.11 25.85 -30.52
C PHE E 566 12.27 26.32 -29.33
N ASN E 567 12.92 26.96 -28.35
CA ASN E 567 12.20 27.48 -27.19
C ASN E 567 11.14 28.50 -27.60
N VAL E 568 11.47 29.38 -28.54
CA VAL E 568 10.53 30.42 -28.98
C VAL E 568 9.29 29.78 -29.60
N ILE E 569 9.50 28.80 -30.49
CA ILE E 569 8.38 28.15 -31.15
C ILE E 569 7.57 27.32 -30.16
N TYR E 570 8.25 26.56 -29.31
CA TYR E 570 7.57 25.66 -28.38
C TYR E 570 6.61 26.42 -27.46
N TRP E 571 7.13 27.41 -26.72
CA TRP E 571 6.30 28.11 -25.75
C TRP E 571 5.18 28.90 -26.43
N SER E 572 5.47 29.50 -27.60
CA SER E 572 4.44 30.21 -28.34
C SER E 572 3.31 29.29 -28.78
N VAL E 573 3.64 28.09 -29.23
CA VAL E 573 2.62 27.15 -29.69
C VAL E 573 1.70 26.77 -28.54
N TYR E 574 2.26 26.51 -27.37
CA TYR E 574 1.49 26.09 -26.21
C TYR E 574 1.08 27.26 -25.32
N LEU E 575 1.32 28.49 -25.77
CA LEU E 575 0.93 29.72 -25.07
C LEU E 575 1.37 29.74 -23.60
N GLY F . -25.04 20.61 8.38
CA GLY F . -25.05 20.99 6.98
C GLY F . -26.44 21.15 6.41
O GLY F . -26.81 22.21 5.91
OXT GLY F . -27.26 20.22 6.43
C1 NAG G . -27.18 27.99 26.91
C2 NAG G . -28.49 28.30 27.65
C3 NAG G . -29.08 29.60 27.12
C4 NAG G . -28.06 30.73 27.24
C5 NAG G . -26.77 30.34 26.53
C6 NAG G . -25.67 31.37 26.69
C7 NAG G . -30.21 26.75 28.51
C8 NAG G . -30.03 27.42 29.83
N2 NAG G . -29.45 27.21 27.50
O3 NAG G . -30.26 29.93 27.84
O4 NAG G . -28.58 31.92 26.67
O5 NAG G . -26.27 29.11 27.06
O6 NAG G . -25.26 31.47 28.06
O7 NAG G . -31.00 25.83 28.35
C1 IVM H . 17.44 28.86 -15.15
O1 IVM H . 20.13 26.53 -13.36
C2 IVM H . 18.16 27.41 -15.18
O2 IVM H . 15.33 29.78 -9.75
C3 IVM H . 19.71 27.52 -15.65
O3 IVM H . 11.90 28.54 -12.03
C4 IVM H . 20.10 26.19 -16.52
O4 IVM H . 10.33 30.70 -11.44
C5 IVM H . 20.66 27.58 -14.29
O5 IVM H . 8.37 32.26 -8.20
C6 IVM H . 20.90 26.47 -12.09
O6 IVM H . 5.90 30.10 -8.58
C7 IVM H . 22.46 26.16 -12.30
O7 IVM H . 9.15 29.25 -10.11
C8 IVM H . 23.10 27.10 -13.40
O8 IVM H . 13.46 31.15 -9.43
C9 IVM H . 22.21 27.39 -14.67
O9 IVM H . 15.53 21.95 -7.20
C10 IVM H . 22.74 28.78 -15.34
O10 IVM H . 14.94 19.36 -8.16
C11 IVM H . 20.27 25.31 -11.19
O11 IVM H . 18.09 22.97 -11.71
C12 IVM H . 18.77 25.55 -11.01
O12 IVM H . 18.27 24.62 -10.06
C13 IVM H . 18.47 26.88 -10.45
O13 IVM H . 15.18 22.93 -10.77
C14 IVM H . 19.32 28.11 -11.08
O14 IVM H . 20.77 27.78 -11.38
C15 IVM H . 19.29 29.30 -10.09
C16 IVM H . 17.81 29.56 -9.78
C17 IVM H . 17.40 29.95 -8.61
C18 IVM H . 18.46 30.22 -7.39
C19 IVM H . 15.87 30.17 -8.39
C20 IVM H . 14.49 30.53 -10.39
C21 IVM H . 13.89 29.61 -11.38
C22 IVM H . 12.46 29.43 -11.10
C23 IVM H . 12.92 27.62 -12.65
C24 IVM H . 11.82 30.80 -11.22
C25 IVM H . 9.60 30.63 -10.29
C26 IVM H . 8.46 31.59 -10.40
C27 IVM H . 7.67 31.59 -9.24
C28 IVM H . 8.31 33.76 -8.27
C29 IVM H . 7.37 30.21 -8.79
C30 IVM H . 7.76 29.20 -9.80
C31 IVM H . 7.47 27.88 -9.23
C32 IVM H . 12.25 31.67 -10.08
C33 IVM H . 12.55 33.07 -10.61
C34 IVM H . 15.53 29.07 -7.28
C35 IVM H . 14.03 29.06 -6.65
C36 IVM H . 15.63 27.65 -8.16
C37 IVM H . 14.87 26.45 -8.01
C38 IVM H . 15.17 25.25 -9.01
C39 IVM H . 15.50 23.99 -8.56
C40 IVM H . 15.65 23.38 -7.07
C41 IVM H . 15.06 21.63 -8.56
C42 IVM H . 15.25 20.28 -9.13
C43 IVM H . 16.67 19.98 -9.61
C44 IVM H . 17.37 20.96 -10.20
C45 IVM H . 17.26 22.38 -9.62
C46 IVM H . 17.89 23.31 -10.55
C47 IVM H . 15.81 22.74 -9.45
C48 IVM H . 17.04 18.42 -9.94
C1 IVM I . 30.79 17.92 8.76
O1 IVM I . 31.53 15.17 6.25
C2 IVM I . 30.45 17.71 7.20
O2 IVM I . 28.65 14.58 12.94
C3 IVM I . 31.78 17.68 6.27
O3 IVM I . 26.60 18.34 13.25
C4 IVM I . 31.34 17.76 4.71
O4 IVM I . 25.71 17.91 15.77
C5 IVM I . 32.56 16.23 6.52
O5 IVM I . 24.24 15.99 19.08
C6 IVM I . 32.10 13.80 6.52
O6 IVM I . 21.19 16.17 18.05
C7 IVM I . 33.35 13.45 5.61
O7 IVM I . 23.69 16.83 15.45
C8 IVM I . 34.43 14.63 5.62
O8 IVM I . 27.52 14.92 14.90
C9 IVM I . 33.85 16.09 5.57
O9 IVM I . 24.85 9.42 7.38
C10 IVM I . 34.99 17.11 6.16
O10 IVM I . 22.97 9.56 5.24
C11 IVM I . 30.94 12.75 6.23
O11 IVM I . 27.88 13.00 4.98
C12 IVM I . 29.69 13.12 7.05
O12 IVM I . 28.76 12.05 6.90
C13 IVM I . 29.98 13.20 8.50
O13 IVM I . 25.35 13.00 6.57
C14 IVM I . 31.31 14.03 8.88
O14 IVM I . 32.49 13.73 7.96
C15 IVM I . 31.75 13.69 10.33
C16 IVM I . 30.57 13.89 11.27
C17 IVM I . 30.42 13.06 12.27
C18 IVM I . 31.50 11.85 12.48
C19 IVM I . 29.23 13.21 13.26
C20 IVM I . 28.61 15.40 13.93
C21 IVM I . 28.31 16.74 13.36
C22 IVM I . 26.98 17.12 13.83
C23 IVM I . 25.44 18.20 12.30
C24 IVM I . 26.98 17.23 15.34
C25 IVM I . 24.81 17.07 16.36
C26 IVM I . 24.34 17.74 17.62
C27 IVM I . 23.46 16.92 18.35
C28 IVM I . 25.06 16.63 20.16
C29 IVM I . 22.55 16.20 17.44
C30 IVM I . 22.47 16.92 16.15
C31 IVM I . 21.38 16.32 15.34
C32 IVM I . 27.14 15.88 15.93
C33 IVM I . 28.22 15.87 16.99
C34 IVM I . 28.27 11.98 12.94
C35 IVM I . 26.87 11.80 13.76
C36 IVM I . 27.80 12.28 11.36
C37 IVM I . 26.55 11.98 10.75
C38 IVM I . 26.32 12.36 9.23
C39 IVM I . 25.95 11.38 8.33
C40 IVM I . 25.65 9.81 8.51
C41 IVM I . 24.36 10.65 6.70
C42 IVM I . 23.85 10.61 5.34
C43 IVM I . 24.93 10.45 4.26
C44 IVM I . 26.09 11.07 4.41
C45 IVM I . 26.71 11.15 5.83
C46 IVM I . 27.79 12.13 5.85
C47 IVM I . 25.66 11.60 6.80
C48 IVM I . 24.40 10.13 2.74
C7 PX4 J . 18.27 26.73 17.52
C8 PX4 J . 19.63 27.31 18.14
O5 PX4 J . 20.31 28.16 17.15
C9 PX4 J . 19.79 29.52 17.10
O6 PX4 J . 19.01 29.94 17.97
C10 PX4 J . 20.23 30.51 15.91
C11 PX4 J . 21.33 29.78 14.98
C12 PX4 J . 21.82 30.82 13.86
C13 PX4 J . 23.24 30.36 13.29
C14 PX4 J . 23.79 31.51 12.31
C15 PX4 J . 25.32 31.22 11.91
C16 PX4 J . 25.40 29.82 11.13
C17 PX4 J . 26.88 29.67 10.48
C18 PX4 J . 27.00 28.26 9.73
C19 PX4 J . 28.40 28.19 8.95
C20 PX4 J . 28.52 26.78 8.20
C21 PX4 J . 29.87 26.77 7.32
C22 PX4 J . 29.97 25.37 6.54
O7 PX4 J . 18.26 25.27 17.63
C23 PX4 J . 18.07 24.58 16.34
O8 PX4 J . 17.55 23.45 16.31
C24 PX4 J . 18.53 25.29 14.98
C25 PX4 J . 19.67 24.40 14.28
C26 PX4 J . 20.47 25.29 13.21
C27 PX4 J . 21.65 24.42 12.57
C28 PX4 J . 22.61 25.36 11.71
C29 PX4 J . 23.75 24.46 11.04
C30 PX4 J . 24.68 25.39 10.11
C31 PX4 J . 25.62 24.45 9.20
C32 PX4 J . 24.70 23.43 8.37
C33 PX4 J . 25.62 22.53 7.41
N GLY K . -11.58 6.14 30.64
CA GLY K . -11.34 7.54 30.31
C GLY K . -12.59 8.39 30.40
O GLY K . -12.51 9.62 30.39
OXT GLY K . -13.70 7.88 30.48
C1 PLM L . 39.35 36.06 -17.69
O1 PLM L . 38.69 36.21 -18.77
O2 PLM L . 40.58 36.12 -17.50
C2 PLM L . 38.45 35.74 -16.44
C3 PLM L . 37.57 34.50 -16.55
C4 PLM L . 36.87 34.11 -15.23
C5 PLM L . 35.79 33.04 -15.37
C6 PLM L . 35.21 32.58 -14.02
C7 PLM L . 33.85 31.85 -14.13
C8 PLM L . 33.21 31.53 -12.78
C9 PLM L . 31.71 31.25 -12.85
C1 PLM M . 9.23 35.81 3.60
O1 PLM M . 8.51 36.83 3.83
O2 PLM M . 9.19 34.68 4.16
C2 PLM M . 10.30 35.94 2.46
C3 PLM M . 11.18 34.71 2.23
C4 PLM M . 12.35 34.95 1.27
C5 PLM M . 13.51 33.97 1.46
C6 PLM M . 14.75 34.28 0.62
C7 PLM M . 16.04 33.59 1.11
C8 PLM M . 17.32 34.14 0.48
C9 PLM M . 18.61 33.60 1.13
CA PLM M . 19.89 34.25 0.60
C1 PLM N . 48.38 33.86 -2.19
O1 PLM N . 48.87 33.60 -3.32
O2 PLM N . 48.68 34.81 -1.40
C2 PLM N . 47.26 32.87 -1.71
C3 PLM N . 47.54 32.13 -0.40
C4 PLM N . 46.40 31.22 0.07
C5 PLM N . 46.70 30.49 1.38
C6 PLM N . 45.55 29.59 1.88
C7 PLM N . 45.13 28.51 0.87
C8 PLM N . 43.93 27.66 1.33
C9 PLM N . 42.62 28.45 1.46
CA PLM N . 41.50 27.70 2.18
CB PLM N . 41.14 26.36 1.52
CC PLM N . 40.29 25.45 2.40
CD PLM N . 38.98 26.09 2.87
CE PLM N . 38.15 25.19 3.81
CF PLM N . 37.69 23.88 3.17
CG PLM N . 36.80 23.04 4.09
C1 PLM O . 18.68 19.65 20.04
O1 PLM O . 18.43 20.81 20.45
O2 PLM O . 18.27 18.54 20.50
C2 PLM O . 19.63 19.59 18.79
C3 PLM O . 19.13 20.31 17.54
C4 PLM O . 20.22 21.05 16.75
C5 PLM O . 21.08 21.97 17.62
C6 PLM O . 22.18 22.73 16.85
C7 PLM O . 23.17 21.81 16.11
C8 PLM O . 24.30 22.59 15.41
C9 PLM O . 25.15 21.73 14.44
CA PLM O . 26.24 22.53 13.72
CB PLM O . 26.99 21.74 12.64
CC PLM O . 28.07 22.55 11.92
CD PLM O . 28.79 21.78 10.81
CE PLM O . 29.91 22.59 10.14
CF PLM O . 30.68 21.80 9.06
C1 PLM P . 41.51 36.76 -12.14
O1 PLM P . 41.92 36.08 -13.12
O2 PLM P . 42.09 36.97 -11.03
C2 PLM P . 40.11 37.41 -12.35
C3 PLM P . 38.96 36.42 -12.61
C4 PLM P . 38.61 35.56 -11.38
C5 PLM P . 37.81 34.30 -11.73
C6 PLM P . 37.16 33.63 -10.53
C7 PLM P . 35.99 34.42 -9.94
C8 PLM P . 35.33 33.75 -8.72
C9 PLM P . 33.80 33.81 -8.73
CA PLM P . 33.16 32.82 -7.76
CB PLM P . 31.64 32.76 -7.83
CC PLM P . 31.04 31.52 -7.18
CD PLM P . 29.56 31.31 -7.49
CE PLM P . 28.64 32.33 -6.79
CF PLM P . 27.15 31.97 -6.87
CG PLM P . 26.28 32.85 -5.97
C1 NAG Q . -36.55 -25.38 -17.71
C2 NAG Q . -38.01 -25.86 -17.69
C3 NAG Q . -38.07 -27.34 -18.03
C4 NAG Q . -37.34 -27.63 -19.34
C5 NAG Q . -35.91 -27.07 -19.25
C6 NAG Q . -35.14 -27.24 -20.54
C7 NAG Q . -39.65 -24.77 -16.23
C8 NAG Q . -40.16 -24.63 -14.83
N2 NAG Q . -38.62 -25.60 -16.39
O3 NAG Q . -39.43 -27.73 -18.15
O4 NAG Q . -37.29 -29.02 -19.58
O5 NAG Q . -35.97 -25.67 -18.98
O6 NAG Q . -35.45 -26.21 -21.47
O7 NAG Q . -40.16 -24.17 -17.17
C1 IVM R . 13.99 6.64 -34.23
O1 IVM R . 15.98 8.66 -31.02
C2 IVM R . 14.68 6.52 -32.77
O2 IVM R . 9.15 8.25 -32.98
C3 IVM R . 16.27 6.87 -32.82
O3 IVM R . 9.20 4.36 -34.98
C4 IVM R . 17.03 5.93 -31.72
O4 IVM R . 6.33 4.43 -35.20
C5 IVM R . 16.46 8.48 -32.42
O5 IVM R . 3.52 1.37 -35.67
C6 IVM R . 15.87 10.12 -30.72
O6 IVM R . 2.13 3.83 -36.29
C7 IVM R . 17.26 10.91 -30.86
O7 IVM R . 5.59 4.46 -37.41
C8 IVM R . 18.13 10.45 -32.12
O8 IVM R . 7.14 7.54 -33.78
C9 IVM R . 17.99 8.96 -32.57
O9 IVM R . 10.42 9.61 -24.14
C10 IVM R . 18.40 8.86 -34.15
O10 IVM R . 11.16 7.80 -22.01
C11 IVM R . 15.39 10.25 -29.21
O11 IVM R . 14.52 7.90 -26.90
C12 IVM R . 14.05 9.53 -29.00
O12 IVM R . 13.60 9.88 -27.70
C13 IVM R . 13.00 9.96 -29.94
O13 IVM R . 11.98 6.95 -26.21
C14 IVM R . 13.50 10.03 -31.48
O14 IVM R . 14.85 10.71 -31.63
C15 IVM R . 12.46 10.77 -32.35
C16 IVM R . 11.18 9.94 -32.38
C17 IVM R . 10.02 10.51 -32.53
C18 IVM R . 9.92 12.13 -32.72
C19 IVM R . 8.71 9.66 -32.58
C20 IVM R . 8.62 7.83 -34.07
C21 IVM R . 9.36 6.62 -34.51
C22 IVM R . 8.48 5.44 -34.50
C23 IVM R . 10.29 3.90 -34.03
C24 IVM R . 7.22 5.65 -35.34
C25 IVM R . 6.26 3.70 -36.35
C26 IVM R . 5.53 2.43 -36.06
C27 IVM R . 4.16 2.65 -35.77
C28 IVM R . 2.76 1.14 -34.40
C29 IVM R . 3.47 3.43 -36.80
C30 IVM R . 4.20 4.67 -37.16
C31 IVM R . 3.58 5.24 -38.38
C32 IVM R . 6.46 6.83 -34.86
C33 IVM R . 6.21 7.80 -36.01
C34 IVM R . 8.01 9.81 -31.15
C35 IVM R . 6.59 9.04 -30.89
C36 IVM R . 9.08 9.15 -30.04
C37 IVM R . 9.28 9.51 -28.67
C38 IVM R . 10.38 8.73 -27.82
C39 IVM R . 10.70 9.04 -26.52
C40 IVM R . 10.14 10.13 -25.46
C41 IVM R . 10.92 8.21 -24.27
C42 IVM R . 11.72 7.54 -23.23
C43 IVM R . 13.19 7.91 -23.20
C44 IVM R . 13.83 8.25 -24.33
C45 IVM R . 13.06 8.98 -25.44
C46 IVM R . 13.78 8.86 -26.70
C47 IVM R . 11.75 8.29 -25.64
C48 IVM R . 14.09 7.24 -21.99
C7 PX4 S . 1.98 -5.28 -39.36
C8 PX4 S . 1.48 -3.98 -38.58
O5 PX4 S . 0.39 -3.34 -39.34
C9 PX4 S . 0.38 -1.87 -39.28
O6 PX4 S . -0.60 -1.24 -39.68
C10 PX4 S . 1.66 -1.08 -38.69
C11 PX4 S . 2.25 -0.12 -39.83
C12 PX4 S . 3.06 -1.00 -40.90
C13 PX4 S . 4.57 -1.16 -40.42
C14 PX4 S . 5.31 0.27 -40.51
C15 PX4 S . 6.86 0.09 -40.15
C16 PX4 S . 7.60 1.51 -40.26
C17 PX4 S . 9.05 1.41 -39.58
C18 PX4 S . 9.56 2.89 -39.22
C19 PX4 S . 10.95 2.80 -38.41
C20 PX4 S . 11.32 4.25 -37.83
C21 PX4 S . 12.67 4.14 -36.96
C22 PX4 S . 13.92 3.92 -37.94
O7 PX4 S . 3.30 -5.68 -38.86
C23 PX4 S . 4.40 -5.48 -39.82
O8 PX4 S . 4.18 -5.55 -41.04
C24 PX4 S . 5.87 -5.15 -39.28
C25 PX4 S . 6.85 -4.79 -40.50
C26 PX4 S . 8.18 -4.13 -39.91
C27 PX4 S . 8.93 -3.32 -41.08
C28 PX4 S . 10.14 -2.46 -40.47
C29 PX4 S . 11.35 -3.42 -40.02
C30 PX4 S . 12.39 -2.57 -39.13
C31 PX4 S . 12.46 -1.06 -39.67
C32 PX4 S . 13.77 -0.31 -39.13
C33 PX4 S . 13.83 -0.41 -37.51
C34 PX4 S . 15.14 0.36 -37.00
C35 PX4 S . 16.44 -0.20 -37.75
C36 PX4 S . 17.73 0.66 -37.34
C1 PLM T . 3.21 -6.88 -34.73
O1 PLM T . 2.34 -7.11 -33.85
O2 PLM T . 4.19 -7.59 -35.07
C2 PLM T . 3.08 -5.52 -35.50
C3 PLM T . 3.14 -4.25 -34.64
C4 PLM T . 3.82 -3.07 -35.33
C5 PLM T . 4.99 -3.48 -36.22
C6 PLM T . 5.81 -2.32 -36.79
C7 PLM T . 6.79 -1.71 -35.77
C8 PLM T . 7.65 -0.59 -36.35
C9 PLM T . 8.51 0.12 -35.29
CA PLM T . 9.81 -0.61 -34.96
CB PLM T . 10.62 0.04 -33.82
C7 PX4 U . 8.58 -19.15 -27.50
C8 PX4 U . 9.39 -20.49 -27.17
O5 PX4 U . 10.50 -20.19 -26.25
C9 PX4 U . 11.81 -20.61 -26.72
O6 PX4 U . 12.34 -21.65 -26.26
C10 PX4 U . 12.57 -19.75 -27.85
C11 PX4 U . 13.98 -19.27 -27.27
C12 PX4 U . 14.67 -18.27 -28.33
C13 PX4 U . 16.18 -17.97 -27.86
C14 PX4 U . 16.76 -16.73 -28.71
C15 PX4 U . 16.49 -16.98 -30.27
C16 PX4 U . 17.10 -15.76 -31.11
C17 PX4 U . 18.66 -15.59 -30.76
C18 PX4 U . 19.32 -14.48 -31.70
O7 PX4 U . 7.63 -19.39 -28.59
C23 PX4 U . 7.89 -18.63 -29.82
O8 PX4 U . 7.07 -18.65 -30.75
C24 PX4 U . 9.25 -17.78 -29.97
C25 PX4 U . 10.11 -18.37 -31.19
C26 PX4 U . 11.48 -17.53 -31.32
C27 PX4 U . 11.17 -16.11 -32.00
C28 PX4 U . 12.55 -15.43 -32.44
C29 PX4 U . 12.23 -14.09 -33.26
C30 PX4 U . 13.60 -13.37 -33.66
C31 PX4 U . 14.47 -14.34 -34.59
C32 PX4 U . 15.85 -13.63 -34.97
C33 PX4 U . 16.70 -14.60 -35.93
C34 PX4 U . 18.02 -13.84 -36.43
N GLY V . -31.26 1.14 -13.19
CA GLY V . -30.53 0.47 -14.25
C GLY V . -30.89 -1.00 -14.38
O GLY V . -30.74 -1.59 -15.46
OXT GLY V . -31.34 -1.63 -13.43
C1 PLM W . 34.74 14.25 -45.77
O1 PLM W . 34.16 14.28 -46.89
O2 PLM W . 35.82 13.71 -45.45
C2 PLM W . 34.00 14.98 -44.58
C3 PLM W . 33.61 14.10 -43.40
C4 PLM W . 32.50 13.10 -43.71
C5 PLM W . 32.20 12.13 -42.55
C6 PLM W . 32.13 12.80 -41.17
C7 PLM W . 32.03 11.81 -39.99
C8 PLM W . 30.62 11.25 -39.79
C9 PLM W . 30.43 10.54 -38.44
CA PLM W . 29.00 10.04 -38.20
CB PLM W . 28.83 9.29 -36.87
CC PLM W . 27.50 8.54 -36.74
CD PLM W . 27.38 7.68 -35.47
CE PLM W . 26.07 6.88 -35.38
C1 PLM X . 32.37 4.40 -47.37
O1 PLM X . 32.34 3.21 -46.96
O2 PLM X . 33.37 5.08 -47.73
C2 PLM X . 31.01 5.17 -47.46
C3 PLM X . 30.28 5.44 -46.13
C4 PLM X . 29.65 4.20 -45.48
C5 PLM X . 28.66 4.51 -44.36
C6 PLM X . 28.14 3.26 -43.63
C7 PLM X . 26.67 3.37 -43.17
C8 PLM X . 26.48 4.13 -41.86
C9 PLM X . 25.06 4.00 -41.29
CA PLM X . 24.87 4.70 -39.93
CB PLM X . 23.45 4.53 -39.35
CC PLM X . 23.21 5.30 -38.05
CD PLM X . 21.76 5.24 -37.56
C1 PLM Y . 34.90 -0.68 -48.30
O1 PLM Y . 35.20 0.39 -47.69
O2 PLM Y . 34.77 -0.86 -49.54
C2 PLM Y . 34.62 -1.91 -47.37
C3 PLM Y . 33.23 -2.52 -47.47
C4 PLM Y . 32.97 -3.68 -46.50
C5 PLM Y . 31.58 -4.31 -46.63
C6 PLM Y . 31.30 -5.45 -45.63
C7 PLM Y . 29.95 -6.13 -45.83
C8 PLM Y . 29.68 -7.28 -44.85
C9 PLM Y . 28.34 -7.99 -45.08
C1 PLM Z . 41.16 -13.29 -40.50
O1 PLM Z . 40.66 -14.42 -40.76
O2 PLM Z . 42.12 -12.71 -41.07
C2 PLM Z . 40.50 -12.47 -39.34
C3 PLM Z . 41.43 -12.14 -38.16
C4 PLM Z . 40.81 -11.18 -37.13
C5 PLM Z . 39.52 -11.72 -36.49
C6 PLM Z . 38.82 -10.71 -35.57
C7 PLM Z . 37.54 -11.26 -34.93
C8 PLM Z . 36.72 -10.20 -34.17
C9 PLM Z . 35.39 -10.74 -33.60
CA PLM Z . 34.50 -9.65 -32.98
CB PLM Z . 33.20 -10.20 -32.38
C1 PLM AA . 38.10 -8.67 -41.96
O1 PLM AA . 39.23 -8.12 -41.93
O2 PLM AA . 37.56 -9.34 -42.88
C2 PLM AA . 37.26 -8.51 -40.64
C3 PLM AA . 36.86 -9.80 -39.94
C4 PLM AA . 36.11 -9.59 -38.62
C5 PLM AA . 34.74 -8.91 -38.79
C6 PLM AA . 34.24 -8.18 -37.54
C7 PLM AA . 32.79 -7.73 -37.64
C8 PLM AA . 31.77 -8.86 -37.38
C9 PLM AA . 30.45 -8.38 -36.79
CA PLM AA . 29.48 -9.52 -36.45
CB PLM AA . 28.30 -9.09 -35.57
CC PLM AA . 27.49 -10.26 -35.03
CD PLM AA . 26.31 -9.84 -34.15
CE PLM AA . 25.32 -10.98 -33.85
CF PLM AA . 24.00 -10.49 -33.23
CG PLM AA . 22.89 -11.56 -33.27
N GLY BA . -20.98 -25.51 -4.67
CA GLY BA . -19.79 -26.18 -4.19
C GLY BA . -20.06 -27.05 -2.98
O GLY BA . -19.13 -27.52 -2.32
OXT GLY BA . -21.21 -27.32 -2.61
C7 PX4 CA . 47.41 -15.50 -32.86
C8 PX4 CA . 48.06 -15.62 -31.40
O5 PX4 CA . 47.31 -16.60 -30.60
C9 PX4 CA . 45.99 -16.11 -30.17
O6 PX4 CA . 44.95 -16.64 -30.62
C10 PX4 CA . 45.89 -14.89 -29.13
C11 PX4 CA . 46.53 -15.34 -27.73
C12 PX4 CA . 45.64 -16.45 -27.00
C13 PX4 CA . 44.51 -15.79 -26.07
C14 PX4 CA . 43.20 -15.41 -26.90
C15 PX4 CA . 42.67 -16.69 -27.71
C16 PX4 CA . 41.17 -16.42 -28.22
C17 PX4 CA . 40.22 -16.15 -26.96
C18 PX4 CA . 38.70 -16.00 -27.45
C19 PX4 CA . 37.73 -15.89 -26.18
O7 PX4 CA . 46.85 -14.16 -33.04
C23 PX4 CA . 45.41 -14.16 -33.38
O8 PX4 CA . 44.87 -15.20 -33.82
C24 PX4 CA . 44.54 -12.83 -33.19
C25 PX4 CA . 43.38 -13.08 -32.10
C26 PX4 CA . 42.42 -11.80 -32.06
C27 PX4 CA . 41.38 -11.94 -30.86
C28 PX4 CA . 42.16 -11.89 -29.46
C29 PX4 CA . 41.11 -11.90 -28.25
C30 PX4 CA . 40.12 -10.65 -28.41
C31 PX4 CA . 39.44 -10.31 -27.00
C32 PX4 CA . 38.66 -11.60 -26.44
C33 PX4 CA . 38.03 -11.27 -25.01
C34 PX4 CA . 37.53 -12.63 -24.32
C35 PX4 CA . 37.04 -12.31 -22.82
C36 PX4 CA . 36.88 -13.69 -22.00
N GLY DA . -9.67 -22.82 22.89
CA GLY DA . -8.46 -22.23 23.45
C GLY DA . -8.70 -21.45 24.73
O GLY DA . -7.82 -21.36 25.58
OXT GLY DA . -9.78 -20.90 24.93
C1 NAG EA . -17.25 -41.19 17.54
C2 NAG EA . -18.44 -41.84 18.19
C3 NAG EA . -17.96 -42.68 19.37
C4 NAG EA . -16.92 -43.71 18.91
C5 NAG EA . -15.80 -43.01 18.12
C6 NAG EA . -14.88 -43.99 17.42
C7 NAG EA . -20.73 -40.97 18.42
C8 NAG EA . -21.59 -39.85 18.93
N2 NAG EA . -19.41 -40.85 18.64
O3 NAG EA . -19.06 -43.33 19.97
O4 NAG EA . -16.36 -44.36 20.04
O5 NAG EA . -16.38 -42.18 17.10
O6 NAG EA . -15.12 -44.03 16.02
O7 NAG EA . -21.21 -41.95 17.85
C1 IVM FA . 24.70 -17.20 -21.88
O1 IVM FA . 24.76 -13.31 -22.05
C2 IVM FA . 25.02 -16.01 -20.83
O2 IVM FA . 19.20 -17.60 -23.41
C3 IVM FA . 26.32 -15.13 -21.27
O3 IVM FA . 19.77 -20.72 -20.48
C4 IVM FA . 26.75 -14.20 -20.02
O4 IVM FA . 17.44 -22.00 -21.08
C5 IVM FA . 25.89 -14.16 -22.55
O5 IVM FA . 13.73 -22.69 -22.69
C6 IVM FA . 24.23 -12.42 -23.15
O6 IVM FA . 12.22 -22.29 -19.93
C7 IVM FA . 25.33 -11.44 -23.76
O7 IVM FA . 15.72 -21.19 -19.79
C8 IVM FA . 26.67 -12.23 -24.14
O8 IVM FA . 17.55 -19.16 -23.28
C9 IVM FA . 27.14 -13.32 -23.10
O9 IVM FA . 16.84 -10.11 -19.61
C10 IVM FA . 28.15 -14.35 -23.85
O10 IVM FA . 17.05 -8.80 -17.05
C11 IVM FA . 23.05 -11.55 -22.52
O11 IVM FA . 22.02 -11.12 -19.45
C12 IVM FA . 22.03 -12.48 -21.87
O12 IVM FA . 20.92 -11.71 -21.43
C13 IVM FA . 21.48 -13.44 -22.85
O13 IVM FA . 19.53 -12.27 -18.21
C14 IVM FA . 22.61 -14.22 -23.71
O14 IVM FA . 23.69 -13.30 -24.23
C15 IVM FA . 21.97 -14.93 -24.92
C16 IVM FA . 20.83 -15.80 -24.39
C17 IVM FA . 19.70 -15.88 -25.05
C18 IVM FA . 19.50 -15.02 -26.44
C19 IVM FA . 18.55 -16.77 -24.51
C20 IVM FA . 19.04 -18.87 -23.51
C21 IVM FA . 19.88 -19.50 -22.46
C22 IVM FA . 19.00 -20.15 -21.49
C23 IVM FA . 19.66 -19.97 -19.16
C24 IVM FA . 18.16 -21.21 -22.16
C25 IVM FA . 16.09 -21.81 -21.06
C26 IVM FA . 15.43 -23.15 -21.23
C27 IVM FA . 14.04 -23.01 -21.34
C28 IVM FA . 13.66 -23.88 -23.59
C29 IVM FA . 13.55 -21.92 -20.48
C30 IVM FA . 14.47 -21.70 -19.34
C31 IVM FA . 13.86 -20.74 -18.41
C32 IVM FA . 17.21 -20.57 -23.11
C33 IVM FA . 17.29 -21.24 -24.47
C34 IVM FA . 17.43 -15.73 -24.04
C35 IVM FA . 16.04 -16.30 -23.42
C36 IVM FA . 18.13 -14.90 -22.76
C37 IVM FA . 17.46 -14.18 -21.73
C38 IVM FA . 18.32 -13.45 -20.61
C39 IVM FA . 18.05 -12.16 -20.21
C40 IVM FA . 16.89 -11.12 -20.63
C41 IVM FA . 17.59 -10.59 -18.41
C42 IVM FA . 18.06 -9.66 -17.38
C43 IVM FA . 19.29 -8.84 -17.77
C44 IVM FA . 20.25 -9.42 -18.48
C45 IVM FA . 19.83 -10.36 -19.63
C46 IVM FA . 20.99 -11.08 -20.13
C47 IVM FA . 18.82 -11.35 -19.11
C48 IVM FA . 19.69 -7.56 -16.81
C1 D10 GA . 23.46 -20.05 -14.66
C2 D10 GA . 24.63 -20.68 -15.39
C3 D10 GA . 24.86 -22.13 -15.01
C4 D10 GA . 23.66 -23.02 -15.18
C5 D10 GA . 23.92 -24.47 -14.84
C6 D10 GA . 22.72 -25.39 -15.00
C7 D10 GA . 21.53 -25.12 -14.11
C8 D10 GA . 20.38 -26.09 -14.28
C9 D10 GA . 19.17 -25.77 -13.42
C10 D10 GA . 17.98 -26.68 -13.64
C7 PX4 HA . 59.16 -6.86 -3.94
C8 PX4 HA . 59.50 -6.85 -2.37
O5 PX4 HA . 59.46 -5.47 -1.88
C9 PX4 HA . 58.13 -4.87 -1.96
O6 PX4 HA . 57.12 -5.53 -1.68
C10 PX4 HA . 57.97 -3.34 -2.43
C11 PX4 HA . 58.62 -2.35 -1.35
C12 PX4 HA . 57.66 -2.24 -0.07
C13 PX4 HA . 56.25 -1.62 -0.50
C14 PX4 HA . 55.11 -2.08 0.53
C15 PX4 HA . 54.87 -3.66 0.43
C16 PX4 HA . 53.98 -4.00 -0.86
C17 PX4 HA . 53.89 -5.59 -1.04
C18 PX4 HA . 53.35 -6.25 0.31
C19 PX4 HA . 51.79 -5.90 0.51
C20 PX4 HA . 50.93 -6.59 -0.65
C21 PX4 HA . 49.38 -6.22 -0.46
C22 PX4 HA . 48.85 -6.81 0.93
O7 PX4 HA . 59.62 -8.12 -4.54
C23 PX4 HA . 58.54 -9.05 -4.91
O8 PX4 HA . 58.83 -10.13 -5.46
C24 PX4 HA . 57.01 -8.68 -4.60
C25 PX4 HA . 56.16 -8.73 -5.95
C26 PX4 HA . 54.61 -8.97 -5.60
C27 PX4 HA . 53.94 -7.59 -5.14
C28 PX4 HA . 52.36 -7.81 -4.97
C29 PX4 HA . 51.63 -6.41 -4.77
C30 PX4 HA . 50.05 -6.63 -4.68
C31 PX4 HA . 49.31 -5.26 -4.32
C32 PX4 HA . 47.76 -5.56 -4.04
C33 PX4 HA . 47.09 -4.31 -3.28
C34 PX4 HA . 45.73 -4.78 -2.56
C35 PX4 HA . 45.25 -3.64 -1.54
C36 PX4 HA . 43.95 -4.16 -0.75
C1 PLM IA . 46.69 -20.60 -25.44
O1 PLM IA . 47.23 -20.27 -24.36
O2 PLM IA . 47.11 -21.38 -26.34
C2 PLM IA . 45.28 -19.93 -25.70
C3 PLM IA . 44.22 -20.19 -24.63
C4 PLM IA . 43.02 -19.25 -24.71
C5 PLM IA . 41.97 -19.48 -23.60
C6 PLM IA . 40.84 -18.45 -23.56
C7 PLM IA . 39.64 -18.86 -22.70
C8 PLM IA . 38.48 -17.85 -22.73
C9 PLM IA . 37.18 -18.39 -22.12
CA PLM IA . 36.00 -17.42 -22.21
CB PLM IA . 34.68 -18.00 -21.70
C1 PLM JA . 14.20 -25.42 -15.86
O1 PLM JA . 13.99 -26.35 -15.03
O2 PLM JA . 13.40 -24.53 -16.27
C2 PLM JA . 15.64 -25.39 -16.46
C3 PLM JA . 15.73 -25.56 -17.98
C4 PLM JA . 17.16 -25.79 -18.51
C5 PLM JA . 18.15 -24.69 -18.11
C6 PLM JA . 19.59 -24.91 -18.63
C7 PLM JA . 20.52 -23.72 -18.38
C8 PLM JA . 21.87 -23.83 -19.10
C9 PLM JA . 22.73 -22.57 -18.99
CA PLM JA . 24.08 -22.67 -19.72
CB PLM JA . 24.86 -21.35 -19.77
CC PLM JA . 26.16 -21.42 -20.58
CD PLM JA . 26.92 -20.09 -20.66
C1 PLM KA . 25.66 -23.26 10.24
O1 PLM KA . 24.67 -22.77 10.86
O2 PLM KA . 26.68 -23.84 10.71
C2 PLM KA . 25.65 -23.15 8.68
C3 PLM KA . 26.81 -22.37 8.06
C4 PLM KA . 26.66 -22.12 6.55
C5 PLM KA . 27.74 -21.19 5.98
C6 PLM KA . 28.70 -21.88 4.99
C7 PLM KA . 29.62 -20.90 4.25
C8 PLM KA . 30.44 -21.55 3.12
C9 PLM KA . 31.16 -20.54 2.22
CA PLM KA . 31.86 -21.17 1.01
CB PLM KA . 32.51 -20.16 0.06
CC PLM KA . 33.12 -20.78 -1.20
C1 PLM LA . 23.29 -26.32 7.60
O1 PLM LA . 23.89 -27.43 7.61
O2 PLM LA . 22.56 -25.81 8.49
C2 PLM LA . 23.52 -25.47 6.31
C3 PLM LA . 24.40 -26.12 5.23
C4 PLM LA . 24.84 -25.15 4.12
C5 PLM LA . 25.70 -25.81 3.03
C6 PLM LA . 26.30 -24.83 2.02
C7 PLM LA . 27.04 -25.51 0.85
C8 PLM LA . 27.69 -24.53 -0.12
C9 PLM LA . 28.42 -25.22 -1.29
CA PLM LA . 29.32 -24.28 -2.10
CB PLM LA . 30.55 -24.96 -2.69
CC PLM LA . 31.59 -24.00 -3.28
CD PLM LA . 32.87 -24.69 -3.78
CE PLM LA . 33.94 -23.72 -4.29
CF PLM LA . 35.21 -24.41 -4.80
C1 PLM MA . 53.54 -16.38 -12.03
O1 PLM MA . 54.48 -15.70 -11.53
O2 PLM MA . 53.59 -17.46 -12.66
C2 PLM MA . 52.12 -15.76 -11.84
C3 PLM MA . 51.10 -16.58 -11.06
C4 PLM MA . 49.70 -15.98 -11.08
C5 PLM MA . 48.67 -16.78 -10.28
C6 PLM MA . 47.24 -16.27 -10.42
C7 PLM MA . 46.22 -17.05 -9.57
C8 PLM MA . 44.77 -16.63 -9.80
C9 PLM MA . 43.78 -17.30 -8.85
CA PLM MA . 42.33 -16.84 -9.04
CB PLM MA . 41.43 -17.17 -7.85
CC PLM MA . 40.14 -16.34 -7.79
CD PLM MA . 39.37 -16.52 -6.48
CE PLM MA . 38.76 -17.92 -6.33
CF PLM MA . 37.80 -18.05 -5.13
CG PLM MA . 37.10 -19.41 -5.07
C1 PLM NA . 56.03 -14.35 -8.89
O1 PLM NA . 55.37 -15.39 -8.62
O2 PLM NA . 57.22 -14.26 -9.33
C2 PLM NA . 55.29 -13.01 -8.60
C3 PLM NA . 53.88 -13.13 -8.02
C4 PLM NA . 53.15 -11.79 -7.88
C5 PLM NA . 51.78 -11.89 -7.20
C6 PLM NA . 50.86 -12.96 -7.81
C7 PLM NA . 49.39 -12.79 -7.41
C8 PLM NA . 48.72 -11.57 -8.05
C9 PLM NA . 47.43 -11.13 -7.34
CA PLM NA . 46.34 -12.22 -7.33
CB PLM NA . 45.08 -11.80 -6.56
CC PLM NA . 44.15 -12.98 -6.22
C7 PX4 OA . 55.11 22.35 0.00
C8 PX4 OA . 55.63 23.84 -0.29
O5 PX4 OA . 54.59 24.60 -1.00
C9 PX4 OA . 55.07 25.82 -1.64
O6 PX4 OA . 56.30 25.98 -1.82
C10 PX4 OA . 54.05 26.95 -2.11
C11 PX4 OA . 52.55 26.49 -1.80
C12 PX4 OA . 51.55 27.69 -2.13
C13 PX4 OA . 50.04 27.17 -2.09
C14 PX4 OA . 49.71 26.52 -0.66
C15 PX4 OA . 48.26 25.87 -0.69
C16 PX4 OA . 47.87 25.31 0.76
C17 PX4 OA . 46.40 24.67 0.69
C18 PX4 OA . 45.90 24.31 2.18
C19 PX4 OA . 44.44 23.67 2.10
C20 PX4 OA . 43.91 23.32 3.58
C21 PX4 OA . 42.51 22.54 3.48
C22 PX4 OA . 41.98 22.21 4.96
O7 PX4 OA . 55.00 22.16 1.45
C23 PX4 OA . 53.95 21.21 1.85
O8 PX4 OA . 53.91 20.77 3.02
C24 PX4 OA . 52.84 20.74 0.80
C25 PX4 OA . 51.37 21.09 1.35
C26 PX4 OA . 50.28 20.66 0.26
C27 PX4 OA . 48.83 20.66 0.93
C28 PX4 OA . 47.73 20.27 -0.17
C29 PX4 OA . 46.34 19.97 0.57
C30 PX4 OA . 45.16 19.84 -0.52
C31 PX4 OA . 43.78 19.61 0.26
C32 PX4 OA . 42.53 19.91 -0.70
C33 PX4 OA . 41.28 20.40 0.18
C34 PX4 OA . 40.02 20.69 -0.76
C35 PX4 OA . 38.89 21.46 0.08
C1 NAG PA . -11.19 -7.51 45.36
C2 NAG PA . -11.97 -8.01 46.58
C3 NAG PA . -11.90 -6.97 47.70
C4 NAG PA . -10.45 -6.70 48.05
C5 NAG PA . -9.68 -6.24 46.82
C6 NAG PA . -8.20 -6.08 47.08
C7 NAG PA . -14.12 -9.17 46.91
C8 NAG PA . -15.52 -9.33 46.41
N2 NAG PA . -13.36 -8.30 46.24
O3 NAG PA . -12.61 -7.44 48.84
O4 NAG PA . -10.37 -5.71 49.07
O5 NAG PA . -9.82 -7.18 45.74
O6 NAG PA . -7.43 -6.49 45.95
O7 NAG PA . -13.69 -9.80 47.88
C1 IVM QA . 35.07 -10.17 4.68
O1 IVM QA . 34.42 -9.30 1.01
C2 IVM QA . 34.75 -8.86 3.79
O2 IVM QA . 31.18 -14.82 4.46
C3 IVM QA . 35.98 -8.47 2.79
O3 IVM QA . 31.87 -13.34 8.37
C4 IVM QA . 35.86 -6.90 2.36
O4 IVM QA . 29.63 -14.74 9.31
C5 IVM QA . 35.85 -9.41 1.42
O5 IVM QA . 27.79 -18.20 10.25
C6 IVM QA . 34.16 -10.06 -0.26
O6 IVM QA . 25.04 -16.79 11.18
C7 IVM QA . 35.06 -9.58 -1.48
O7 IVM QA . 27.32 -14.60 9.30
C8 IVM QA . 36.60 -9.38 -1.10
O8 IVM QA . 29.99 -15.92 6.05
C9 IVM QA . 36.90 -8.85 0.35
O9 IVM QA . 25.61 -10.39 -0.38
C10 IVM QA . 38.39 -9.36 0.78
O10 IVM QA . 24.30 -7.76 -0.35
C11 IVM QA . 32.63 -9.82 -0.66
O11 IVM QA . 30.19 -7.89 0.26
C12 IVM QA . 31.68 -10.22 0.47
O12 IVM QA . 30.37 -10.20 -0.06
C13 IVM QA . 31.91 -11.60 0.93
O13 IVM QA . 27.88 -8.60 1.96
C14 IVM QA . 33.47 -11.98 1.15
O14 IVM QA . 34.36 -11.51 0.02
C15 IVM QA . 33.62 -13.50 1.32
C16 IVM QA . 32.60 -14.00 2.36
C17 IVM QA . 31.99 -15.13 2.17
C18 IVM QA . 32.32 -16.02 0.83
C19 IVM QA . 30.95 -15.65 3.20
C20 IVM QA . 31.37 -15.52 5.52
C21 IVM QA . 32.10 -14.67 6.49
C22 IVM QA . 31.18 -14.21 7.52
C23 IVM QA . 32.85 -12.47 7.62
C24 IVM QA . 30.62 -15.36 8.34
C25 IVM QA . 28.49 -15.48 9.46
C26 IVM QA . 28.49 -16.10 10.83
C27 IVM QA . 27.42 -17.01 10.93
C28 IVM QA . 28.78 -19.04 11.00
C29 IVM QA . 26.20 -16.47 10.31
C30 IVM QA . 26.26 -14.99 10.14
C31 IVM QA . 24.98 -14.54 9.57
C32 IVM QA . 29.96 -16.35 7.45
C33 IVM QA . 30.62 -17.72 7.56
C34 IVM QA . 29.53 -15.50 2.49
C35 IVM QA . 28.18 -16.09 3.20
C36 IVM QA . 29.29 -13.85 2.30
C37 IVM QA . 28.08 -13.10 2.37
C38 IVM QA . 28.18 -11.52 2.15
C39 IVM QA . 27.47 -10.91 1.15
C40 IVM QA . 26.40 -11.49 0.08
C41 IVM QA . 25.87 -9.22 0.51
C42 IVM QA . 25.58 -7.83 0.13
C43 IVM QA . 26.52 -7.22 -0.89
C44 IVM QA . 27.81 -7.55 -0.87
C45 IVM QA . 28.24 -8.97 -0.42
C46 IVM QA . 29.65 -8.96 -0.04
C47 IVM QA . 27.45 -9.39 0.80
C48 IVM QA . 26.12 -5.73 -1.49
C7 PX4 RA . 24.14 -15.77 18.15
C8 PX4 RA . 25.22 -15.33 19.25
O5 PX4 RA . 26.47 -14.96 18.58
C9 PX4 RA . 27.16 -13.82 19.18
O6 PX4 RA . 26.81 -13.41 20.30
C10 PX4 RA . 28.36 -13.11 18.39
C11 PX4 RA . 27.93 -11.61 18.03
C12 PX4 RA . 29.06 -10.94 17.10
C13 PX4 RA . 28.54 -9.51 16.59
C14 PX4 RA . 29.68 -8.84 15.67
C15 PX4 RA . 31.00 -8.59 16.54
C16 PX4 RA . 32.10 -7.84 15.63
C17 PX4 RA . 32.54 -8.82 14.44
C18 PX4 RA . 33.53 -8.03 13.45
C19 PX4 RA . 32.67 -7.16 12.41
C20 PX4 RA . 33.65 -6.55 11.29
C21 PX4 RA . 32.76 -5.90 10.12
O7 PX4 RA . 24.40 -15.05 16.90
C23 PX4 RA . 24.83 -15.92 15.79
O8 PX4 RA . 23.99 -16.52 15.10
C24 PX4 RA . 26.40 -16.08 15.46
C25 PX4 RA . 27.01 -14.65 15.10
C26 PX4 RA . 28.60 -14.79 14.86
C27 PX4 RA . 29.18 -13.41 14.30
C28 PX4 RA . 30.72 -13.59 13.92
C29 PX4 RA . 31.17 -12.40 12.94
C30 PX4 RA . 32.70 -12.58 12.53
C31 PX4 RA . 33.07 -11.51 11.38
C32 PX4 RA . 34.66 -11.47 11.19
C33 PX4 RA . 35.02 -10.40 10.05
C34 PX4 RA . 36.62 -10.32 9.87
C1 PLM SA . 57.01 -3.44 3.92
O1 PLM SA . 57.07 -2.26 4.38
O2 PLM SA . 57.32 -3.85 2.77
C2 PLM SA . 56.47 -4.51 4.93
C3 PLM SA . 55.09 -4.22 5.52
C4 PLM SA . 53.95 -4.24 4.50
C5 PLM SA . 52.56 -4.04 5.13
C6 PLM SA . 51.39 -4.09 4.12
C7 PLM SA . 50.02 -4.00 4.79
C8 PLM SA . 48.84 -4.23 3.84
C9 PLM SA . 47.50 -4.42 4.55
CA PLM SA . 46.34 -4.81 3.62
CB PLM SA . 45.04 -5.12 4.36
CC PLM SA . 43.89 -5.55 3.44
C1 PLM TA . 52.77 -3.88 9.55
O1 PLM TA . 52.46 -3.02 10.41
O2 PLM TA . 53.91 -4.29 9.20
C2 PLM TA . 51.54 -4.54 8.82
C3 PLM TA . 50.16 -4.04 9.27
C4 PLM TA . 48.99 -4.83 8.66
C5 PLM TA . 47.62 -4.40 9.20
C6 PLM TA . 46.44 -5.24 8.67
C7 PLM TA . 45.07 -4.70 9.07
C8 PLM TA . 43.89 -5.42 8.38
C9 PLM TA . 42.52 -4.78 8.65
C1 PLM UA . 60.92 15.72 6.63
O1 PLM UA . 62.08 16.17 6.43
O2 PLM UA . 60.46 15.14 7.66
C2 PLM UA . 59.92 15.94 5.43
C3 PLM UA . 58.72 16.85 5.70
C4 PLM UA . 57.61 16.19 6.54
C5 PLM UA . 56.26 16.91 6.47
C6 PLM UA . 55.61 16.93 5.08
C7 PLM UA . 54.12 17.25 5.08
C8 PLM UA . 53.49 17.25 3.67
C9 PLM UA . 51.95 17.39 3.67
CA PLM UA . 51.21 16.19 4.28
CB PLM UA . 49.76 16.05 3.80
CC PLM UA . 49.01 14.88 4.43
CD PLM UA . 47.59 14.69 3.86
CE PLM UA . 46.69 13.78 4.73
CF PLM UA . 45.22 13.76 4.27
CG PLM UA . 44.29 13.07 5.28
C1 PLM VA . 26.62 7.64 22.92
O1 PLM VA . 25.42 7.36 22.66
O2 PLM VA . 27.10 8.68 23.45
C2 PLM VA . 27.70 6.56 22.53
C3 PLM VA . 28.78 7.02 21.57
C4 PLM VA . 29.75 5.91 21.13
C5 PLM VA . 30.86 6.40 20.18
C6 PLM VA . 31.87 5.31 19.78
C7 PLM VA . 33.11 5.86 19.06
C8 PLM VA . 34.19 4.80 18.79
C9 PLM VA . 35.50 5.37 18.23
C1 PLM WA . 23.41 14.21 23.61
O1 PLM WA . 22.19 13.95 23.71
O2 PLM WA . 24.01 15.31 23.83
C2 PLM WA . 24.35 13.05 23.14
C3 PLM WA . 25.13 13.30 21.84
C4 PLM WA . 25.96 12.10 21.37
C5 PLM WA . 26.76 12.38 20.08
C6 PLM WA . 27.67 11.22 19.65
C7 PLM WA . 28.66 11.59 18.54
C8 PLM WA . 29.84 10.62 18.41
C9 PLM WA . 30.84 11.01 17.31
CA PLM WA . 32.06 10.09 17.22
CB PLM WA . 32.96 10.36 16.01
CC PLM WA . 34.12 9.36 15.86
C1 PLM XA . 55.69 12.53 5.70
O1 PLM XA . 56.63 11.76 5.38
O2 PLM XA . 55.74 13.60 6.37
C2 PLM XA . 54.29 12.08 5.21
C3 PLM XA . 53.26 11.88 6.33
C4 PLM XA . 51.91 11.34 5.85
C5 PLM XA . 50.87 11.29 6.97
C6 PLM XA . 49.58 10.54 6.61
C7 PLM XA . 48.54 10.55 7.72
C8 PLM XA . 47.35 9.64 7.44
C9 PLM XA . 46.28 9.70 8.53
CA PLM XA . 45.10 8.76 8.27
CB PLM XA . 43.87 9.10 9.11
CC PLM XA . 42.56 8.57 8.52
CD PLM XA . 41.33 9.24 9.13
CE PLM XA . 41.11 8.86 10.60
CF PLM XA . 39.74 9.20 11.14
CG PLM XA . 39.47 8.66 12.55
C1 NAG YA . -33.70 17.29 -20.87
C2 NAG YA . -34.55 16.03 -20.97
C3 NAG YA . -36.02 16.27 -20.66
C4 NAG YA . -36.13 16.92 -19.30
C5 NAG YA . -35.34 18.22 -19.31
C6 NAG YA . -35.37 18.89 -17.95
C7 NAG YA . -33.97 14.19 -22.45
C8 NAG YA . -32.61 14.03 -23.06
N2 NAG YA . -34.39 15.44 -22.29
O3 NAG YA . -36.72 15.03 -20.66
O4 NAG YA . -37.51 17.20 -19.01
O5 NAG YA . -33.98 17.96 -19.63
O6 NAG YA . -34.03 18.96 -17.45
O7 NAG YA . -34.65 13.23 -22.12
C7 PX4 ZA . 38.08 37.65 -27.06
C8 PX4 ZA . 39.30 37.64 -26.03
O5 PX4 ZA . 38.80 37.23 -24.72
C9 PX4 ZA . 39.83 36.75 -23.79
O6 PX4 ZA . 41.03 37.00 -23.98
C10 PX4 ZA . 39.38 35.88 -22.52
C11 PX4 ZA . 38.56 34.62 -23.06
C12 PX4 ZA . 37.86 33.82 -21.86
C13 PX4 ZA . 36.88 32.74 -22.50
C14 PX4 ZA . 36.21 31.84 -21.36
C15 PX4 ZA . 35.21 30.81 -22.07
C16 PX4 ZA . 34.43 29.94 -20.97
C17 PX4 ZA . 33.20 29.22 -21.69
C18 PX4 ZA . 32.30 28.45 -20.61
C19 PX4 ZA . 30.97 27.90 -21.32
C20 PX4 ZA . 29.97 29.11 -21.65
C21 PX4 ZA . 28.63 28.52 -22.31
C22 PX4 ZA . 27.85 27.62 -21.24
O7 PX4 ZA . 38.31 36.67 -28.14
C23 PX4 ZA . 37.66 35.37 -27.92
O8 PX4 ZA . 37.29 35.05 -26.78
C24 PX4 ZA . 37.44 34.38 -29.17
C25 PX4 ZA . 36.78 32.98 -28.74
C26 PX4 ZA . 35.24 33.16 -28.31
C27 PX4 ZA . 34.76 31.84 -27.54
C28 PX4 ZA . 33.48 32.15 -26.64
C29 PX4 ZA . 33.71 33.49 -25.78
C30 PX4 ZA . 32.84 33.42 -24.44
C31 PX4 ZA . 31.38 32.84 -24.76
C32 PX4 ZA . 30.67 32.38 -23.40
C33 PX4 ZA . 30.42 33.66 -22.46
C1 NAG AB . -50.23 21.20 22.89
C2 NAG AB . -50.33 22.74 22.75
C3 NAG AB . -50.11 23.39 24.11
C4 NAG AB . -51.10 22.84 25.13
C5 NAG AB . -50.98 21.31 25.18
C6 NAG AB . -52.01 20.67 26.09
C7 NAG AB . -49.69 24.00 20.73
C8 NAG AB . -51.14 24.33 20.59
N2 NAG AB . -49.36 23.22 21.79
O3 NAG AB . -50.28 24.80 23.98
O4 NAG AB . -50.83 23.38 26.41
O5 NAG AB . -51.18 20.76 23.87
O6 NAG AB . -52.37 19.37 25.64
O7 NAG AB . -48.84 24.39 19.94
C1 PLM BB . 1.01 12.27 -33.83
O1 PLM BB . -0.06 12.13 -33.17
O2 PLM BB . 1.59 11.44 -34.59
C2 PLM BB . 1.75 13.64 -33.68
C3 PLM BB . 3.17 13.58 -33.14
C4 PLM BB . 3.97 14.87 -33.32
C5 PLM BB . 5.45 14.76 -32.92
C6 PLM BB . 6.29 16.01 -33.21
C7 PLM BB . 7.70 15.96 -32.63
C8 PLM BB . 8.56 17.20 -32.94
C9 PLM BB . 9.91 17.21 -32.22
CA PLM BB . 10.87 18.31 -32.72
C1 PLM CB . 33.75 20.05 -44.86
O1 PLM CB . 34.03 20.66 -43.79
O2 PLM CB . 34.37 20.09 -45.97
C2 PLM CB . 32.49 19.13 -44.79
C3 PLM CB . 31.76 19.10 -43.44
C4 PLM CB . 30.36 18.49 -43.49
C5 PLM CB . 29.61 18.56 -42.16
C6 PLM CB . 30.16 17.62 -41.07
C7 PLM CB . 29.30 17.55 -39.81
C8 PLM CB . 27.83 17.16 -40.08
C9 PLM CB . 27.11 16.64 -38.83
CA PLM CB . 27.11 17.61 -37.64
CB PLM CB . 26.14 17.22 -36.52
CC PLM CB . 24.70 16.95 -37.01
CD PLM CB . 23.78 16.38 -35.93
C1 PLM DB . 32.83 35.19 -31.41
O1 PLM DB . 32.53 35.72 -32.51
O2 PLM DB . 33.86 34.52 -31.11
C2 PLM DB . 31.81 35.36 -30.24
C3 PLM DB . 31.21 34.07 -29.69
C4 PLM DB . 29.92 34.26 -28.86
C5 PLM DB . 29.26 32.95 -28.42
C6 PLM DB . 27.79 33.09 -28.00
C7 PLM DB . 27.21 31.84 -27.32
C8 PLM DB . 27.93 31.46 -26.01
C9 PLM DB . 27.16 30.43 -25.18
CA PLM DB . 25.78 30.90 -24.73
CB PLM DB . 25.15 30.03 -23.63
CC PLM DB . 23.71 30.42 -23.27
C1 PLM EB . 4.64 30.54 -13.66
O1 PLM EB . 3.83 31.49 -13.44
O2 PLM EB . 4.73 29.43 -13.07
C2 PLM EB . 5.67 30.75 -14.83
C3 PLM EB . 7.14 30.74 -14.41
C4 PLM EB . 8.13 31.11 -15.53
C5 PLM EB . 9.53 31.45 -15.03
C6 PLM EB . 10.64 31.35 -16.09
C7 PLM EB . 12.01 31.82 -15.61
C8 PLM EB . 13.18 31.36 -16.47
C9 PLM EB . 13.00 31.67 -17.97
CA PLM EB . 14.32 31.90 -18.72
CB PLM EB . 15.38 30.83 -18.44
CC PLM EB . 16.70 31.06 -19.19
C1 PLM FB . 29.55 22.60 -40.55
O1 PLM FB . 29.64 22.10 -41.71
O2 PLM FB . 30.16 23.60 -40.08
C2 PLM FB . 28.57 21.90 -39.54
C3 PLM FB . 28.51 22.52 -38.15
C4 PLM FB . 27.50 21.84 -37.21
C5 PLM FB . 26.04 22.03 -37.63
C6 PLM FB . 25.04 22.01 -36.46
C7 PLM FB . 23.62 22.44 -36.87
C8 PLM FB . 22.85 23.15 -35.74
C9 PLM FB . 22.48 22.22 -34.58
CA PLM FB . 21.33 21.26 -34.89
CB PLM FB . 20.79 20.51 -33.66
CC PLM FB . 19.57 19.64 -33.95
#